data_3TPC
#
_entry.id   3TPC
#
_cell.length_a   69.147
_cell.length_b   69.375
_cell.length_c   121.850
_cell.angle_alpha   98.36
_cell.angle_beta   92.72
_cell.angle_gamma   113.01
#
_symmetry.space_group_name_H-M   'P 1'
#
loop_
_entity.id
_entity.type
_entity.pdbx_description
1 polymer 'Short chain alcohol dehydrogenase-related dehydrogenase'
2 water water
#
_entity_poly.entity_id   1
_entity_poly.type   'polypeptide(L)'
_entity_poly.pdbx_seq_one_letter_code
;(MSE)V(MSE)QLKSRVFIVTGASSGLGAAVTR(MSE)LAQEGATVLGLDLKPPAGEEPAAELGAAVRFRNADVTNEADA
TAALAFAKQEFGHVHGLVNCAGTAPGEKILGRSGPHALDSFARTVAVNLIGTFN(MSE)IRLAAEV(MSE)SQGEPDADG
ERGVIVNTASIAAFDGQIGQAAYAASKGGVAALTLPAARELARFGIRVVTIAPGIFDTP(MSE)(MSE)AG(MSE)PQDV
QDALAASVPFPPRLGRAEEYAALVKHICENT(MSE)LNGEVIRLDGALR(MSE)APR
;
_entity_poly.pdbx_strand_id   A,B,C,D,E,F,G,H
#
# COMPACT_ATOMS: atom_id res chain seq x y z
N GLN A 4 -25.68 -4.00 -9.31
CA GLN A 4 -26.46 -5.24 -8.96
C GLN A 4 -25.74 -6.51 -9.46
N LEU A 5 -25.87 -7.60 -8.73
CA LEU A 5 -25.20 -8.84 -9.12
C LEU A 5 -26.13 -9.76 -9.90
N LYS A 6 -27.33 -9.24 -10.23
CA LYS A 6 -28.40 -9.99 -10.89
C LYS A 6 -27.91 -10.50 -12.24
N SER A 7 -28.02 -11.81 -12.42
CA SER A 7 -27.60 -12.43 -13.66
C SER A 7 -26.07 -12.43 -13.84
N ARG A 8 -25.36 -11.96 -12.82
CA ARG A 8 -23.91 -12.12 -12.82
C ARG A 8 -23.61 -13.55 -12.34
N VAL A 9 -22.70 -14.23 -13.04
CA VAL A 9 -22.22 -15.58 -12.74
C VAL A 9 -20.96 -15.59 -11.82
N PHE A 10 -21.15 -16.09 -10.60
CA PHE A 10 -20.06 -16.24 -9.63
C PHE A 10 -19.70 -17.72 -9.33
N ILE A 11 -18.40 -18.00 -9.23
CA ILE A 11 -17.89 -19.23 -8.61
C ILE A 11 -17.51 -18.95 -7.16
N VAL A 12 -18.14 -19.67 -6.23
CA VAL A 12 -17.81 -19.68 -4.79
C VAL A 12 -17.17 -21.00 -4.33
N THR A 13 -16.00 -20.88 -3.78
CA THR A 13 -15.22 -22.00 -3.30
C THR A 13 -15.51 -22.17 -1.79
N GLY A 14 -15.38 -23.37 -1.24
CA GLY A 14 -15.76 -23.69 0.14
C GLY A 14 -17.24 -23.50 0.36
N ALA A 15 -17.99 -23.84 -0.67
CA ALA A 15 -19.34 -23.34 -0.76
C ALA A 15 -20.32 -24.08 0.11
N SER A 16 -19.97 -25.27 0.59
CA SER A 16 -20.91 -26.07 1.35
C SER A 16 -21.16 -25.59 2.76
N SER A 17 -20.23 -24.83 3.33
CA SER A 17 -20.47 -24.33 4.68
C SER A 17 -19.70 -23.05 4.97
N GLY A 18 -20.00 -22.44 6.11
CA GLY A 18 -19.19 -21.39 6.70
C GLY A 18 -19.30 -20.07 5.91
N LEU A 19 -18.15 -19.55 5.52
CA LEU A 19 -18.08 -18.29 4.76
C LEU A 19 -18.59 -18.53 3.37
N GLY A 20 -18.06 -19.55 2.70
CA GLY A 20 -18.57 -19.96 1.39
C GLY A 20 -20.12 -20.11 1.30
N ALA A 21 -20.74 -20.79 2.28
CA ALA A 21 -22.20 -20.96 2.26
C ALA A 21 -22.85 -19.60 2.36
N ALA A 22 -22.37 -18.79 3.27
CA ALA A 22 -22.97 -17.46 3.42
C ALA A 22 -22.79 -16.57 2.13
N VAL A 23 -21.69 -16.76 1.41
CA VAL A 23 -21.48 -15.90 0.22
C VAL A 23 -22.44 -16.33 -0.87
N THR A 24 -22.63 -17.63 -0.95
CA THR A 24 -23.44 -18.29 -1.93
C THR A 24 -24.85 -17.86 -1.77
N ARG A 25 -25.29 -17.85 -0.54
CA ARG A 25 -26.59 -17.39 -0.20
C ARG A 25 -26.82 -15.94 -0.54
N LEU A 27 -25.30 -14.11 -2.84
CA LEU A 27 -25.36 -13.94 -4.24
C LEU A 27 -26.69 -14.38 -4.81
N ALA A 28 -27.20 -15.48 -4.31
CA ALA A 28 -28.50 -16.00 -4.75
C ALA A 28 -29.66 -15.02 -4.46
N GLN A 29 -29.74 -14.49 -3.22
CA GLN A 29 -30.66 -13.39 -2.89
C GLN A 29 -30.56 -12.15 -3.78
N GLU A 30 -29.40 -11.93 -4.41
CA GLU A 30 -29.18 -10.72 -5.25
C GLU A 30 -29.48 -11.03 -6.71
N GLY A 31 -29.99 -12.24 -6.94
CA GLY A 31 -30.34 -12.69 -8.29
C GLY A 31 -29.15 -13.12 -9.10
N ALA A 32 -28.03 -13.36 -8.43
CA ALA A 32 -26.84 -13.78 -9.15
C ALA A 32 -26.99 -15.25 -9.50
N THR A 33 -26.17 -15.71 -10.44
CA THR A 33 -26.01 -17.13 -10.70
C THR A 33 -24.73 -17.59 -10.03
N VAL A 34 -24.78 -18.76 -9.41
CA VAL A 34 -23.66 -19.29 -8.65
C VAL A 34 -23.33 -20.76 -9.00
N LEU A 35 -22.05 -21.03 -9.17
CA LEU A 35 -21.47 -22.38 -9.07
C LEU A 35 -20.71 -22.44 -7.71
N GLY A 36 -21.30 -23.17 -6.75
CA GLY A 36 -20.70 -23.46 -5.47
C GLY A 36 -19.89 -24.71 -5.60
N LEU A 37 -18.59 -24.63 -5.24
CA LEU A 37 -17.66 -25.75 -5.33
C LEU A 37 -17.10 -26.05 -3.96
N ASP A 38 -17.06 -27.35 -3.65
CA ASP A 38 -16.56 -27.85 -2.36
C ASP A 38 -16.22 -29.34 -2.51
N LEU A 39 -15.55 -29.92 -1.53
CA LEU A 39 -15.14 -31.31 -1.57
C LEU A 39 -16.30 -32.24 -1.57
N LYS A 40 -17.25 -31.95 -0.72
CA LYS A 40 -18.45 -32.72 -0.61
C LYS A 40 -19.62 -31.77 -0.42
N PRO A 41 -20.82 -32.28 -0.63
CA PRO A 41 -22.07 -31.53 -0.57
C PRO A 41 -22.53 -30.98 0.77
N PRO A 42 -23.23 -29.85 0.75
CA PRO A 42 -23.63 -29.16 1.97
C PRO A 42 -24.37 -30.02 2.96
N VAL A 55 -28.50 -21.58 -8.89
CA VAL A 55 -27.37 -22.06 -8.07
C VAL A 55 -27.11 -23.58 -8.13
N ARG A 56 -26.04 -23.97 -8.82
CA ARG A 56 -25.59 -25.35 -8.92
C ARG A 56 -24.40 -25.63 -7.98
N PHE A 57 -24.32 -26.86 -7.49
CA PHE A 57 -23.22 -27.30 -6.65
C PHE A 57 -22.48 -28.40 -7.39
N ARG A 58 -21.16 -28.31 -7.46
CA ARG A 58 -20.32 -29.37 -7.99
C ARG A 58 -19.25 -29.69 -6.97
N ASN A 59 -18.80 -30.94 -6.95
CA ASN A 59 -17.67 -31.35 -6.13
C ASN A 59 -16.38 -31.21 -6.87
N ALA A 60 -15.36 -30.70 -6.16
CA ALA A 60 -14.01 -30.49 -6.73
C ALA A 60 -12.97 -30.23 -5.65
N ASP A 61 -11.74 -30.68 -5.89
CA ASP A 61 -10.60 -30.33 -5.08
C ASP A 61 -9.92 -29.17 -5.77
N VAL A 62 -10.14 -27.98 -5.22
CA VAL A 62 -9.60 -26.70 -5.72
C VAL A 62 -8.09 -26.74 -6.01
N THR A 63 -7.42 -27.61 -5.28
CA THR A 63 -6.00 -27.90 -5.39
C THR A 63 -5.62 -28.71 -6.61
N ASN A 64 -6.58 -29.45 -7.11
CA ASN A 64 -6.33 -30.36 -8.17
C ASN A 64 -6.61 -29.63 -9.48
N GLU A 65 -5.63 -29.68 -10.38
CA GLU A 65 -5.71 -29.08 -11.72
C GLU A 65 -6.88 -29.60 -12.58
N ALA A 66 -6.96 -30.91 -12.78
CA ALA A 66 -8.09 -31.51 -13.49
C ALA A 66 -9.49 -31.14 -12.89
N ASP A 67 -9.65 -31.17 -11.55
CA ASP A 67 -10.96 -30.76 -10.96
C ASP A 67 -11.29 -29.27 -11.20
N ALA A 68 -10.30 -28.39 -11.02
CA ALA A 68 -10.45 -26.99 -11.35
C ALA A 68 -10.89 -26.80 -12.82
N THR A 69 -10.09 -27.31 -13.75
CA THR A 69 -10.40 -27.32 -15.22
C THR A 69 -11.83 -27.78 -15.55
N ALA A 70 -12.24 -28.91 -14.98
CA ALA A 70 -13.56 -29.44 -15.22
C ALA A 70 -14.67 -28.54 -14.65
N ALA A 71 -14.44 -27.90 -13.52
CA ALA A 71 -15.45 -26.96 -12.97
C ALA A 71 -15.58 -25.68 -13.83
N LEU A 72 -14.46 -25.15 -14.32
CA LEU A 72 -14.48 -24.08 -15.29
C LEU A 72 -15.18 -24.53 -16.57
N ALA A 73 -14.82 -25.68 -17.11
CA ALA A 73 -15.56 -26.23 -18.28
C ALA A 73 -17.07 -26.41 -18.01
N PHE A 74 -17.45 -26.83 -16.80
CA PHE A 74 -18.86 -26.88 -16.43
C PHE A 74 -19.48 -25.48 -16.46
N ALA A 75 -18.73 -24.48 -16.00
CA ALA A 75 -19.20 -23.10 -15.97
C ALA A 75 -19.45 -22.52 -17.35
N LYS A 76 -18.49 -22.63 -18.27
CA LYS A 76 -18.66 -22.26 -19.68
C LYS A 76 -19.89 -22.90 -20.31
N GLN A 77 -19.98 -24.22 -20.17
CA GLN A 77 -21.05 -25.01 -20.78
C GLN A 77 -22.44 -24.76 -20.17
N GLU A 78 -22.53 -24.54 -18.86
CA GLU A 78 -23.85 -24.31 -18.27
C GLU A 78 -24.26 -22.86 -18.34
N PHE A 79 -23.29 -21.95 -18.36
CA PHE A 79 -23.63 -20.57 -18.02
C PHE A 79 -23.11 -19.61 -19.04
N GLY A 80 -22.11 -20.04 -19.82
CA GLY A 80 -21.42 -19.23 -20.84
C GLY A 80 -20.34 -18.25 -20.35
N HIS A 81 -20.53 -17.66 -19.19
CA HIS A 81 -19.57 -16.65 -18.69
C HIS A 81 -19.29 -16.80 -17.21
N VAL A 82 -18.24 -16.16 -16.72
CA VAL A 82 -17.96 -16.12 -15.30
C VAL A 82 -17.59 -14.70 -15.08
N HIS A 83 -18.18 -14.09 -14.07
CA HIS A 83 -17.91 -12.70 -13.76
C HIS A 83 -17.30 -12.53 -12.37
N GLY A 84 -17.18 -13.61 -11.62
CA GLY A 84 -16.79 -13.46 -10.24
C GLY A 84 -16.22 -14.72 -9.66
N LEU A 85 -15.28 -14.56 -8.74
CA LEU A 85 -14.72 -15.69 -8.11
C LEU A 85 -14.56 -15.24 -6.70
N VAL A 86 -14.97 -16.09 -5.77
CA VAL A 86 -14.79 -15.89 -4.33
C VAL A 86 -14.22 -17.19 -3.73
N ASN A 87 -12.96 -17.07 -3.35
CA ASN A 87 -12.13 -18.09 -2.81
C ASN A 87 -12.39 -18.20 -1.29
N CYS A 88 -13.19 -19.18 -0.87
CA CYS A 88 -13.39 -19.45 0.57
C CYS A 88 -12.99 -20.87 0.97
N ALA A 89 -12.30 -21.65 0.12
CA ALA A 89 -11.87 -23.00 0.57
C ALA A 89 -10.70 -22.84 1.54
N GLY A 90 -10.72 -23.49 2.67
CA GLY A 90 -9.74 -23.13 3.69
C GLY A 90 -9.65 -24.11 4.82
N THR A 91 -8.47 -24.20 5.45
CA THR A 91 -8.26 -25.05 6.61
C THR A 91 -7.40 -24.28 7.59
N ALA A 92 -7.85 -24.27 8.83
CA ALA A 92 -7.18 -23.58 9.92
C ALA A 92 -6.73 -24.56 11.02
N PRO A 93 -5.82 -25.47 10.69
CA PRO A 93 -5.41 -26.34 11.78
C PRO A 93 -4.61 -25.55 12.84
N GLY A 94 -4.47 -26.10 14.05
CA GLY A 94 -3.49 -25.60 15.04
C GLY A 94 -2.44 -26.67 15.29
N GLU A 95 -1.17 -26.29 15.26
CA GLU A 95 -0.07 -27.25 15.48
C GLU A 95 1.22 -26.50 15.75
N LYS A 96 1.87 -26.79 16.89
CA LYS A 96 3.08 -26.09 17.32
C LYS A 96 4.24 -26.56 16.49
N ILE A 97 5.21 -25.65 16.28
CA ILE A 97 6.48 -25.96 15.60
C ILE A 97 7.29 -27.00 16.36
N LEU A 98 7.22 -26.90 17.69
CA LEU A 98 7.78 -27.93 18.51
C LEU A 98 6.74 -28.49 19.48
N GLY A 99 6.18 -29.63 19.12
CA GLY A 99 5.25 -30.34 20.01
C GLY A 99 5.98 -31.28 20.97
N ARG A 100 5.31 -31.61 22.06
CA ARG A 100 5.71 -32.70 22.95
C ARG A 100 6.10 -33.93 22.15
N SER A 101 5.36 -34.17 21.08
CA SER A 101 5.57 -35.36 20.27
C SER A 101 6.91 -35.35 19.52
N GLY A 102 7.46 -34.15 19.26
CA GLY A 102 8.50 -33.90 18.24
C GLY A 102 8.09 -32.70 17.35
N PRO A 103 8.81 -32.45 16.24
CA PRO A 103 8.52 -31.31 15.36
C PRO A 103 7.21 -31.40 14.56
N HIS A 104 6.60 -30.24 14.27
CA HIS A 104 5.51 -30.07 13.28
C HIS A 104 5.73 -30.95 12.10
N ALA A 105 4.72 -31.73 11.76
CA ALA A 105 4.79 -32.58 10.58
C ALA A 105 4.97 -31.72 9.34
N LEU A 106 5.84 -32.17 8.44
CA LEU A 106 6.10 -31.43 7.22
C LEU A 106 4.90 -31.53 6.32
N ASP A 107 4.37 -32.74 6.19
CA ASP A 107 3.18 -32.98 5.38
C ASP A 107 2.02 -32.07 5.75
N SER A 108 1.76 -31.96 7.06
CA SER A 108 0.71 -31.14 7.60
C SER A 108 0.82 -29.65 7.15
N PHE A 109 2.05 -29.14 7.10
CA PHE A 109 2.32 -27.79 6.73
C PHE A 109 2.10 -27.65 5.22
N ALA A 110 2.67 -28.56 4.42
CA ALA A 110 2.51 -28.51 2.96
C ALA A 110 1.01 -28.59 2.56
N ARG A 111 0.24 -29.39 3.29
CA ARG A 111 -1.18 -29.54 2.96
C ARG A 111 -1.99 -28.27 3.20
N THR A 112 -1.65 -27.53 4.25
CA THR A 112 -2.38 -26.32 4.60
C THR A 112 -2.07 -25.17 3.62
N VAL A 113 -0.79 -25.02 3.30
CA VAL A 113 -0.36 -24.27 2.13
C VAL A 113 -1.02 -24.71 0.81
N ALA A 114 -1.18 -26.00 0.58
CA ALA A 114 -1.82 -26.44 -0.68
C ALA A 114 -3.32 -26.06 -0.69
N VAL A 115 -4.02 -26.18 0.41
CA VAL A 115 -5.43 -25.92 0.36
C VAL A 115 -5.58 -24.45 0.28
N ASN A 116 -4.93 -23.73 1.20
CA ASN A 116 -5.16 -22.31 1.36
C ASN A 116 -4.59 -21.43 0.24
N LEU A 117 -3.38 -21.70 -0.19
CA LEU A 117 -2.69 -20.81 -1.09
C LEU A 117 -2.69 -21.29 -2.54
N ILE A 118 -2.33 -22.55 -2.74
CA ILE A 118 -2.20 -23.11 -4.09
C ILE A 118 -3.57 -23.27 -4.75
N GLY A 119 -4.54 -23.66 -3.96
CA GLY A 119 -5.90 -23.83 -4.44
C GLY A 119 -6.50 -22.50 -4.88
N THR A 120 -6.38 -21.45 -4.04
CA THR A 120 -6.91 -20.18 -4.46
C THR A 120 -6.13 -19.64 -5.67
N PHE A 121 -4.84 -19.91 -5.77
CA PHE A 121 -4.15 -19.47 -7.00
C PHE A 121 -4.64 -20.21 -8.26
N ASN A 122 -4.83 -21.50 -8.10
CA ASN A 122 -5.33 -22.35 -9.12
C ASN A 122 -6.70 -21.88 -9.62
N ILE A 124 -7.83 -18.81 -9.32
CA ILE A 124 -7.58 -17.51 -9.93
C ILE A 124 -7.07 -17.61 -11.38
N ARG A 125 -6.00 -18.38 -11.65
CA ARG A 125 -5.39 -18.45 -12.99
C ARG A 125 -6.41 -18.87 -14.03
N LEU A 126 -7.30 -19.80 -13.65
CA LEU A 126 -8.30 -20.34 -14.56
C LEU A 126 -9.61 -19.53 -14.63
N ALA A 127 -10.14 -19.08 -13.49
CA ALA A 127 -11.32 -18.19 -13.53
C ALA A 127 -11.04 -16.93 -14.36
N ALA A 128 -9.83 -16.40 -14.18
CA ALA A 128 -9.41 -15.15 -14.80
C ALA A 128 -9.32 -15.28 -16.30
N GLU A 129 -8.96 -16.45 -16.78
CA GLU A 129 -8.82 -16.67 -18.19
C GLU A 129 -10.17 -16.44 -18.84
N VAL A 130 -11.20 -16.99 -18.24
CA VAL A 130 -12.57 -16.75 -18.62
C VAL A 130 -13.21 -15.37 -18.46
N SER A 132 -11.77 -12.69 -18.54
CA SER A 132 -10.96 -11.99 -19.49
C SER A 132 -11.65 -11.84 -20.84
N GLN A 133 -12.38 -12.85 -21.23
CA GLN A 133 -13.10 -12.93 -22.49
C GLN A 133 -14.52 -12.30 -22.49
N GLY A 134 -15.03 -11.87 -21.34
CA GLY A 134 -16.39 -11.38 -21.26
C GLY A 134 -16.53 -9.91 -21.64
N GLU A 135 -17.76 -9.42 -21.62
CA GLU A 135 -18.03 -8.02 -21.93
C GLU A 135 -17.71 -7.14 -20.73
N PRO A 136 -16.95 -6.07 -20.93
CA PRO A 136 -16.63 -5.14 -19.85
C PRO A 136 -17.85 -4.29 -19.58
N ASP A 137 -17.99 -3.75 -18.36
CA ASP A 137 -19.14 -2.89 -18.04
C ASP A 137 -18.75 -1.43 -18.25
N ALA A 138 -19.58 -0.51 -17.78
CA ALA A 138 -19.37 0.93 -18.00
C ALA A 138 -17.98 1.42 -17.53
N ASP A 139 -17.60 0.98 -16.30
CA ASP A 139 -16.24 1.30 -15.78
C ASP A 139 -15.09 0.57 -16.47
N GLY A 140 -15.42 -0.34 -17.38
CA GLY A 140 -14.40 -1.20 -17.99
C GLY A 140 -14.19 -2.48 -17.19
N GLU A 141 -15.06 -2.74 -16.24
CA GLU A 141 -14.87 -3.89 -15.37
C GLU A 141 -15.33 -5.18 -16.02
N ARG A 142 -14.50 -6.21 -15.99
CA ARG A 142 -14.88 -7.51 -16.53
C ARG A 142 -15.17 -8.50 -15.44
N GLY A 143 -14.45 -8.40 -14.33
CA GLY A 143 -14.48 -9.45 -13.31
C GLY A 143 -14.12 -8.97 -11.92
N VAL A 144 -14.58 -9.70 -10.90
CA VAL A 144 -14.12 -9.47 -9.55
C VAL A 144 -13.70 -10.78 -8.87
N ILE A 145 -12.49 -10.74 -8.29
CA ILE A 145 -11.95 -11.81 -7.50
C ILE A 145 -11.77 -11.32 -6.03
N VAL A 146 -12.37 -12.06 -5.10
CA VAL A 146 -12.20 -11.83 -3.66
C VAL A 146 -11.60 -13.06 -2.98
N ASN A 147 -10.58 -12.87 -2.17
CA ASN A 147 -9.98 -14.01 -1.48
C ASN A 147 -10.09 -13.88 0.00
N THR A 148 -10.03 -15.02 0.64
CA THR A 148 -10.09 -15.09 2.12
C THR A 148 -8.67 -15.36 2.63
N ALA A 149 -8.09 -14.35 3.27
CA ALA A 149 -6.86 -14.55 4.01
C ALA A 149 -7.37 -14.83 5.41
N SER A 150 -6.73 -14.20 6.38
CA SER A 150 -7.11 -14.28 7.79
C SER A 150 -6.25 -13.25 8.44
N ILE A 151 -6.74 -12.73 9.56
CA ILE A 151 -5.95 -11.92 10.49
C ILE A 151 -4.62 -12.55 11.02
N ALA A 152 -4.57 -13.87 10.99
CA ALA A 152 -3.37 -14.62 11.32
C ALA A 152 -2.21 -14.33 10.36
N ALA A 153 -2.54 -13.76 9.21
CA ALA A 153 -1.53 -13.39 8.25
C ALA A 153 -0.63 -12.31 8.83
N PHE A 154 -1.18 -11.44 9.68
CA PHE A 154 -0.46 -10.37 10.34
C PHE A 154 -0.20 -10.60 11.82
N ASP A 155 -1.05 -11.37 12.50
CA ASP A 155 -1.09 -11.51 13.96
C ASP A 155 -0.92 -13.00 14.32
N GLY A 156 -0.05 -13.74 13.60
CA GLY A 156 0.10 -15.18 13.85
C GLY A 156 0.25 -15.47 15.35
N GLN A 157 -0.58 -16.38 15.86
CA GLN A 157 -0.53 -16.78 17.30
C GLN A 157 0.24 -18.09 17.41
N ILE A 158 0.61 -18.45 18.63
CA ILE A 158 1.31 -19.72 18.82
C ILE A 158 0.47 -20.88 18.26
N GLY A 159 1.13 -21.83 17.62
CA GLY A 159 0.44 -22.88 16.87
C GLY A 159 -0.21 -22.47 15.53
N GLN A 160 -0.02 -21.25 15.06
CA GLN A 160 -0.64 -20.94 13.73
C GLN A 160 0.32 -20.82 12.60
N ALA A 161 1.49 -21.40 12.78
CA ALA A 161 2.53 -21.18 11.82
C ALA A 161 2.04 -21.50 10.38
N ALA A 162 1.48 -22.68 10.19
CA ALA A 162 1.06 -23.14 8.85
C ALA A 162 -0.04 -22.21 8.29
N TYR A 163 -1.04 -21.99 9.12
CA TYR A 163 -2.17 -21.19 8.81
C TYR A 163 -1.74 -19.77 8.47
N ALA A 164 -1.01 -19.12 9.38
CA ALA A 164 -0.50 -17.76 9.14
C ALA A 164 0.36 -17.68 7.84
N ALA A 165 1.27 -18.64 7.61
CA ALA A 165 2.11 -18.61 6.41
C ALA A 165 1.23 -18.68 5.12
N SER A 166 0.24 -19.54 5.21
CA SER A 166 -0.73 -19.82 4.19
C SER A 166 -1.52 -18.59 3.73
N LYS A 167 -2.10 -17.92 4.71
CA LYS A 167 -2.94 -16.79 4.48
C LYS A 167 -2.09 -15.54 4.24
N GLY A 168 -0.87 -15.54 4.74
CA GLY A 168 0.08 -14.49 4.43
C GLY A 168 0.44 -14.58 2.96
N GLY A 169 0.59 -15.78 2.39
CA GLY A 169 0.80 -15.96 0.94
C GLY A 169 -0.39 -15.43 0.15
N VAL A 170 -1.62 -15.71 0.62
CA VAL A 170 -2.81 -15.14 -0.04
C VAL A 170 -2.81 -13.59 0.01
N ALA A 171 -2.62 -13.04 1.21
CA ALA A 171 -2.59 -11.61 1.38
C ALA A 171 -1.54 -10.98 0.44
N ALA A 172 -0.28 -11.44 0.44
CA ALA A 172 0.79 -11.04 -0.54
C ALA A 172 0.46 -11.13 -2.04
N LEU A 173 -0.38 -12.09 -2.38
CA LEU A 173 -0.69 -12.35 -3.78
C LEU A 173 -1.61 -11.28 -4.35
N THR A 174 -2.41 -10.66 -3.51
CA THR A 174 -3.42 -9.76 -3.99
C THR A 174 -2.95 -8.65 -4.97
N LEU A 175 -1.95 -7.91 -4.56
CA LEU A 175 -1.46 -6.79 -5.33
C LEU A 175 -0.78 -7.18 -6.70
N PRO A 176 0.14 -8.17 -6.73
CA PRO A 176 0.64 -8.46 -8.09
C PRO A 176 -0.45 -9.04 -8.99
N ALA A 177 -1.40 -9.76 -8.41
CA ALA A 177 -2.55 -10.20 -9.18
C ALA A 177 -3.39 -8.99 -9.62
N ALA A 178 -3.66 -8.05 -8.71
CA ALA A 178 -4.38 -6.87 -9.14
C ALA A 178 -3.67 -6.11 -10.25
N ARG A 179 -2.36 -5.90 -10.12
CA ARG A 179 -1.61 -5.17 -11.15
C ARG A 179 -1.65 -5.84 -12.54
N GLU A 180 -1.49 -7.14 -12.58
CA GLU A 180 -1.63 -7.84 -13.81
C GLU A 180 -3.01 -7.88 -14.45
N LEU A 181 -4.03 -8.10 -13.66
CA LEU A 181 -5.33 -8.33 -14.21
C LEU A 181 -6.09 -7.06 -14.45
N ALA A 182 -5.48 -5.95 -14.09
CA ALA A 182 -6.01 -4.65 -14.37
C ALA A 182 -6.15 -4.47 -15.85
N ARG A 183 -5.25 -5.03 -16.62
CA ARG A 183 -5.24 -5.06 -18.06
C ARG A 183 -6.62 -5.41 -18.59
N PHE A 184 -7.23 -6.42 -17.99
CA PHE A 184 -8.49 -6.93 -18.48
C PHE A 184 -9.65 -6.38 -17.72
N GLY A 185 -9.39 -5.42 -16.84
CA GLY A 185 -10.45 -4.93 -15.93
C GLY A 185 -10.96 -6.00 -14.97
N ILE A 186 -10.06 -6.83 -14.47
CA ILE A 186 -10.41 -7.74 -13.34
C ILE A 186 -9.82 -7.27 -11.96
N ARG A 187 -10.70 -7.01 -10.99
CA ARG A 187 -10.26 -6.60 -9.65
C ARG A 187 -9.91 -7.82 -8.78
N VAL A 188 -8.92 -7.65 -7.93
CA VAL A 188 -8.54 -8.66 -6.94
C VAL A 188 -8.45 -7.98 -5.61
N VAL A 189 -9.32 -8.35 -4.67
CA VAL A 189 -9.30 -7.78 -3.32
C VAL A 189 -9.27 -8.99 -2.35
N THR A 190 -8.72 -8.84 -1.15
CA THR A 190 -8.62 -9.96 -0.21
C THR A 190 -9.20 -9.48 1.08
N ILE A 191 -9.99 -10.32 1.76
CA ILE A 191 -10.47 -9.99 3.07
C ILE A 191 -9.71 -10.86 4.04
N ALA A 192 -9.30 -10.25 5.15
CA ALA A 192 -8.65 -10.95 6.23
C ALA A 192 -9.60 -11.05 7.45
N PRO A 193 -10.34 -12.18 7.57
CA PRO A 193 -11.36 -12.16 8.66
C PRO A 193 -10.79 -12.45 10.06
N GLY A 194 -11.48 -12.03 11.10
CA GLY A 194 -11.09 -12.36 12.47
C GLY A 194 -11.89 -13.62 12.84
N ILE A 195 -12.48 -13.64 14.04
CA ILE A 195 -13.19 -14.84 14.49
C ILE A 195 -14.66 -14.88 14.13
N PHE A 196 -15.00 -15.84 13.28
CA PHE A 196 -16.34 -15.96 12.81
C PHE A 196 -16.95 -17.25 13.30
N ASP A 197 -18.26 -17.25 13.46
CA ASP A 197 -18.99 -18.41 13.91
C ASP A 197 -19.19 -19.32 12.74
N THR A 198 -18.16 -20.07 12.44
CA THR A 198 -18.16 -20.97 11.32
C THR A 198 -17.61 -22.32 11.73
N PRO A 199 -17.85 -23.34 10.91
CA PRO A 199 -17.30 -24.66 11.17
C PRO A 199 -15.87 -24.68 10.72
N ALA A 214 -15.34 -12.59 22.99
CA ALA A 214 -15.21 -12.08 24.38
C ALA A 214 -13.95 -11.18 24.48
N SER A 215 -12.90 -11.68 23.85
CA SER A 215 -11.70 -11.01 23.50
C SER A 215 -11.87 -9.80 22.53
N VAL A 216 -12.81 -9.92 21.59
CA VAL A 216 -12.97 -8.97 20.51
C VAL A 216 -13.46 -7.63 21.03
N PRO A 217 -12.74 -6.53 20.69
CA PRO A 217 -13.12 -5.27 21.35
C PRO A 217 -14.57 -4.88 21.04
N PHE A 218 -14.94 -4.86 19.76
CA PHE A 218 -16.33 -4.59 19.52
C PHE A 218 -16.69 -4.89 18.11
N PRO A 219 -17.81 -5.61 17.91
CA PRO A 219 -18.72 -6.17 18.95
C PRO A 219 -18.09 -7.35 19.64
N PRO A 220 -18.36 -7.57 20.97
CA PRO A 220 -17.67 -8.63 21.70
C PRO A 220 -18.33 -9.97 21.48
N ARG A 221 -18.16 -10.53 20.28
CA ARG A 221 -18.85 -11.75 19.85
C ARG A 221 -18.25 -12.29 18.56
N LEU A 222 -18.64 -13.51 18.17
CA LEU A 222 -18.12 -14.11 16.97
C LEU A 222 -18.78 -13.41 15.79
N GLY A 223 -18.00 -13.15 14.75
CA GLY A 223 -18.56 -12.66 13.49
C GLY A 223 -19.56 -13.66 12.93
N ARG A 224 -20.61 -13.13 12.29
CA ARG A 224 -21.58 -13.93 11.59
C ARG A 224 -21.16 -13.95 10.12
N ALA A 225 -21.25 -15.13 9.49
CA ALA A 225 -20.85 -15.36 8.11
C ALA A 225 -21.48 -14.34 7.14
N GLU A 226 -22.64 -13.85 7.53
CA GLU A 226 -23.44 -12.99 6.72
C GLU A 226 -22.72 -11.61 6.64
N GLU A 227 -22.12 -11.18 7.74
CA GLU A 227 -21.31 -9.95 7.78
C GLU A 227 -20.12 -10.11 6.81
N TYR A 228 -19.50 -11.28 6.75
CA TYR A 228 -18.45 -11.48 5.78
C TYR A 228 -18.98 -11.33 4.33
N ALA A 229 -20.19 -11.83 4.11
CA ALA A 229 -20.75 -11.82 2.80
C ALA A 229 -21.18 -10.40 2.44
N ALA A 230 -21.52 -9.61 3.45
CA ALA A 230 -21.98 -8.25 3.23
C ALA A 230 -20.78 -7.40 2.73
N LEU A 231 -19.58 -7.66 3.28
CA LEU A 231 -18.35 -7.06 2.75
C LEU A 231 -18.04 -7.59 1.34
N VAL A 232 -18.14 -8.90 1.14
CA VAL A 232 -17.93 -9.38 -0.22
C VAL A 232 -18.78 -8.61 -1.30
N LYS A 233 -20.05 -8.35 -1.01
CA LYS A 233 -20.92 -7.73 -1.96
C LYS A 233 -20.52 -6.28 -2.19
N HIS A 234 -20.17 -5.57 -1.12
CA HIS A 234 -19.64 -4.25 -1.21
C HIS A 234 -18.37 -4.12 -2.07
N ILE A 235 -17.45 -5.06 -1.99
CA ILE A 235 -16.33 -5.14 -2.93
C ILE A 235 -16.78 -5.34 -4.36
N CYS A 236 -17.76 -6.23 -4.56
CA CYS A 236 -18.33 -6.43 -5.88
C CYS A 236 -18.91 -5.13 -6.49
N GLU A 237 -19.55 -4.32 -5.65
CA GLU A 237 -20.15 -3.09 -6.09
C GLU A 237 -19.17 -1.90 -6.17
N ASN A 238 -18.16 -1.82 -5.29
CA ASN A 238 -17.33 -0.61 -5.21
C ASN A 238 -16.09 -0.73 -6.08
N THR A 239 -16.14 -0.09 -7.23
CA THR A 239 -15.16 -0.29 -8.28
C THR A 239 -13.77 0.21 -7.85
N LEU A 241 -12.21 -0.31 -4.99
CA LEU A 241 -11.55 -1.25 -4.09
C LEU A 241 -10.81 -2.26 -4.93
N ASN A 242 -9.50 -2.25 -4.84
CA ASN A 242 -8.65 -3.10 -5.70
C ASN A 242 -7.27 -3.22 -5.09
N GLY A 243 -6.74 -4.44 -5.04
CA GLY A 243 -5.37 -4.67 -4.58
C GLY A 243 -5.17 -4.55 -3.10
N GLU A 244 -6.26 -4.48 -2.31
CA GLU A 244 -6.19 -4.19 -0.86
C GLU A 244 -6.53 -5.44 -0.05
N VAL A 245 -5.99 -5.52 1.18
CA VAL A 245 -6.36 -6.57 2.16
C VAL A 245 -7.17 -5.86 3.21
N ILE A 246 -8.43 -6.25 3.41
CA ILE A 246 -9.34 -5.56 4.34
C ILE A 246 -9.52 -6.38 5.61
N ARG A 247 -9.09 -5.86 6.73
CA ARG A 247 -9.32 -6.52 8.02
C ARG A 247 -10.80 -6.43 8.44
N LEU A 248 -11.44 -7.59 8.71
CA LEU A 248 -12.83 -7.67 9.21
C LEU A 248 -12.86 -8.46 10.52
N ASP A 249 -12.68 -7.75 11.64
CA ASP A 249 -12.27 -8.39 12.88
C ASP A 249 -12.65 -7.70 14.20
N GLY A 250 -13.58 -6.76 14.18
CA GLY A 250 -14.00 -6.11 15.38
C GLY A 250 -12.80 -5.52 16.08
N ALA A 251 -11.73 -5.18 15.32
CA ALA A 251 -10.51 -4.59 15.95
C ALA A 251 -9.70 -5.57 16.83
N LEU A 252 -9.99 -6.86 16.74
CA LEU A 252 -9.18 -7.87 17.40
C LEU A 252 -7.72 -7.82 16.94
N ARG A 253 -6.80 -7.85 17.90
CA ARG A 253 -5.41 -8.15 17.59
C ARG A 253 -5.01 -9.37 18.42
N VAL B 9 30.69 13.62 12.64
CA VAL B 9 29.82 14.69 13.39
C VAL B 9 28.25 14.49 13.48
N PHE B 10 27.75 14.33 14.71
CA PHE B 10 26.32 13.97 14.97
C PHE B 10 25.55 14.90 15.85
N ILE B 11 24.32 15.26 15.43
CA ILE B 11 23.43 15.94 16.40
C ILE B 11 22.49 14.91 16.99
N VAL B 12 22.42 14.79 18.30
CA VAL B 12 21.50 13.89 18.95
C VAL B 12 20.50 14.66 19.78
N THR B 13 19.25 14.42 19.44
CA THR B 13 18.13 15.04 20.12
C THR B 13 17.71 14.24 21.40
N GLY B 14 17.19 14.93 22.41
CA GLY B 14 16.90 14.34 23.73
C GLY B 14 18.08 13.65 24.38
N ALA B 15 19.24 14.30 24.32
CA ALA B 15 20.50 13.65 24.66
C ALA B 15 20.78 13.56 26.17
N SER B 16 19.99 14.29 26.98
CA SER B 16 20.19 14.36 28.45
C SER B 16 20.00 13.03 29.13
N SER B 17 19.08 12.21 28.62
CA SER B 17 18.80 10.90 29.21
C SER B 17 18.22 9.88 28.19
N GLY B 18 17.80 8.72 28.70
CA GLY B 18 17.17 7.67 27.97
C GLY B 18 17.96 7.21 26.79
N LEU B 19 17.27 7.13 25.67
CA LEU B 19 17.82 6.62 24.44
C LEU B 19 18.76 7.60 23.82
N GLY B 20 18.39 8.88 23.87
CA GLY B 20 19.29 9.94 23.41
C GLY B 20 20.65 9.88 24.13
N ALA B 21 20.65 9.56 25.41
CA ALA B 21 21.89 9.53 26.20
C ALA B 21 22.73 8.33 25.81
N ALA B 22 22.09 7.17 25.65
CA ALA B 22 22.82 6.01 25.14
C ALA B 22 23.35 6.24 23.74
N VAL B 23 22.62 6.97 22.90
CA VAL B 23 23.12 7.23 21.52
C VAL B 23 24.36 8.12 21.55
N THR B 24 24.33 9.12 22.44
CA THR B 24 25.49 9.97 22.66
C THR B 24 26.61 9.13 23.22
N ARG B 25 26.37 8.34 24.24
CA ARG B 25 27.42 7.39 24.67
C ARG B 25 28.03 6.64 23.49
N LEU B 27 28.18 6.94 20.17
CA LEU B 27 28.94 7.71 19.22
C LEU B 27 30.23 8.26 19.90
N ALA B 28 30.12 8.60 21.19
CA ALA B 28 31.28 9.09 21.94
C ALA B 28 32.34 8.02 21.94
N GLN B 29 31.97 6.79 22.28
CA GLN B 29 32.92 5.67 22.21
C GLN B 29 33.50 5.55 20.79
N GLU B 30 32.64 5.62 19.78
CA GLU B 30 33.10 5.42 18.40
C GLU B 30 34.01 6.53 17.89
N GLY B 31 34.31 7.49 18.78
CA GLY B 31 35.12 8.63 18.46
C GLY B 31 34.51 9.62 17.47
N ALA B 32 33.19 9.84 17.55
CA ALA B 32 32.55 10.84 16.72
C ALA B 32 32.45 12.12 17.51
N THR B 33 32.09 13.21 16.83
CA THR B 33 31.76 14.48 17.49
C THR B 33 30.25 14.59 17.64
N VAL B 34 29.80 14.89 18.86
CA VAL B 34 28.36 15.00 19.13
C VAL B 34 27.90 16.37 19.67
N LEU B 35 26.83 16.89 19.08
CA LEU B 35 26.09 17.98 19.67
C LEU B 35 24.80 17.39 20.29
N GLY B 36 24.83 17.14 21.60
CA GLY B 36 23.62 16.79 22.36
C GLY B 36 22.70 17.98 22.60
N LEU B 37 21.43 17.81 22.26
CA LEU B 37 20.39 18.81 22.40
C LEU B 37 19.31 18.27 23.36
N ASP B 38 18.82 19.10 24.27
CA ASP B 38 17.75 18.74 25.21
C ASP B 38 17.34 19.98 25.99
N LEU B 39 16.16 19.96 26.59
CA LEU B 39 15.81 21.00 27.55
C LEU B 39 16.62 20.78 28.83
N VAL B 55 32.02 15.75 22.28
CA VAL B 55 30.69 15.72 22.90
C VAL B 55 30.36 16.97 23.73
N ARG B 56 29.46 17.78 23.20
CA ARG B 56 28.97 18.95 23.94
C ARG B 56 27.46 19.12 23.88
N PHE B 57 26.91 19.62 24.97
CA PHE B 57 25.50 19.83 25.08
C PHE B 57 25.16 21.29 24.83
N ARG B 58 23.88 21.55 24.61
CA ARG B 58 23.40 22.82 24.12
C ARG B 58 21.93 22.68 24.41
N ASN B 59 21.40 23.62 25.21
CA ASN B 59 20.00 23.63 25.60
C ASN B 59 19.17 24.18 24.47
N ALA B 60 18.24 23.35 23.99
CA ALA B 60 17.40 23.76 22.88
C ALA B 60 16.02 23.09 22.93
N ASP B 61 15.04 23.80 22.37
CA ASP B 61 13.70 23.30 22.24
C ASP B 61 13.52 22.91 20.77
N VAL B 62 13.46 21.59 20.60
CA VAL B 62 13.29 20.93 19.31
C VAL B 62 12.11 21.53 18.50
N THR B 63 11.09 21.98 19.23
CA THR B 63 9.88 22.62 18.73
C THR B 63 10.12 23.98 18.11
N ASN B 64 11.06 24.73 18.68
CA ASN B 64 11.20 26.14 18.36
C ASN B 64 12.02 26.39 17.09
N GLU B 65 11.45 27.11 16.14
CA GLU B 65 12.17 27.41 14.92
C GLU B 65 13.53 28.11 15.17
N ALA B 66 13.56 29.10 16.08
CA ALA B 66 14.81 29.81 16.46
C ALA B 66 15.91 28.94 17.11
N ASP B 67 15.65 28.36 18.29
CA ASP B 67 16.62 27.43 18.95
C ASP B 67 17.26 26.44 17.95
N ALA B 68 16.44 25.86 17.09
CA ALA B 68 16.91 24.81 16.18
C ALA B 68 17.88 25.34 15.11
N THR B 69 17.52 26.47 14.51
CA THR B 69 18.43 27.23 13.63
C THR B 69 19.73 27.59 14.38
N ALA B 70 19.61 28.25 15.51
CA ALA B 70 20.79 28.68 16.24
C ALA B 70 21.63 27.44 16.55
N ALA B 71 20.96 26.33 16.87
CA ALA B 71 21.64 25.06 17.14
C ALA B 71 22.44 24.57 15.94
N LEU B 72 21.79 24.58 14.79
CA LEU B 72 22.38 24.16 13.52
C LEU B 72 23.44 25.13 13.00
N ALA B 73 23.27 26.42 13.31
CA ALA B 73 24.31 27.44 13.07
C ALA B 73 25.48 27.26 14.02
N PHE B 74 25.20 27.01 15.31
CA PHE B 74 26.26 26.67 16.26
C PHE B 74 27.10 25.61 15.59
N ALA B 75 26.45 24.52 15.19
CA ALA B 75 27.14 23.30 14.75
C ALA B 75 28.02 23.51 13.53
N LYS B 76 27.60 24.39 12.61
CA LYS B 76 28.33 24.62 11.35
C LYS B 76 29.64 25.41 11.58
N GLN B 77 29.57 26.57 12.23
CA GLN B 77 30.80 27.31 12.59
C GLN B 77 31.71 26.48 13.52
N GLU B 78 31.16 25.95 14.62
CA GLU B 78 31.96 25.14 15.54
C GLU B 78 32.49 23.85 14.94
N PHE B 79 31.77 23.26 13.98
CA PHE B 79 32.15 21.94 13.47
C PHE B 79 32.43 21.79 11.98
N GLY B 80 31.83 22.62 11.12
CA GLY B 80 32.21 22.66 9.70
C GLY B 80 31.53 21.67 8.77
N HIS B 81 30.89 20.65 9.35
CA HIS B 81 29.99 19.79 8.61
C HIS B 81 28.94 19.21 9.60
N VAL B 82 28.00 18.43 9.07
CA VAL B 82 27.07 17.62 9.89
C VAL B 82 26.91 16.34 9.13
N HIS B 83 27.08 15.19 9.76
CA HIS B 83 26.92 13.97 8.99
C HIS B 83 25.72 13.13 9.45
N GLY B 84 25.29 13.34 10.70
CA GLY B 84 24.28 12.52 11.31
C GLY B 84 23.30 13.32 12.13
N LEU B 85 22.04 12.87 12.10
CA LEU B 85 20.97 13.41 13.01
C LEU B 85 20.23 12.21 13.63
N VAL B 86 20.18 12.13 14.96
CA VAL B 86 19.40 11.10 15.64
C VAL B 86 18.32 11.77 16.49
N ASN B 87 17.09 11.68 16.04
CA ASN B 87 15.94 12.27 16.80
C ASN B 87 15.42 11.31 17.85
N CYS B 88 15.78 11.58 19.11
CA CYS B 88 15.21 10.88 20.26
C CYS B 88 14.46 11.77 21.26
N ALA B 89 14.13 13.02 20.90
CA ALA B 89 13.27 13.85 21.76
C ALA B 89 11.84 13.29 21.77
N GLY B 90 11.30 12.98 22.94
CA GLY B 90 10.01 12.33 22.98
C GLY B 90 9.25 12.53 24.28
N THR B 91 7.94 12.46 24.21
CA THR B 91 7.13 12.33 25.40
C THR B 91 6.23 11.17 25.06
N ALA B 92 6.08 10.28 26.02
CA ALA B 92 5.26 9.10 25.90
C ALA B 92 4.17 9.13 27.01
N PRO B 93 3.25 10.12 26.98
CA PRO B 93 2.28 10.24 28.09
C PRO B 93 0.98 9.42 27.90
N GLY B 94 0.20 9.30 28.99
CA GLY B 94 -0.96 8.41 29.06
C GLY B 94 -2.24 9.11 29.46
N GLU B 95 -3.27 8.97 28.65
CA GLU B 95 -4.53 9.67 28.87
C GLU B 95 -5.55 9.14 27.91
N LYS B 96 -6.75 8.90 28.42
CA LYS B 96 -7.85 8.32 27.68
C LYS B 96 -8.53 9.38 26.80
N ILE B 97 -9.20 8.95 25.74
CA ILE B 97 -10.11 9.83 24.99
C ILE B 97 -11.38 10.30 25.80
N LEU B 98 -12.00 9.37 26.55
CA LEU B 98 -13.06 9.74 27.51
C LEU B 98 -12.62 9.40 28.91
N GLY B 99 -12.31 10.42 29.67
CA GLY B 99 -11.77 10.19 31.00
C GLY B 99 -12.86 10.29 32.02
N ARG B 100 -12.52 9.89 33.24
CA ARG B 100 -13.36 10.07 34.40
C ARG B 100 -13.84 11.49 34.38
N SER B 101 -12.89 12.43 34.34
CA SER B 101 -13.15 13.88 34.35
C SER B 101 -13.90 14.47 33.13
N GLY B 102 -13.58 14.00 31.93
CA GLY B 102 -14.14 14.53 30.68
C GLY B 102 -13.26 14.08 29.51
N PRO B 103 -13.48 14.66 28.32
CA PRO B 103 -12.61 14.30 27.19
C PRO B 103 -11.12 14.67 27.44
N HIS B 104 -10.23 13.96 26.73
CA HIS B 104 -8.80 14.25 26.62
C HIS B 104 -8.57 15.75 26.35
N ALA B 105 -7.70 16.36 27.13
CA ALA B 105 -7.32 17.75 26.88
C ALA B 105 -6.78 17.90 25.44
N LEU B 106 -7.28 18.89 24.69
CA LEU B 106 -6.75 19.17 23.37
C LEU B 106 -5.27 19.61 23.42
N ASP B 107 -4.94 20.47 24.36
CA ASP B 107 -3.56 20.99 24.40
C ASP B 107 -2.52 19.90 24.74
N SER B 108 -2.88 18.98 25.61
CA SER B 108 -2.06 17.83 25.89
C SER B 108 -1.82 17.01 24.60
N PHE B 109 -2.88 16.77 23.85
CA PHE B 109 -2.73 16.09 22.61
C PHE B 109 -1.78 16.85 21.67
N ALA B 110 -2.04 18.14 21.47
CA ALA B 110 -1.27 19.02 20.59
C ALA B 110 0.19 19.09 21.04
N ARG B 111 0.37 19.16 22.35
CA ARG B 111 1.71 19.21 22.90
C ARG B 111 2.54 17.96 22.60
N THR B 112 1.91 16.77 22.56
CA THR B 112 2.61 15.49 22.33
C THR B 112 2.97 15.39 20.85
N VAL B 113 2.01 15.76 20.00
CA VAL B 113 2.24 15.87 18.57
C VAL B 113 3.39 16.85 18.32
N ALA B 114 3.37 17.99 18.98
CA ALA B 114 4.42 19.02 18.89
C ALA B 114 5.86 18.49 19.21
N VAL B 115 6.03 17.92 20.39
CA VAL B 115 7.32 17.41 20.76
C VAL B 115 7.76 16.25 19.81
N ASN B 116 6.92 15.22 19.69
CA ASN B 116 7.23 14.04 18.95
C ASN B 116 7.36 14.24 17.47
N LEU B 117 6.48 15.02 16.86
CA LEU B 117 6.37 15.05 15.42
C LEU B 117 6.86 16.36 14.76
N ILE B 118 6.46 17.51 15.30
CA ILE B 118 6.85 18.83 14.78
C ILE B 118 8.34 19.02 15.06
N GLY B 119 8.75 18.66 16.26
CA GLY B 119 10.13 18.73 16.64
C GLY B 119 11.06 17.86 15.80
N THR B 120 10.64 16.64 15.42
CA THR B 120 11.58 15.89 14.60
C THR B 120 11.56 16.34 13.17
N PHE B 121 10.41 16.73 12.67
CA PHE B 121 10.42 17.35 11.38
C PHE B 121 11.29 18.64 11.35
N ASN B 122 11.22 19.45 12.40
CA ASN B 122 11.98 20.70 12.48
C ASN B 122 13.49 20.44 12.39
N ILE B 124 14.79 17.73 11.09
CA ILE B 124 15.09 17.07 9.84
C ILE B 124 15.26 18.08 8.72
N ARG B 125 14.30 18.99 8.57
CA ARG B 125 14.44 20.04 7.55
C ARG B 125 15.76 20.85 7.70
N LEU B 126 16.20 21.12 8.91
CA LEU B 126 17.40 21.91 9.14
C LEU B 126 18.74 21.12 8.97
N ALA B 127 18.89 20.03 9.70
CA ALA B 127 20.03 19.19 9.51
C ALA B 127 20.16 18.79 8.06
N ALA B 128 19.06 18.57 7.37
CA ALA B 128 19.22 18.12 5.99
C ALA B 128 19.81 19.22 5.10
N GLU B 129 19.38 20.47 5.34
CA GLU B 129 19.92 21.61 4.64
C GLU B 129 21.48 21.61 4.73
N VAL B 130 22.03 21.37 5.91
CA VAL B 130 23.48 21.34 6.07
C VAL B 130 24.18 20.13 5.45
N SER B 132 23.27 18.56 3.13
CA SER B 132 23.12 18.98 1.74
C SER B 132 24.47 19.40 1.10
N GLN B 133 25.18 20.19 1.84
CA GLN B 133 26.27 21.02 1.32
C GLN B 133 27.63 20.37 1.63
N GLY B 134 27.62 19.13 2.15
CA GLY B 134 28.85 18.46 2.61
C GLY B 134 29.37 17.46 1.59
N GLU B 135 30.49 16.83 1.91
CA GLU B 135 31.12 15.93 0.95
C GLU B 135 30.51 14.54 1.03
N PRO B 136 30.09 13.99 -0.11
CA PRO B 136 29.75 12.54 -0.11
C PRO B 136 30.95 11.66 0.21
N ASP B 137 30.72 10.52 0.88
CA ASP B 137 31.74 9.48 1.03
C ASP B 137 31.82 8.60 -0.20
N ALA B 138 32.41 7.42 -0.07
CA ALA B 138 32.65 6.59 -1.25
C ALA B 138 31.37 5.97 -1.78
N ASP B 139 30.35 5.90 -0.91
CA ASP B 139 29.04 5.39 -1.30
C ASP B 139 28.08 6.43 -1.85
N GLY B 140 28.41 7.72 -1.68
CA GLY B 140 27.68 8.83 -2.32
C GLY B 140 26.82 9.52 -1.26
N GLU B 141 27.01 9.03 -0.03
CA GLU B 141 26.27 9.39 1.14
C GLU B 141 26.75 10.72 1.71
N ARG B 142 25.83 11.66 1.79
CA ARG B 142 26.10 12.90 2.47
C ARG B 142 25.68 12.86 3.92
N GLY B 143 24.68 12.01 4.25
CA GLY B 143 24.08 11.99 5.63
C GLY B 143 23.14 10.83 5.98
N VAL B 144 22.84 10.67 7.26
CA VAL B 144 21.91 9.64 7.74
C VAL B 144 21.13 10.24 8.87
N ILE B 145 19.82 10.08 8.77
CA ILE B 145 18.92 10.55 9.77
C ILE B 145 18.20 9.37 10.38
N VAL B 146 18.28 9.22 11.70
CA VAL B 146 17.53 8.19 12.35
C VAL B 146 16.47 8.76 13.28
N ASN B 147 15.23 8.31 13.07
CA ASN B 147 14.09 8.79 13.90
C ASN B 147 13.64 7.69 14.83
N THR B 148 13.11 8.07 15.98
CA THR B 148 12.59 7.17 16.95
C THR B 148 11.10 7.25 16.79
N ALA B 149 10.46 6.20 16.25
CA ALA B 149 8.99 6.15 16.34
C ALA B 149 8.67 5.40 17.61
N SER B 150 7.76 4.43 17.51
CA SER B 150 7.40 3.56 18.62
C SER B 150 6.55 2.42 18.02
N ILE B 151 6.46 1.28 18.72
CA ILE B 151 5.48 0.27 18.34
C ILE B 151 4.03 0.69 18.55
N ALA B 152 3.82 1.72 19.35
CA ALA B 152 2.48 2.27 19.56
C ALA B 152 1.94 2.82 18.24
N ALA B 153 2.83 3.00 17.31
CA ALA B 153 2.40 3.52 16.04
C ALA B 153 1.58 2.48 15.24
N PHE B 154 1.66 1.19 15.66
CA PHE B 154 1.04 0.06 14.94
C PHE B 154 0.21 -0.75 15.94
N ASP B 155 0.49 -0.62 17.26
CA ASP B 155 -0.22 -1.37 18.28
C ASP B 155 -0.73 -0.47 19.42
N GLY B 156 -1.19 0.75 19.11
CA GLY B 156 -1.63 1.69 20.14
C GLY B 156 -2.57 1.03 21.15
N GLN B 157 -2.21 1.13 22.42
CA GLN B 157 -2.95 0.55 23.53
C GLN B 157 -3.84 1.67 24.03
N ILE B 158 -4.89 1.29 24.75
CA ILE B 158 -5.82 2.24 25.29
C ILE B 158 -5.07 3.25 26.14
N GLY B 159 -5.39 4.55 25.99
CA GLY B 159 -4.69 5.59 26.70
C GLY B 159 -3.50 6.21 25.97
N GLN B 160 -3.13 5.66 24.80
CA GLN B 160 -1.93 6.09 24.00
C GLN B 160 -2.32 6.77 22.72
N ALA B 161 -3.52 7.31 22.61
CA ALA B 161 -3.89 7.93 21.36
C ALA B 161 -2.94 9.09 20.89
N ALA B 162 -2.46 9.88 21.83
CA ALA B 162 -1.67 11.02 21.45
C ALA B 162 -0.28 10.49 21.00
N TYR B 163 0.25 9.58 21.81
CA TYR B 163 1.50 8.97 21.60
C TYR B 163 1.52 8.19 20.26
N ALA B 164 0.48 7.40 20.04
CA ALA B 164 0.37 6.59 18.83
C ALA B 164 0.26 7.48 17.61
N ALA B 165 -0.60 8.48 17.69
CA ALA B 165 -0.78 9.40 16.61
C ALA B 165 0.52 10.08 16.23
N SER B 166 1.21 10.63 17.21
CA SER B 166 2.43 11.40 16.87
C SER B 166 3.60 10.49 16.34
N LYS B 167 3.78 9.33 16.97
CA LYS B 167 4.80 8.40 16.56
C LYS B 167 4.40 7.76 15.24
N GLY B 168 3.09 7.67 14.97
CA GLY B 168 2.59 7.21 13.67
C GLY B 168 2.94 8.24 12.58
N GLY B 169 2.77 9.55 12.88
CA GLY B 169 3.25 10.65 12.04
C GLY B 169 4.75 10.50 11.69
N VAL B 170 5.59 10.28 12.69
CA VAL B 170 7.01 10.04 12.50
C VAL B 170 7.26 8.94 11.48
N ALA B 171 6.62 7.80 11.72
CA ALA B 171 6.80 6.58 10.93
C ALA B 171 6.46 6.84 9.47
N ALA B 172 5.36 7.56 9.21
CA ALA B 172 4.91 7.81 7.83
C ALA B 172 5.87 8.78 7.11
N LEU B 173 6.62 9.55 7.89
CA LEU B 173 7.43 10.61 7.36
C LEU B 173 8.65 9.98 6.63
N THR B 174 9.09 8.86 7.18
CA THR B 174 10.33 8.24 6.83
C THR B 174 10.49 8.08 5.34
N LEU B 175 9.46 7.57 4.68
CA LEU B 175 9.59 7.26 3.26
C LEU B 175 9.56 8.50 2.32
N PRO B 176 8.56 9.40 2.46
CA PRO B 176 8.63 10.57 1.57
C PRO B 176 9.96 11.32 1.74
N ALA B 177 10.41 11.42 2.98
CA ALA B 177 11.62 12.08 3.36
C ALA B 177 12.84 11.36 2.73
N ALA B 178 12.90 10.03 2.78
CA ALA B 178 14.02 9.27 2.20
C ALA B 178 14.02 9.38 0.69
N ARG B 179 12.85 9.33 0.08
CA ARG B 179 12.71 9.52 -1.35
C ARG B 179 13.18 10.92 -1.85
N GLU B 180 12.95 11.99 -1.08
CA GLU B 180 13.38 13.30 -1.55
C GLU B 180 14.89 13.45 -1.33
N LEU B 181 15.32 13.09 -0.14
CA LEU B 181 16.68 13.29 0.31
C LEU B 181 17.70 12.35 -0.36
N ALA B 182 17.22 11.29 -0.99
CA ALA B 182 18.03 10.40 -1.82
C ALA B 182 18.89 11.22 -2.82
N ARG B 183 18.32 12.32 -3.27
CA ARG B 183 18.93 13.28 -4.19
C ARG B 183 20.32 13.70 -3.71
N PHE B 184 20.40 14.06 -2.43
CA PHE B 184 21.61 14.53 -1.79
C PHE B 184 22.35 13.45 -1.04
N GLY B 185 22.01 12.20 -1.29
CA GLY B 185 22.65 11.08 -0.60
C GLY B 185 22.39 11.08 0.89
N ILE B 186 21.19 11.49 1.31
CA ILE B 186 20.84 11.43 2.72
C ILE B 186 19.78 10.31 2.95
N ARG B 187 20.12 9.37 3.82
CA ARG B 187 19.27 8.29 4.13
C ARG B 187 18.41 8.70 5.30
N VAL B 188 17.23 8.07 5.36
CA VAL B 188 16.30 8.32 6.44
C VAL B 188 15.71 6.99 6.84
N VAL B 189 15.92 6.63 8.11
CA VAL B 189 15.46 5.40 8.68
C VAL B 189 14.78 5.69 10.02
N THR B 190 13.70 4.99 10.33
CA THR B 190 12.98 5.15 11.64
C THR B 190 13.01 3.85 12.42
N ILE B 191 13.28 3.93 13.72
CA ILE B 191 13.23 2.75 14.59
C ILE B 191 11.95 2.85 15.47
N ALA B 192 11.19 1.77 15.55
CA ALA B 192 10.06 1.70 16.48
C ALA B 192 10.39 0.80 17.66
N PRO B 193 10.88 1.36 18.76
CA PRO B 193 11.21 0.52 19.94
C PRO B 193 9.95 0.06 20.67
N GLY B 194 10.04 -1.11 21.32
CA GLY B 194 9.02 -1.54 22.28
C GLY B 194 9.37 -0.95 23.65
N ILE B 195 9.39 -1.75 24.71
CA ILE B 195 9.68 -1.18 26.06
C ILE B 195 11.13 -1.25 26.50
N PHE B 196 11.64 -0.09 26.84
CA PHE B 196 13.01 0.05 27.26
C PHE B 196 13.08 0.57 28.68
N ASP B 197 14.14 0.27 29.39
CA ASP B 197 14.34 0.85 30.69
C ASP B 197 14.91 2.23 30.50
N THR B 198 14.02 3.18 30.36
CA THR B 198 14.32 4.56 30.15
C THR B 198 13.39 5.27 31.08
N PRO B 199 13.63 6.52 31.36
CA PRO B 199 12.71 7.23 32.24
C PRO B 199 11.42 7.54 31.50
N ASP B 210 8.13 -4.57 38.32
CA ASP B 210 7.10 -4.65 37.28
C ASP B 210 7.28 -5.82 36.28
N ALA B 211 6.16 -6.41 35.82
CA ALA B 211 6.13 -7.42 34.77
C ALA B 211 5.05 -6.97 33.78
N LEU B 212 5.44 -5.96 32.99
CA LEU B 212 5.06 -5.67 31.59
C LEU B 212 6.20 -6.30 30.79
N ALA B 213 7.37 -6.32 31.46
CA ALA B 213 8.56 -6.97 31.00
C ALA B 213 8.32 -8.44 30.74
N ALA B 214 7.54 -9.05 31.60
CA ALA B 214 7.31 -10.49 31.56
C ALA B 214 6.56 -10.86 30.29
N SER B 215 5.90 -9.85 29.74
CA SER B 215 5.00 -10.07 28.63
C SER B 215 5.69 -9.97 27.28
N VAL B 216 6.93 -9.51 27.25
CA VAL B 216 7.68 -9.44 26.00
C VAL B 216 8.19 -10.84 25.74
N PRO B 217 7.87 -11.41 24.57
CA PRO B 217 8.15 -12.84 24.37
C PRO B 217 9.66 -13.21 24.48
N PHE B 218 10.53 -12.49 23.81
CA PHE B 218 11.94 -12.79 23.98
C PHE B 218 12.81 -11.67 23.43
N PRO B 219 13.75 -11.19 24.24
CA PRO B 219 14.06 -11.58 25.64
C PRO B 219 13.02 -11.01 26.63
N PRO B 220 12.66 -11.78 27.68
CA PRO B 220 11.55 -11.32 28.50
C PRO B 220 12.02 -10.30 29.49
N ARG B 221 12.29 -9.07 29.05
CA ARG B 221 12.73 -8.02 29.95
C ARG B 221 12.51 -6.74 29.23
N LEU B 222 12.83 -5.64 29.90
CA LEU B 222 12.95 -4.36 29.27
C LEU B 222 14.19 -4.32 28.39
N GLY B 223 14.12 -3.59 27.30
CA GLY B 223 15.28 -3.41 26.47
C GLY B 223 16.24 -2.42 27.11
N ARG B 224 17.52 -2.61 26.83
CA ARG B 224 18.53 -1.69 27.37
C ARG B 224 18.81 -0.61 26.33
N ALA B 225 19.01 0.61 26.80
CA ALA B 225 19.12 1.71 25.84
C ALA B 225 20.26 1.50 24.84
N GLU B 226 21.32 0.84 25.28
CA GLU B 226 22.49 0.56 24.47
C GLU B 226 22.18 -0.31 23.24
N GLU B 227 21.15 -1.14 23.36
CA GLU B 227 20.79 -2.07 22.29
C GLU B 227 20.07 -1.23 21.24
N TYR B 228 19.40 -0.21 21.72
CA TYR B 228 18.75 0.71 20.83
C TYR B 228 19.89 1.40 20.08
N ALA B 229 20.89 1.88 20.83
CA ALA B 229 22.02 2.63 20.26
C ALA B 229 22.77 1.77 19.27
N ALA B 230 22.85 0.47 19.54
CA ALA B 230 23.47 -0.49 18.68
C ALA B 230 22.79 -0.58 17.30
N LEU B 231 21.46 -0.53 17.28
CA LEU B 231 20.80 -0.50 16.00
C LEU B 231 21.05 0.84 15.31
N VAL B 232 21.02 1.95 16.07
CA VAL B 232 21.37 3.23 15.44
C VAL B 232 22.74 3.06 14.74
N LYS B 233 23.65 2.37 15.41
CA LYS B 233 24.95 2.12 14.82
C LYS B 233 24.89 1.19 13.59
N HIS B 234 24.17 0.05 13.64
CA HIS B 234 24.01 -0.87 12.50
C HIS B 234 23.60 0.06 11.30
N ILE B 235 22.62 0.93 11.53
CA ILE B 235 22.05 1.81 10.49
C ILE B 235 22.99 2.85 9.89
N CYS B 236 23.72 3.55 10.73
CA CYS B 236 24.81 4.40 10.20
C CYS B 236 25.80 3.62 9.33
N GLU B 237 25.94 2.32 9.58
CA GLU B 237 26.95 1.53 8.90
C GLU B 237 26.52 0.87 7.60
N ASN B 238 25.22 0.67 7.40
CA ASN B 238 24.71 -0.17 6.33
C ASN B 238 23.93 0.71 5.34
N THR B 239 24.56 0.98 4.22
CA THR B 239 24.08 1.94 3.26
C THR B 239 22.75 1.52 2.68
N LEU B 241 20.12 0.19 4.18
CA LEU B 241 18.99 0.51 5.02
C LEU B 241 18.55 1.95 4.76
N ASN B 242 17.37 2.08 4.14
CA ASN B 242 16.80 3.37 3.84
C ASN B 242 15.26 3.25 3.74
N GLY B 243 14.56 4.23 4.25
CA GLY B 243 13.16 4.40 3.95
C GLY B 243 12.27 3.46 4.73
N GLU B 244 12.85 2.80 5.76
CA GLU B 244 12.24 1.69 6.52
C GLU B 244 12.01 2.10 7.98
N VAL B 245 11.03 1.46 8.62
CA VAL B 245 10.71 1.62 10.04
C VAL B 245 11.05 0.25 10.55
N ILE B 246 11.93 0.17 11.53
CA ILE B 246 12.39 -1.10 12.00
C ILE B 246 11.91 -1.28 13.43
N ARG B 247 11.14 -2.32 13.67
CA ARG B 247 10.73 -2.68 15.02
C ARG B 247 11.88 -3.25 15.82
N LEU B 248 12.06 -2.74 17.03
CA LEU B 248 13.03 -3.26 17.98
C LEU B 248 12.29 -3.49 19.33
N ASP B 249 11.73 -4.69 19.49
CA ASP B 249 10.65 -4.82 20.46
C ASP B 249 10.57 -6.22 21.06
N GLY B 250 11.48 -7.10 20.68
CA GLY B 250 11.55 -8.46 21.23
C GLY B 250 10.36 -9.34 20.83
N ALA B 251 9.72 -9.00 19.73
CA ALA B 251 8.52 -9.70 19.33
C ALA B 251 7.24 -9.30 20.10
N LEU B 252 7.31 -8.22 20.85
CA LEU B 252 6.14 -7.73 21.54
C LEU B 252 5.07 -7.15 20.61
N ARG B 253 3.84 -7.57 20.86
CA ARG B 253 2.65 -6.89 20.35
C ARG B 253 1.75 -6.46 21.51
N LEU C 5 -29.55 3.79 8.48
CA LEU C 5 -29.02 5.21 8.61
C LEU C 5 -30.15 6.25 8.78
N LYS C 6 -31.33 5.99 8.20
CA LYS C 6 -32.57 6.79 8.41
C LYS C 6 -32.86 7.27 9.87
N SER C 7 -33.05 8.59 10.05
CA SER C 7 -33.27 9.25 11.35
C SER C 7 -32.08 9.24 12.35
N ARG C 8 -30.90 8.81 11.88
CA ARG C 8 -29.66 8.87 12.67
C ARG C 8 -29.06 10.24 12.45
N VAL C 9 -28.45 10.78 13.50
CA VAL C 9 -27.78 12.09 13.47
C VAL C 9 -26.26 11.90 13.24
N PHE C 10 -25.80 12.37 12.07
CA PHE C 10 -24.38 12.35 11.68
C PHE C 10 -23.77 13.73 11.65
N ILE C 11 -22.53 13.83 12.11
CA ILE C 11 -21.75 15.05 11.96
C ILE C 11 -20.72 14.74 10.91
N VAL C 12 -20.62 15.65 9.93
CA VAL C 12 -19.67 15.55 8.85
C VAL C 12 -18.84 16.83 8.72
N THR C 13 -17.54 16.58 8.69
CA THR C 13 -16.49 17.55 8.54
C THR C 13 -16.14 17.71 7.06
N GLY C 14 -15.64 18.90 6.72
CA GLY C 14 -15.26 19.27 5.36
C GLY C 14 -16.44 19.14 4.43
N ALA C 15 -17.61 19.49 4.92
CA ALA C 15 -18.84 19.15 4.23
C ALA C 15 -19.18 19.99 2.99
N SER C 16 -18.56 21.17 2.88
CA SER C 16 -18.83 22.08 1.75
C SER C 16 -18.30 21.62 0.39
N SER C 17 -17.36 20.67 0.36
CA SER C 17 -16.94 20.17 -0.97
C SER C 17 -16.25 18.81 -0.87
N GLY C 18 -16.03 18.21 -2.03
CA GLY C 18 -15.22 17.04 -2.17
C GLY C 18 -15.82 15.84 -1.45
N LEU C 19 -14.98 15.18 -0.67
CA LEU C 19 -15.41 13.96 -0.04
C LEU C 19 -16.54 14.24 0.92
N GLY C 20 -16.39 15.25 1.75
CA GLY C 20 -17.40 15.58 2.78
C GLY C 20 -18.78 15.95 2.21
N ALA C 21 -18.80 16.69 1.09
CA ALA C 21 -20.02 17.00 0.36
C ALA C 21 -20.66 15.73 -0.19
N ALA C 22 -19.85 14.80 -0.65
CA ALA C 22 -20.43 13.60 -1.22
C ALA C 22 -21.01 12.71 -0.12
N VAL C 23 -20.44 12.79 1.07
CA VAL C 23 -20.86 12.00 2.27
C VAL C 23 -22.18 12.55 2.88
N THR C 24 -22.28 13.87 2.99
CA THR C 24 -23.50 14.58 3.35
C THR C 24 -24.58 14.20 2.32
N ARG C 25 -24.31 14.34 1.03
CA ARG C 25 -25.28 13.90 0.02
C ARG C 25 -25.72 12.43 0.27
N LEU C 27 -25.71 10.55 2.93
CA LEU C 27 -26.43 10.40 4.18
C LEU C 27 -27.88 10.88 4.09
N ALA C 28 -28.07 12.08 3.55
CA ALA C 28 -29.35 12.71 3.42
C ALA C 28 -30.27 11.84 2.61
N GLN C 29 -29.78 11.37 1.46
CA GLN C 29 -30.51 10.42 0.64
C GLN C 29 -30.85 9.10 1.35
N GLU C 30 -30.14 8.78 2.43
CA GLU C 30 -30.45 7.57 3.19
C GLU C 30 -31.38 7.90 4.32
N GLY C 31 -31.85 9.12 4.32
CA GLY C 31 -32.80 9.58 5.32
C GLY C 31 -32.23 9.98 6.64
N ALA C 32 -30.91 10.07 6.73
CA ALA C 32 -30.22 10.53 7.95
C ALA C 32 -30.28 12.05 8.08
N THR C 33 -30.02 12.52 9.28
CA THR C 33 -29.96 13.93 9.55
C THR C 33 -28.48 14.39 9.71
N VAL C 34 -28.10 15.48 9.03
CA VAL C 34 -26.68 15.83 8.98
C VAL C 34 -26.30 17.23 9.41
N LEU C 35 -25.38 17.32 10.36
CA LEU C 35 -24.75 18.57 10.67
C LEU C 35 -23.36 18.58 10.00
N GLY C 36 -23.33 19.25 8.85
CA GLY C 36 -22.15 19.45 8.02
C GLY C 36 -21.35 20.68 8.42
N LEU C 37 -20.11 20.46 8.83
CA LEU C 37 -19.22 21.50 9.27
C LEU C 37 -18.15 21.76 8.23
N ASP C 38 -17.82 23.05 8.08
CA ASP C 38 -16.71 23.49 7.21
C ASP C 38 -16.41 24.95 7.55
N LEU C 39 -15.27 25.44 7.08
CA LEU C 39 -14.86 26.81 7.47
C LEU C 39 -15.75 27.80 6.79
N LYS C 40 -16.06 27.49 5.53
CA LYS C 40 -16.87 28.36 4.70
C LYS C 40 -18.06 27.58 4.16
N PRO C 41 -19.20 28.25 3.97
CA PRO C 41 -20.40 27.64 3.40
C PRO C 41 -20.10 26.96 2.07
N PRO C 42 -21.01 26.08 1.61
CA PRO C 42 -20.80 25.45 0.30
C PRO C 42 -20.78 26.43 -0.88
N VAL C 55 -30.42 18.25 6.88
CA VAL C 55 -29.12 18.86 6.54
C VAL C 55 -28.97 20.36 6.80
N ARG C 56 -28.29 20.71 7.89
CA ARG C 56 -27.87 22.07 8.18
C ARG C 56 -26.33 22.21 8.02
N PHE C 57 -25.88 23.32 7.41
CA PHE C 57 -24.48 23.73 7.40
C PHE C 57 -24.19 24.79 8.50
N ARG C 58 -23.07 24.62 9.17
CA ARG C 58 -22.59 25.54 10.16
C ARG C 58 -21.06 25.71 10.02
N ASN C 59 -20.61 26.96 10.12
CA ASN C 59 -19.23 27.34 10.13
C ASN C 59 -18.58 26.87 11.39
N ALA C 60 -17.46 26.17 11.22
CA ALA C 60 -16.61 25.83 12.35
C ALA C 60 -15.17 25.51 11.92
N ASP C 61 -14.26 25.84 12.82
CA ASP C 61 -12.88 25.47 12.82
C ASP C 61 -12.72 24.21 13.65
N VAL C 62 -12.74 23.11 12.95
CA VAL C 62 -12.62 21.81 13.57
C VAL C 62 -11.47 21.70 14.57
N THR C 63 -10.49 22.61 14.43
CA THR C 63 -9.23 22.64 15.22
C THR C 63 -9.37 23.26 16.62
N ASN C 64 -10.36 24.09 16.74
CA ASN C 64 -10.50 24.94 17.87
C ASN C 64 -11.44 24.24 18.84
N GLU C 65 -11.04 24.12 20.10
CA GLU C 65 -11.87 23.43 21.10
C GLU C 65 -13.25 24.05 21.28
N ALA C 66 -13.26 25.32 21.71
CA ALA C 66 -14.51 26.10 21.90
C ALA C 66 -15.39 26.05 20.68
N ASP C 67 -14.80 26.15 19.51
CA ASP C 67 -15.63 26.16 18.31
C ASP C 67 -16.24 24.78 18.10
N ALA C 68 -15.42 23.73 18.18
CA ALA C 68 -15.93 22.36 18.13
C ALA C 68 -16.95 22.13 19.25
N THR C 69 -16.64 22.50 20.50
CA THR C 69 -17.64 22.44 21.61
C THR C 69 -19.02 23.05 21.18
N ALA C 70 -19.03 24.29 20.69
CA ALA C 70 -20.27 24.94 20.28
C ALA C 70 -20.99 24.17 19.19
N ALA C 71 -20.24 23.69 18.19
CA ALA C 71 -20.87 22.83 17.15
C ALA C 71 -21.62 21.60 17.73
N LEU C 72 -21.03 20.96 18.75
CA LEU C 72 -21.62 19.79 19.37
C LEU C 72 -22.81 20.15 20.25
N ALA C 73 -22.85 21.40 20.75
CA ALA C 73 -23.99 21.89 21.51
C ALA C 73 -25.13 22.17 20.56
N PHE C 74 -24.82 22.81 19.46
CA PHE C 74 -25.83 23.01 18.47
C PHE C 74 -26.49 21.68 18.16
N ALA C 75 -25.68 20.66 17.85
CA ALA C 75 -26.24 19.35 17.52
C ALA C 75 -27.02 18.74 18.69
N LYS C 76 -26.58 18.92 19.92
CA LYS C 76 -27.26 18.33 21.09
C LYS C 76 -28.61 18.97 21.27
N GLN C 77 -28.63 20.30 21.34
CA GLN C 77 -29.91 21.01 21.40
C GLN C 77 -30.77 20.59 20.20
N GLU C 78 -30.32 20.99 19.01
CA GLU C 78 -31.06 20.90 17.75
C GLU C 78 -31.62 19.51 17.39
N PHE C 79 -30.75 18.50 17.26
CA PHE C 79 -31.15 17.19 16.81
C PHE C 79 -31.25 16.12 17.86
N GLY C 80 -30.95 16.47 19.10
CA GLY C 80 -30.96 15.57 20.23
C GLY C 80 -29.89 14.59 20.66
N HIS C 81 -29.43 13.68 19.81
CA HIS C 81 -28.30 12.79 20.12
C HIS C 81 -27.43 12.53 18.89
N VAL C 82 -26.15 12.26 19.07
CA VAL C 82 -25.29 12.12 17.91
C VAL C 82 -24.95 10.66 17.63
N HIS C 83 -25.14 10.20 16.40
CA HIS C 83 -24.82 8.82 16.08
C HIS C 83 -23.49 8.62 15.34
N GLY C 84 -23.08 9.65 14.56
CA GLY C 84 -22.13 9.46 13.48
C GLY C 84 -21.15 10.62 13.30
N LEU C 85 -19.90 10.29 13.01
CA LEU C 85 -18.90 11.30 12.74
C LEU C 85 -18.05 10.88 11.59
N VAL C 86 -18.03 11.72 10.57
CA VAL C 86 -17.18 11.54 9.41
C VAL C 86 -16.23 12.75 9.29
N ASN C 87 -14.99 12.46 9.62
CA ASN C 87 -13.88 13.41 9.49
C ASN C 87 -13.39 13.42 8.02
N CYS C 88 -13.75 14.45 7.25
CA CYS C 88 -13.26 14.66 5.90
C CYS C 88 -12.65 16.07 5.78
N ALA C 89 -12.44 16.75 6.89
CA ALA C 89 -11.63 17.97 6.86
C ALA C 89 -10.12 17.66 6.66
N GLY C 90 -9.53 18.18 5.60
CA GLY C 90 -8.08 17.97 5.45
C GLY C 90 -7.53 18.95 4.44
N THR C 91 -6.20 19.11 4.39
CA THR C 91 -5.55 19.73 3.24
C THR C 91 -4.43 18.85 2.75
N ALA C 92 -4.30 18.80 1.42
CA ALA C 92 -3.30 18.00 0.72
C ALA C 92 -2.21 18.85 0.03
N PRO C 93 -1.52 19.75 0.77
CA PRO C 93 -0.51 20.60 0.16
C PRO C 93 0.72 19.81 -0.29
N GLY C 94 1.63 20.48 -0.99
CA GLY C 94 2.83 19.83 -1.53
C GLY C 94 4.03 20.74 -1.43
N GLU C 95 5.10 20.29 -0.77
CA GLU C 95 6.22 21.18 -0.45
C GLU C 95 7.47 20.37 -0.14
N LYS C 96 8.55 20.64 -0.85
CA LYS C 96 9.79 19.94 -0.58
C LYS C 96 10.38 20.28 0.77
N ILE C 97 10.97 19.28 1.42
CA ILE C 97 11.72 19.51 2.65
C ILE C 97 12.89 20.47 2.34
N LEU C 98 13.47 20.31 1.15
CA LEU C 98 14.53 21.20 0.71
C LEU C 98 14.23 21.78 -0.63
N GLY C 99 13.84 23.06 -0.59
CA GLY C 99 13.53 23.82 -1.81
C GLY C 99 14.60 24.85 -2.19
N ARG C 100 14.56 25.32 -3.43
CA ARG C 100 15.48 26.39 -3.88
C ARG C 100 15.45 27.58 -2.93
N SER C 101 14.25 27.81 -2.36
CA SER C 101 14.00 28.86 -1.38
C SER C 101 14.74 28.59 -0.06
N GLY C 102 14.94 27.30 0.23
CA GLY C 102 15.47 26.89 1.51
C GLY C 102 14.65 25.73 2.08
N PRO C 103 14.85 25.43 3.36
CA PRO C 103 14.10 24.34 3.97
C PRO C 103 12.61 24.71 4.12
N HIS C 104 11.78 23.68 3.97
CA HIS C 104 10.34 23.67 4.22
C HIS C 104 9.95 24.50 5.43
N ALA C 105 9.03 25.41 5.24
CA ALA C 105 8.62 26.28 6.34
C ALA C 105 8.04 25.44 7.51
N LEU C 106 8.43 25.75 8.74
CA LEU C 106 7.88 25.06 9.90
C LEU C 106 6.37 25.31 10.13
N ASP C 107 5.92 26.57 9.98
CA ASP C 107 4.51 27.02 10.17
C ASP C 107 3.63 26.16 9.35
N SER C 108 4.14 25.75 8.21
CA SER C 108 3.34 25.16 7.19
C SER C 108 3.13 23.68 7.57
N PHE C 109 4.20 22.97 7.91
CA PHE C 109 4.04 21.62 8.45
C PHE C 109 3.05 21.63 9.63
N ALA C 110 3.19 22.61 10.50
CA ALA C 110 2.37 22.62 11.69
C ALA C 110 0.89 22.86 11.35
N ARG C 111 0.61 23.66 10.33
CA ARG C 111 -0.78 23.94 9.98
C ARG C 111 -1.47 22.70 9.38
N THR C 112 -0.73 21.94 8.60
CA THR C 112 -1.23 20.77 7.92
C THR C 112 -1.57 19.67 8.96
N VAL C 113 -0.76 19.62 10.01
CA VAL C 113 -0.85 18.70 11.10
C VAL C 113 -1.98 19.12 12.04
N ALA C 114 -2.20 20.44 12.13
CA ALA C 114 -3.32 21.00 12.87
C ALA C 114 -4.67 20.63 12.23
N VAL C 115 -4.81 20.88 10.94
CA VAL C 115 -6.05 20.58 10.25
C VAL C 115 -6.31 19.07 10.11
N ASN C 116 -5.30 18.29 9.76
CA ASN C 116 -5.53 16.88 9.49
C ASN C 116 -5.63 15.98 10.72
N LEU C 117 -4.76 16.20 11.68
CA LEU C 117 -4.58 15.32 12.80
C LEU C 117 -5.28 15.89 14.02
N ILE C 118 -4.91 17.08 14.39
CA ILE C 118 -5.41 17.71 15.57
C ILE C 118 -6.89 18.03 15.47
N GLY C 119 -7.33 18.49 14.34
CA GLY C 119 -8.72 18.61 14.05
C GLY C 119 -9.52 17.35 14.02
N THR C 120 -8.98 16.30 13.47
CA THR C 120 -9.64 15.03 13.59
C THR C 120 -9.79 14.49 15.01
N PHE C 121 -8.77 14.62 15.82
CA PHE C 121 -8.80 14.15 17.17
C PHE C 121 -9.77 14.88 18.02
N ASN C 122 -9.85 16.18 17.84
CA ASN C 122 -10.74 17.06 18.56
C ASN C 122 -12.22 16.62 18.32
N ILE C 124 -13.22 13.71 17.20
CA ILE C 124 -13.38 12.45 17.84
C ILE C 124 -13.63 12.61 19.34
N ARG C 125 -12.81 13.35 20.09
CA ARG C 125 -12.96 13.26 21.53
C ARG C 125 -14.35 13.81 21.96
N LEU C 126 -14.84 14.86 21.28
CA LEU C 126 -16.15 15.48 21.61
C LEU C 126 -17.38 14.72 21.06
N ALA C 127 -17.27 14.17 19.84
CA ALA C 127 -18.36 13.42 19.31
C ALA C 127 -18.46 12.18 20.16
N ALA C 128 -17.32 11.56 20.48
CA ALA C 128 -17.34 10.35 21.33
C ALA C 128 -18.06 10.55 22.64
N GLU C 129 -17.88 11.71 23.29
CA GLU C 129 -18.46 11.98 24.61
C GLU C 129 -19.98 11.94 24.58
N VAL C 130 -20.53 12.53 23.52
CA VAL C 130 -21.96 12.62 23.29
C VAL C 130 -22.55 11.24 22.91
N SER C 132 -21.33 8.34 23.63
CA SER C 132 -21.23 7.74 24.96
C SER C 132 -22.56 7.69 25.80
N GLN C 133 -23.37 8.73 25.65
CA GLN C 133 -24.52 9.03 26.49
C GLN C 133 -25.82 8.58 25.83
N GLY C 134 -25.70 8.07 24.61
CA GLY C 134 -26.80 7.63 23.81
C GLY C 134 -27.10 6.20 24.11
N GLU C 135 -28.11 5.64 23.45
CA GLU C 135 -28.50 4.29 23.68
C GLU C 135 -28.02 3.40 22.53
N PRO C 136 -27.56 2.21 22.87
CA PRO C 136 -27.01 1.23 21.97
C PRO C 136 -28.08 0.63 21.08
N ASP C 137 -27.79 0.42 19.80
CA ASP C 137 -28.73 -0.11 18.85
C ASP C 137 -28.79 -1.62 19.04
N ALA C 138 -29.43 -2.32 18.11
CA ALA C 138 -29.58 -3.78 18.25
C ALA C 138 -28.28 -4.58 18.48
N ASP C 139 -27.12 -4.07 18.02
CA ASP C 139 -25.84 -4.78 18.17
C ASP C 139 -25.02 -4.26 19.35
N GLY C 140 -25.56 -3.30 20.07
CA GLY C 140 -24.83 -2.69 21.16
C GLY C 140 -24.00 -1.48 20.74
N GLU C 141 -24.33 -0.88 19.60
CA GLU C 141 -23.55 0.20 19.05
C GLU C 141 -24.12 1.55 19.36
N ARG C 142 -23.23 2.44 19.77
CA ARG C 142 -23.60 3.81 20.11
C ARG C 142 -23.14 4.88 19.15
N GLY C 143 -22.06 4.63 18.42
CA GLY C 143 -21.73 5.45 17.27
C GLY C 143 -20.69 4.80 16.36
N VAL C 144 -20.48 5.42 15.20
CA VAL C 144 -19.40 5.06 14.30
C VAL C 144 -18.69 6.35 13.95
N ILE C 145 -17.36 6.27 13.97
CA ILE C 145 -16.44 7.32 13.61
C ILE C 145 -15.67 6.82 12.41
N VAL C 146 -15.82 7.51 11.28
CA VAL C 146 -15.01 7.24 10.10
C VAL C 146 -14.05 8.42 9.85
N ASN C 147 -12.76 8.09 9.69
CA ASN C 147 -11.67 9.08 9.46
C ASN C 147 -11.12 8.94 8.07
N THR C 148 -10.69 10.06 7.52
CA THR C 148 -10.11 10.09 6.20
C THR C 148 -8.63 10.24 6.42
N ALA C 149 -7.85 9.19 6.18
CA ALA C 149 -6.37 9.35 6.01
C ALA C 149 -6.08 9.61 4.56
N SER C 150 -5.13 8.86 4.06
CA SER C 150 -4.72 9.02 2.71
C SER C 150 -3.79 7.89 2.48
N ILE C 151 -3.74 7.45 1.25
CA ILE C 151 -2.69 6.50 0.82
C ILE C 151 -1.26 7.09 0.97
N ALA C 152 -1.18 8.43 1.07
CA ALA C 152 0.12 9.08 1.38
C ALA C 152 0.76 8.61 2.70
N ALA C 153 -0.07 8.24 3.66
CA ALA C 153 0.43 7.72 4.93
C ALA C 153 1.27 6.45 4.77
N PHE C 154 1.13 5.70 3.68
CA PHE C 154 1.98 4.53 3.44
C PHE C 154 2.93 4.63 2.22
N ASP C 155 2.60 5.51 1.24
CA ASP C 155 3.24 5.66 -0.07
C ASP C 155 3.71 7.12 -0.29
N GLY C 156 4.02 7.85 0.78
CA GLY C 156 4.42 9.25 0.63
C GLY C 156 5.35 9.46 -0.57
N GLN C 157 5.02 10.44 -1.40
CA GLN C 157 5.93 10.78 -2.45
C GLN C 157 6.71 12.06 -2.14
N ILE C 158 7.65 12.40 -3.03
CA ILE C 158 8.37 13.67 -2.92
C ILE C 158 7.39 14.84 -2.90
N GLY C 159 7.44 15.63 -1.84
CA GLY C 159 6.57 16.79 -1.73
C GLY C 159 5.49 16.65 -0.66
N GLN C 160 5.41 15.46 -0.07
CA GLN C 160 4.22 15.06 0.68
C GLN C 160 4.58 14.78 2.12
N ALA C 161 5.68 15.34 2.61
CA ALA C 161 6.02 15.01 3.98
C ALA C 161 4.94 15.45 5.00
N ALA C 162 4.38 16.63 4.84
CA ALA C 162 3.47 17.22 5.82
C ALA C 162 2.17 16.39 5.86
N TYR C 163 1.61 16.15 4.68
CA TYR C 163 0.42 15.41 4.41
C TYR C 163 0.61 13.98 4.80
N ALA C 164 1.70 13.36 4.36
CA ALA C 164 1.98 11.96 4.71
C ALA C 164 2.06 11.75 6.22
N ALA C 165 2.82 12.59 6.92
CA ALA C 165 3.01 12.46 8.36
C ALA C 165 1.70 12.73 9.14
N SER C 166 0.96 13.69 8.62
CA SER C 166 -0.28 14.10 9.19
C SER C 166 -1.42 13.03 9.06
N LYS C 167 -1.51 12.42 7.88
CA LYS C 167 -2.47 11.40 7.55
C LYS C 167 -2.00 10.11 8.16
N GLY C 168 -0.70 9.99 8.38
CA GLY C 168 -0.15 8.76 8.93
C GLY C 168 -0.46 8.69 10.42
N GLY C 169 -0.54 9.85 11.06
CA GLY C 169 -0.94 9.94 12.50
C GLY C 169 -2.45 9.67 12.73
N VAL C 170 -3.28 10.05 11.77
CA VAL C 170 -4.68 9.70 11.72
C VAL C 170 -4.83 8.18 11.56
N ALA C 171 -4.05 7.59 10.66
CA ALA C 171 -4.09 6.14 10.50
C ALA C 171 -3.76 5.48 11.81
N ALA C 172 -2.68 5.88 12.47
CA ALA C 172 -2.24 5.16 13.67
C ALA C 172 -3.17 5.40 14.87
N LEU C 173 -3.94 6.45 14.81
CA LEU C 173 -4.93 6.79 15.80
C LEU C 173 -6.06 5.76 15.86
N THR C 174 -6.42 5.20 14.72
CA THR C 174 -7.54 4.32 14.60
C THR C 174 -7.67 3.24 15.69
N LEU C 175 -6.61 2.47 15.86
CA LEU C 175 -6.69 1.31 16.70
C LEU C 175 -6.76 1.62 18.20
N PRO C 176 -5.90 2.54 18.74
CA PRO C 176 -6.00 2.86 20.17
C PRO C 176 -7.35 3.46 20.51
N ALA C 177 -7.88 4.28 19.58
CA ALA C 177 -9.22 4.86 19.65
C ALA C 177 -10.32 3.75 19.64
N ALA C 178 -10.34 2.85 18.65
CA ALA C 178 -11.32 1.72 18.67
C ALA C 178 -11.17 0.85 19.92
N ARG C 179 -9.94 0.63 20.35
CA ARG C 179 -9.78 -0.18 21.53
C ARG C 179 -10.45 0.45 22.74
N GLU C 180 -10.32 1.77 22.91
CA GLU C 180 -10.88 2.43 24.05
C GLU C 180 -12.40 2.57 23.90
N LEU C 181 -12.84 3.01 22.73
CA LEU C 181 -14.21 3.32 22.48
C LEU C 181 -15.16 2.07 22.42
N ALA C 182 -14.55 0.89 22.25
CA ALA C 182 -15.22 -0.42 22.31
C ALA C 182 -16.12 -0.56 23.55
N ARG C 183 -15.61 -0.05 24.69
CA ARG C 183 -16.27 0.07 25.99
C ARG C 183 -17.70 0.59 25.84
N PHE C 184 -17.90 1.57 24.96
CA PHE C 184 -19.17 2.20 24.74
C PHE C 184 -19.84 1.76 23.47
N GLY C 185 -19.36 0.71 22.84
CA GLY C 185 -19.94 0.38 21.54
C GLY C 185 -19.80 1.48 20.49
N ILE C 186 -18.67 2.20 20.53
CA ILE C 186 -18.33 3.12 19.43
C ILE C 186 -17.23 2.54 18.53
N ARG C 187 -17.53 2.37 17.24
CA ARG C 187 -16.54 1.87 16.31
C ARG C 187 -15.69 3.00 15.73
N VAL C 188 -14.41 2.72 15.43
CA VAL C 188 -13.56 3.70 14.75
C VAL C 188 -12.87 3.03 13.56
N VAL C 189 -13.12 3.60 12.39
CA VAL C 189 -12.57 3.11 11.15
C VAL C 189 -11.97 4.26 10.30
N THR C 190 -10.86 4.00 9.64
CA THR C 190 -10.23 5.01 8.85
C THR C 190 -10.20 4.50 7.44
N ILE C 191 -10.48 5.37 6.49
CA ILE C 191 -10.30 5.09 5.08
C ILE C 191 -9.06 5.82 4.50
N ALA C 192 -8.29 5.15 3.65
CA ALA C 192 -7.12 5.78 3.07
C ALA C 192 -7.38 5.93 1.59
N PRO C 193 -7.89 7.08 1.17
CA PRO C 193 -8.22 7.19 -0.26
C PRO C 193 -6.99 7.33 -1.19
N GLY C 194 -7.14 6.98 -2.45
CA GLY C 194 -6.10 7.26 -3.44
C GLY C 194 -6.49 8.58 -4.12
N ILE C 195 -6.39 8.63 -5.44
CA ILE C 195 -6.67 9.88 -6.15
C ILE C 195 -8.14 9.96 -6.48
N PHE C 196 -8.81 10.97 -5.95
CA PHE C 196 -10.23 11.17 -6.23
C PHE C 196 -10.40 12.53 -6.86
N ASP C 197 -11.44 12.68 -7.62
CA ASP C 197 -11.64 13.90 -8.31
C ASP C 197 -12.36 14.89 -7.40
N THR C 198 -11.60 15.55 -6.57
CA THR C 198 -12.10 16.51 -5.63
C THR C 198 -11.24 17.76 -5.62
N PRO C 199 -11.77 18.89 -5.18
CA PRO C 199 -11.89 20.08 -6.00
C PRO C 199 -10.63 20.53 -6.70
N ALA C 214 -4.51 7.85 -14.57
CA ALA C 214 -3.68 7.49 -15.74
C ALA C 214 -2.72 6.39 -15.34
N SER C 215 -2.06 6.57 -14.22
CA SER C 215 -1.27 5.53 -13.64
C SER C 215 -2.04 4.54 -12.75
N VAL C 216 -3.31 4.81 -12.42
CA VAL C 216 -4.07 3.96 -11.50
C VAL C 216 -4.39 2.65 -12.21
N PRO C 217 -3.99 1.50 -11.60
CA PRO C 217 -4.09 0.22 -12.28
C PRO C 217 -5.47 -0.15 -12.83
N PHE C 218 -6.46 -0.25 -11.95
CA PHE C 218 -7.86 -0.33 -12.33
C PHE C 218 -8.76 0.14 -11.19
N PRO C 219 -9.78 0.95 -11.46
CA PRO C 219 -10.19 1.56 -12.72
C PRO C 219 -9.21 2.70 -13.10
N PRO C 220 -8.81 2.79 -14.37
CA PRO C 220 -7.69 3.67 -14.69
C PRO C 220 -8.15 5.11 -14.82
N ARG C 221 -8.73 5.63 -13.74
CA ARG C 221 -9.35 6.94 -13.64
C ARG C 221 -9.27 7.44 -12.18
N LEU C 222 -9.54 8.71 -11.99
CA LEU C 222 -9.73 9.28 -10.69
C LEU C 222 -11.00 8.70 -10.01
N GLY C 223 -11.00 8.53 -8.70
CA GLY C 223 -12.23 8.13 -8.06
C GLY C 223 -13.33 9.20 -8.03
N ARG C 224 -14.59 8.77 -8.08
CA ARG C 224 -15.68 9.70 -7.97
C ARG C 224 -15.90 9.79 -6.46
N ALA C 225 -16.27 10.93 -5.95
CA ALA C 225 -16.46 11.10 -4.53
C ALA C 225 -17.53 10.18 -4.00
N GLU C 226 -18.48 9.85 -4.84
CA GLU C 226 -19.60 9.02 -4.48
C GLU C 226 -19.16 7.62 -4.05
N GLU C 227 -18.12 7.10 -4.67
CA GLU C 227 -17.48 5.87 -4.28
C GLU C 227 -16.89 5.91 -2.90
N TYR C 228 -16.38 7.06 -2.49
CA TYR C 228 -15.88 7.17 -1.16
C TYR C 228 -17.04 7.14 -0.18
N ALA C 229 -18.15 7.80 -0.53
CA ALA C 229 -19.32 7.87 0.36
C ALA C 229 -19.95 6.50 0.52
N ALA C 230 -19.81 5.65 -0.50
CA ALA C 230 -20.40 4.33 -0.44
C ALA C 230 -19.58 3.39 0.45
N LEU C 231 -18.26 3.52 0.45
CA LEU C 231 -17.48 2.83 1.49
C LEU C 231 -17.86 3.30 2.91
N VAL C 232 -18.01 4.60 3.12
CA VAL C 232 -18.44 5.09 4.40
C VAL C 232 -19.82 4.45 4.85
N LYS C 233 -20.70 4.27 3.87
CA LYS C 233 -22.01 3.79 4.15
C LYS C 233 -21.85 2.31 4.46
N HIS C 234 -20.99 1.61 3.68
CA HIS C 234 -20.79 0.23 4.04
C HIS C 234 -20.22 0.09 5.42
N ILE C 235 -19.23 0.92 5.77
CA ILE C 235 -18.69 0.90 7.14
C ILE C 235 -19.76 1.10 8.20
N CYS C 236 -20.64 2.07 8.00
CA CYS C 236 -21.80 2.28 8.93
C CYS C 236 -22.64 1.00 9.12
N GLU C 237 -22.91 0.31 8.01
CA GLU C 237 -23.71 -0.93 7.96
C GLU C 237 -23.03 -2.16 8.54
N ASN C 238 -21.70 -2.26 8.38
CA ASN C 238 -21.02 -3.50 8.73
C ASN C 238 -20.33 -3.41 10.09
N THR C 239 -20.96 -4.07 11.07
CA THR C 239 -20.56 -4.02 12.49
C THR C 239 -19.21 -4.64 12.73
N LEU C 241 -16.57 -4.22 10.97
CA LEU C 241 -15.48 -3.32 10.58
C LEU C 241 -15.15 -2.43 11.72
N ASN C 242 -13.96 -2.60 12.25
CA ASN C 242 -13.58 -1.84 13.40
C ASN C 242 -12.04 -1.82 13.49
N GLY C 243 -11.52 -0.65 13.78
CA GLY C 243 -10.11 -0.50 14.16
C GLY C 243 -9.18 -0.64 12.98
N GLU C 244 -9.72 -0.66 11.77
CA GLU C 244 -8.96 -0.96 10.55
C GLU C 244 -8.75 0.30 9.68
N VAL C 245 -7.70 0.27 8.87
CA VAL C 245 -7.42 1.33 7.84
C VAL C 245 -7.62 0.64 6.49
N ILE C 246 -8.52 1.16 5.69
CA ILE C 246 -8.94 0.50 4.45
C ILE C 246 -8.47 1.38 3.27
N ARG C 247 -7.62 0.83 2.42
CA ARG C 247 -7.11 1.58 1.27
C ARG C 247 -8.17 1.57 0.19
N LEU C 248 -8.50 2.76 -0.30
CA LEU C 248 -9.44 2.82 -1.41
C LEU C 248 -8.87 3.53 -2.63
N ASP C 249 -8.21 2.78 -3.48
CA ASP C 249 -7.29 3.46 -4.40
C ASP C 249 -7.04 2.84 -5.75
N GLY C 250 -7.92 1.94 -6.21
CA GLY C 250 -7.73 1.24 -7.48
C GLY C 250 -6.41 0.51 -7.57
N ALA C 251 -5.87 0.06 -6.42
CA ALA C 251 -4.59 -0.70 -6.47
C ALA C 251 -3.32 0.16 -6.79
N LEU C 252 -3.46 1.48 -6.75
CA LEU C 252 -2.33 2.41 -6.92
C LEU C 252 -1.32 2.34 -5.79
N ARG C 253 -0.05 2.24 -6.14
CA ARG C 253 1.04 2.48 -5.21
C ARG C 253 1.83 3.68 -5.69
N GLN D 4 29.92 -11.85 20.23
CA GLN D 4 30.80 -12.48 19.18
C GLN D 4 30.16 -13.73 18.61
N LEU D 5 30.47 -13.99 17.34
CA LEU D 5 29.96 -15.14 16.63
C LEU D 5 30.94 -16.33 16.77
N LYS D 6 32.09 -16.04 17.39
CA LYS D 6 33.15 -17.03 17.65
C LYS D 6 32.67 -18.35 18.23
N SER D 7 33.01 -19.44 17.56
CA SER D 7 32.74 -20.80 18.10
C SER D 7 31.30 -21.19 17.96
N ARG D 8 30.47 -20.29 17.47
CA ARG D 8 29.07 -20.62 17.23
C ARG D 8 28.91 -21.37 15.91
N VAL D 9 27.97 -22.31 15.88
CA VAL D 9 27.73 -23.16 14.71
C VAL D 9 26.45 -22.75 13.97
N PHE D 10 26.61 -22.38 12.71
CA PHE D 10 25.52 -21.94 11.85
C PHE D 10 25.27 -22.86 10.70
N ILE D 11 23.98 -23.03 10.39
CA ILE D 11 23.58 -23.64 9.15
C ILE D 11 23.10 -22.55 8.22
N VAL D 12 23.54 -22.62 6.99
CA VAL D 12 23.18 -21.66 6.03
C VAL D 12 22.73 -22.46 4.83
N THR D 13 21.69 -21.93 4.19
CA THR D 13 20.95 -22.55 3.14
C THR D 13 21.16 -21.73 1.86
N GLY D 14 21.07 -22.37 0.69
CA GLY D 14 21.55 -21.72 -0.54
C GLY D 14 22.93 -21.12 -0.42
N ALA D 15 23.83 -21.87 0.20
CA ALA D 15 25.17 -21.42 0.56
C ALA D 15 26.19 -21.24 -0.62
N SER D 16 25.86 -21.81 -1.79
CA SER D 16 26.78 -21.86 -2.91
C SER D 16 26.90 -20.59 -3.72
N SER D 17 25.91 -19.69 -3.63
CA SER D 17 25.96 -18.42 -4.34
C SER D 17 25.17 -17.30 -3.66
N GLY D 18 25.37 -16.08 -4.13
CA GLY D 18 24.50 -14.99 -3.84
C GLY D 18 24.50 -14.63 -2.38
N LEU D 19 23.31 -14.63 -1.77
CA LEU D 19 23.17 -14.21 -0.40
C LEU D 19 23.69 -15.26 0.56
N GLY D 20 23.32 -16.52 0.37
CA GLY D 20 23.83 -17.52 1.29
C GLY D 20 25.35 -17.58 1.26
N ALA D 21 25.94 -17.41 0.07
CA ALA D 21 27.38 -17.42 -0.06
C ALA D 21 27.96 -16.29 0.80
N ALA D 22 27.42 -15.09 0.68
CA ALA D 22 28.08 -14.02 1.37
C ALA D 22 27.90 -14.16 2.88
N VAL D 23 26.81 -14.79 3.31
CA VAL D 23 26.53 -15.02 4.73
C VAL D 23 27.56 -16.00 5.31
N THR D 24 27.81 -17.06 4.53
CA THR D 24 28.77 -18.08 4.89
C THR D 24 30.16 -17.41 5.00
N ARG D 25 30.50 -16.60 4.03
CA ARG D 25 31.72 -15.84 4.12
C ARG D 25 31.86 -15.02 5.40
N LEU D 27 30.32 -15.27 8.23
CA LEU D 27 30.43 -16.11 9.41
C LEU D 27 31.83 -16.73 9.54
N ALA D 28 32.39 -17.22 8.44
CA ALA D 28 33.77 -17.78 8.45
C ALA D 28 34.81 -16.78 8.96
N GLN D 29 34.77 -15.56 8.41
CA GLN D 29 35.55 -14.43 8.90
C GLN D 29 35.29 -14.02 10.36
N GLU D 30 34.12 -14.29 10.93
CA GLU D 30 33.91 -13.99 12.38
C GLU D 30 34.20 -15.20 13.25
N GLY D 31 34.75 -16.23 12.65
CA GLY D 31 35.24 -17.39 13.38
C GLY D 31 34.22 -18.43 13.75
N ALA D 32 33.09 -18.42 13.05
CA ALA D 32 32.00 -19.38 13.26
C ALA D 32 32.19 -20.69 12.47
N THR D 33 31.72 -21.78 13.04
CA THR D 33 31.63 -23.02 12.32
C THR D 33 30.39 -22.99 11.38
N VAL D 34 30.57 -23.28 10.11
CA VAL D 34 29.45 -23.13 9.18
C VAL D 34 29.12 -24.43 8.41
N LEU D 35 27.85 -24.84 8.45
CA LEU D 35 27.36 -25.91 7.63
C LEU D 35 26.64 -25.31 6.42
N GLY D 36 27.29 -25.37 5.27
CA GLY D 36 26.75 -24.80 4.07
C GLY D 36 25.95 -25.80 3.29
N LEU D 37 24.63 -25.63 3.25
CA LEU D 37 23.73 -26.49 2.44
C LEU D 37 23.37 -25.81 1.15
N ASP D 38 23.28 -26.61 0.08
CA ASP D 38 22.78 -26.22 -1.25
C ASP D 38 22.70 -27.45 -2.16
N LEU D 39 22.29 -27.25 -3.41
CA LEU D 39 22.07 -28.36 -4.34
C LEU D 39 23.37 -28.70 -5.02
N LYS D 40 24.13 -27.67 -5.38
CA LYS D 40 25.44 -27.81 -6.00
C LYS D 40 26.48 -26.99 -5.20
N PRO D 41 27.73 -27.50 -5.06
CA PRO D 41 28.88 -26.76 -4.49
C PRO D 41 29.25 -25.45 -5.24
N PRO D 42 30.12 -24.59 -4.62
CA PRO D 42 30.71 -23.43 -5.33
C PRO D 42 31.14 -23.74 -6.78
N VAL D 55 34.12 -24.45 8.46
CA VAL D 55 33.10 -24.49 7.38
C VAL D 55 33.10 -25.72 6.43
N ARG D 56 32.00 -26.47 6.42
CA ARG D 56 31.79 -27.68 5.62
C ARG D 56 30.54 -27.57 4.72
N PHE D 57 30.68 -27.87 3.43
CA PHE D 57 29.58 -27.89 2.49
C PHE D 57 28.97 -29.29 2.30
N ARG D 58 27.63 -29.37 2.35
CA ARG D 58 26.92 -30.59 2.01
C ARG D 58 25.86 -30.30 0.96
N ASN D 59 25.60 -31.28 0.09
CA ASN D 59 24.55 -31.15 -0.92
C ASN D 59 23.26 -31.61 -0.31
N ALA D 60 22.26 -30.73 -0.32
CA ALA D 60 20.95 -31.04 0.24
C ALA D 60 19.84 -30.31 -0.50
N ASP D 61 18.67 -30.97 -0.59
CA ASP D 61 17.42 -30.35 -1.00
C ASP D 61 16.59 -29.99 0.24
N VAL D 62 16.65 -28.71 0.56
CA VAL D 62 16.08 -28.06 1.76
C VAL D 62 14.58 -28.40 1.94
N THR D 63 14.00 -28.88 0.84
CA THR D 63 12.59 -29.31 0.73
C THR D 63 12.27 -30.76 1.13
N ASN D 64 13.26 -31.64 0.98
CA ASN D 64 13.17 -33.05 1.34
C ASN D 64 13.33 -33.26 2.85
N GLU D 65 12.38 -33.93 3.48
CA GLU D 65 12.50 -34.22 4.93
C GLU D 65 13.78 -35.00 5.30
N ALA D 66 14.14 -35.99 4.49
CA ALA D 66 15.31 -36.84 4.84
C ALA D 66 16.65 -36.14 4.65
N ASP D 67 16.73 -35.28 3.65
CA ASP D 67 17.93 -34.47 3.48
C ASP D 67 18.14 -33.49 4.62
N ALA D 68 17.04 -32.97 5.13
CA ALA D 68 17.04 -31.99 6.14
C ALA D 68 17.32 -32.67 7.49
N THR D 69 16.73 -33.84 7.70
CA THR D 69 17.07 -34.59 8.91
C THR D 69 18.54 -35.03 8.91
N ALA D 70 19.04 -35.52 7.76
CA ALA D 70 20.47 -35.89 7.61
C ALA D 70 21.47 -34.74 7.84
N ALA D 71 21.08 -33.51 7.53
CA ALA D 71 21.93 -32.35 7.74
C ALA D 71 21.99 -31.94 9.21
N LEU D 72 20.87 -32.04 9.91
CA LEU D 72 20.81 -31.70 11.33
C LEU D 72 21.53 -32.77 12.16
N ALA D 73 21.23 -34.05 11.94
CA ALA D 73 22.01 -35.14 12.56
C ALA D 73 23.52 -34.93 12.34
N PHE D 74 23.89 -34.63 11.08
CA PHE D 74 25.27 -34.44 10.70
C PHE D 74 25.89 -33.39 11.59
N ALA D 75 25.32 -32.19 11.56
CA ALA D 75 25.81 -31.08 12.36
C ALA D 75 25.62 -31.27 13.87
N LYS D 76 24.67 -32.08 14.30
CA LYS D 76 24.61 -32.42 15.72
C LYS D 76 25.81 -33.31 16.10
N GLN D 77 25.95 -34.47 15.46
CA GLN D 77 27.14 -35.31 15.66
C GLN D 77 28.48 -34.56 15.45
N GLU D 78 28.68 -33.96 14.27
CA GLU D 78 29.95 -33.27 13.92
C GLU D 78 30.37 -32.09 14.81
N PHE D 79 29.45 -31.16 15.11
CA PHE D 79 29.84 -29.95 15.85
C PHE D 79 29.27 -29.85 17.26
N GLY D 80 28.25 -30.64 17.57
CA GLY D 80 27.72 -30.74 18.92
C GLY D 80 26.49 -29.90 19.20
N HIS D 81 26.40 -28.74 18.54
CA HIS D 81 25.29 -27.83 18.75
C HIS D 81 24.88 -27.26 17.41
N VAL D 82 23.81 -26.47 17.43
CA VAL D 82 23.45 -25.60 16.33
C VAL D 82 23.00 -24.35 17.06
N HIS D 83 23.54 -23.21 16.67
CA HIS D 83 23.11 -21.92 17.26
C HIS D 83 22.35 -20.98 16.32
N GLY D 84 22.40 -21.31 15.03
CA GLY D 84 22.07 -20.35 13.98
C GLY D 84 21.57 -21.05 12.74
N LEU D 85 20.42 -20.58 12.23
CA LEU D 85 19.93 -20.97 10.94
C LEU D 85 19.71 -19.68 10.18
N VAL D 86 20.36 -19.57 8.99
CA VAL D 86 20.09 -18.53 8.01
C VAL D 86 19.52 -19.15 6.71
N ASN D 87 18.25 -18.89 6.42
CA ASN D 87 17.59 -19.46 5.24
C ASN D 87 17.80 -18.52 4.07
N CYS D 88 18.63 -18.96 3.13
CA CYS D 88 18.83 -18.17 1.90
C CYS D 88 18.49 -18.92 0.63
N ALA D 89 18.16 -20.20 0.69
CA ALA D 89 17.70 -20.92 -0.53
C ALA D 89 16.43 -20.29 -1.11
N GLY D 90 16.37 -20.14 -2.42
CA GLY D 90 15.22 -19.49 -3.00
C GLY D 90 15.32 -19.38 -4.48
N THR D 91 14.16 -19.29 -5.14
CA THR D 91 14.06 -19.07 -6.58
C THR D 91 13.15 -17.90 -6.74
N ALA D 92 13.31 -17.22 -7.86
CA ALA D 92 12.59 -16.00 -8.15
C ALA D 92 12.14 -15.97 -9.63
N PRO D 93 11.35 -16.98 -10.04
CA PRO D 93 10.76 -16.88 -11.39
C PRO D 93 9.81 -15.68 -11.58
N GLY D 94 9.57 -15.35 -12.84
CA GLY D 94 8.51 -14.43 -13.24
C GLY D 94 7.73 -15.20 -14.31
N GLU D 95 6.41 -15.20 -14.16
CA GLU D 95 5.51 -15.82 -15.09
C GLU D 95 4.19 -15.10 -14.85
N LYS D 96 3.51 -14.68 -15.91
CA LYS D 96 2.22 -14.04 -15.72
C LYS D 96 1.14 -15.05 -15.34
N ILE D 97 0.17 -14.58 -14.57
CA ILE D 97 -1.00 -15.35 -14.31
C ILE D 97 -1.63 -15.75 -15.63
N LEU D 98 -1.88 -14.79 -16.53
CA LEU D 98 -2.56 -15.07 -17.81
C LEU D 98 -1.60 -14.73 -18.89
N GLY D 99 -0.84 -15.70 -19.36
CA GLY D 99 0.19 -15.45 -20.39
C GLY D 99 -0.27 -15.59 -21.84
N ARG D 100 0.57 -15.15 -22.78
CA ARG D 100 0.26 -15.30 -24.23
C ARG D 100 -0.16 -16.75 -24.54
N SER D 101 0.60 -17.70 -24.01
CA SER D 101 0.37 -19.15 -24.21
C SER D 101 -0.88 -19.72 -23.53
N GLY D 102 -1.08 -19.34 -22.27
CA GLY D 102 -2.20 -19.78 -21.46
C GLY D 102 -1.97 -19.35 -20.02
N PRO D 103 -2.82 -19.79 -19.10
CA PRO D 103 -2.55 -19.48 -17.69
C PRO D 103 -1.24 -20.06 -17.15
N HIS D 104 -0.75 -19.42 -16.10
CA HIS D 104 0.45 -19.76 -15.39
C HIS D 104 0.39 -21.25 -15.06
N ALA D 105 1.43 -22.03 -15.32
CA ALA D 105 1.37 -23.47 -15.00
C ALA D 105 1.10 -23.65 -13.51
N LEU D 106 0.27 -24.62 -13.15
CA LEU D 106 0.06 -24.91 -11.74
C LEU D 106 1.33 -25.34 -11.00
N ASP D 107 1.95 -26.39 -11.48
CA ASP D 107 3.08 -27.01 -10.80
C ASP D 107 4.29 -26.09 -10.67
N SER D 108 4.49 -25.20 -11.63
CA SER D 108 5.51 -24.16 -11.53
C SER D 108 5.36 -23.28 -10.25
N PHE D 109 4.11 -22.88 -9.98
CA PHE D 109 3.73 -22.07 -8.83
C PHE D 109 3.96 -22.82 -7.48
N ALA D 110 3.44 -24.05 -7.42
CA ALA D 110 3.74 -25.01 -6.35
C ALA D 110 5.22 -25.18 -6.10
N ARG D 111 6.00 -25.30 -7.15
CA ARG D 111 7.42 -25.53 -7.02
C ARG D 111 8.13 -24.32 -6.33
N THR D 112 7.76 -23.12 -6.70
CA THR D 112 8.30 -21.90 -6.11
C THR D 112 7.88 -21.74 -4.67
N VAL D 113 6.62 -22.06 -4.37
CA VAL D 113 6.14 -22.11 -2.99
C VAL D 113 6.92 -23.17 -2.20
N ALA D 114 7.15 -24.33 -2.82
CA ALA D 114 7.85 -25.43 -2.14
C ALA D 114 9.33 -25.08 -1.80
N VAL D 115 10.07 -24.53 -2.75
CA VAL D 115 11.43 -24.13 -2.44
C VAL D 115 11.47 -22.97 -1.42
N ASN D 116 10.74 -21.90 -1.69
CA ASN D 116 10.82 -20.67 -0.90
C ASN D 116 10.15 -20.82 0.48
N LEU D 117 8.97 -21.42 0.54
CA LEU D 117 8.22 -21.50 1.78
C LEU D 117 8.33 -22.87 2.53
N ILE D 118 8.00 -23.98 1.86
CA ILE D 118 8.03 -25.28 2.53
C ILE D 118 9.45 -25.61 2.95
N GLY D 119 10.41 -25.27 2.07
CA GLY D 119 11.85 -25.33 2.35
C GLY D 119 12.25 -24.62 3.65
N THR D 120 11.87 -23.35 3.82
CA THR D 120 12.35 -22.65 4.98
C THR D 120 11.67 -23.19 6.24
N PHE D 121 10.41 -23.61 6.12
CA PHE D 121 9.73 -24.20 7.26
C PHE D 121 10.33 -25.53 7.70
N ASN D 122 10.70 -26.37 6.75
CA ASN D 122 11.36 -27.64 7.02
C ASN D 122 12.62 -27.40 7.84
N ILE D 124 13.41 -24.77 9.56
CA ILE D 124 13.06 -24.18 10.81
C ILE D 124 12.55 -25.16 11.84
N ARG D 125 11.69 -26.04 11.44
CA ARG D 125 11.24 -26.99 12.37
C ARG D 125 12.34 -27.94 12.87
N LEU D 126 13.18 -28.39 11.98
CA LEU D 126 14.29 -29.21 12.38
C LEU D 126 15.46 -28.58 13.11
N ALA D 127 15.90 -27.44 12.68
CA ALA D 127 16.90 -26.68 13.42
C ALA D 127 16.43 -26.30 14.81
N ALA D 128 15.18 -25.89 14.91
CA ALA D 128 14.74 -25.34 16.13
C ALA D 128 14.71 -26.44 17.17
N GLU D 129 14.32 -27.65 16.77
CA GLU D 129 14.34 -28.82 17.63
C GLU D 129 15.72 -28.98 18.29
N VAL D 130 16.80 -29.03 17.47
CA VAL D 130 18.16 -29.05 17.96
C VAL D 130 18.53 -27.84 18.85
N SER D 132 16.86 -25.98 20.61
CA SER D 132 16.05 -26.37 21.75
C SER D 132 16.82 -27.09 22.88
N GLN D 133 17.70 -28.00 22.46
CA GLN D 133 18.34 -28.98 23.32
C GLN D 133 19.67 -28.46 23.84
N GLY D 134 20.06 -27.25 23.43
CA GLY D 134 21.33 -26.63 23.89
C GLY D 134 21.17 -25.77 25.13
N GLU D 135 22.29 -25.28 25.68
CA GLU D 135 22.30 -24.37 26.84
C GLU D 135 22.02 -22.95 26.37
N PRO D 136 21.27 -22.19 27.17
CA PRO D 136 21.15 -20.75 26.93
C PRO D 136 22.50 -20.07 27.07
N ASP D 137 22.75 -19.09 26.21
CA ASP D 137 23.94 -18.25 26.30
C ASP D 137 23.67 -17.19 27.39
N ALA D 138 24.54 -16.19 27.53
CA ALA D 138 24.41 -15.15 28.60
C ALA D 138 23.15 -14.31 28.53
N ASP D 139 22.61 -14.12 27.33
CA ASP D 139 21.32 -13.41 27.21
C ASP D 139 20.12 -14.33 27.29
N GLY D 140 20.37 -15.64 27.37
CA GLY D 140 19.31 -16.61 27.52
C GLY D 140 18.87 -17.16 26.18
N GLU D 141 19.73 -16.98 25.19
CA GLU D 141 19.44 -17.29 23.81
C GLU D 141 20.00 -18.67 23.41
N ARG D 142 19.12 -19.56 22.95
CA ARG D 142 19.57 -20.87 22.39
C ARG D 142 19.70 -20.79 20.87
N GLY D 143 19.02 -19.85 20.22
CA GLY D 143 19.17 -19.72 18.75
C GLY D 143 18.73 -18.43 18.12
N VAL D 144 19.17 -18.22 16.89
CA VAL D 144 18.72 -17.13 16.02
C VAL D 144 18.40 -17.78 14.67
N ILE D 145 17.20 -17.51 14.18
CA ILE D 145 16.83 -17.94 12.88
C ILE D 145 16.57 -16.64 12.10
N VAL D 146 17.30 -16.45 11.01
CA VAL D 146 17.02 -15.37 10.12
C VAL D 146 16.48 -15.94 8.82
N ASN D 147 15.33 -15.42 8.40
CA ASN D 147 14.82 -15.84 7.09
C ASN D 147 14.98 -14.79 6.01
N THR D 148 14.96 -15.28 4.78
CA THR D 148 15.08 -14.37 3.67
C THR D 148 13.78 -14.36 2.94
N ALA D 149 13.10 -13.23 2.99
CA ALA D 149 11.83 -13.07 2.27
C ALA D 149 12.19 -12.23 1.07
N SER D 150 11.46 -11.15 0.86
CA SER D 150 11.80 -10.24 -0.22
C SER D 150 10.80 -9.10 -0.23
N ILE D 151 11.22 -7.98 -0.76
CA ILE D 151 10.34 -6.82 -0.97
C ILE D 151 9.10 -7.14 -1.84
N ALA D 152 9.17 -8.17 -2.63
CA ALA D 152 8.03 -8.58 -3.43
C ALA D 152 6.91 -9.09 -2.50
N ALA D 153 7.22 -9.40 -1.25
CA ALA D 153 6.15 -9.80 -0.31
C ALA D 153 5.15 -8.67 -0.04
N PHE D 154 5.56 -7.42 -0.26
CA PHE D 154 4.68 -6.28 -0.04
C PHE D 154 4.42 -5.46 -1.29
N ASP D 155 5.31 -5.56 -2.29
CA ASP D 155 5.27 -4.69 -3.47
C ASP D 155 5.23 -5.59 -4.70
N GLY D 156 4.58 -6.74 -4.62
CA GLY D 156 4.60 -7.66 -5.72
C GLY D 156 4.36 -7.01 -7.08
N GLN D 157 5.30 -7.19 -7.98
CA GLN D 157 5.20 -6.63 -9.33
C GLN D 157 4.47 -7.59 -10.31
N ILE D 158 4.16 -7.10 -11.51
CA ILE D 158 3.55 -7.97 -12.53
C ILE D 158 4.47 -9.11 -12.90
N GLY D 159 3.91 -10.33 -12.92
CA GLY D 159 4.72 -11.49 -13.16
C GLY D 159 5.31 -12.09 -11.90
N GLN D 160 5.11 -11.46 -10.75
CA GLN D 160 5.76 -11.99 -9.57
C GLN D 160 4.85 -12.75 -8.62
N ALA D 161 3.67 -13.11 -9.07
CA ALA D 161 2.68 -13.74 -8.19
C ALA D 161 3.20 -14.85 -7.25
N ALA D 162 3.94 -15.79 -7.82
CA ALA D 162 4.38 -17.00 -7.13
C ALA D 162 5.47 -16.63 -6.14
N TYR D 163 6.32 -15.72 -6.59
CA TYR D 163 7.45 -15.23 -5.79
C TYR D 163 6.92 -14.42 -4.60
N ALA D 164 6.09 -13.45 -4.88
CA ALA D 164 5.45 -12.66 -3.89
C ALA D 164 4.66 -13.50 -2.82
N ALA D 165 3.86 -14.44 -3.28
CA ALA D 165 3.05 -15.22 -2.34
C ALA D 165 3.95 -16.04 -1.43
N SER D 166 4.88 -16.75 -2.06
CA SER D 166 5.99 -17.48 -1.41
C SER D 166 6.59 -16.71 -0.23
N LYS D 167 7.05 -15.49 -0.55
CA LYS D 167 7.86 -14.73 0.34
C LYS D 167 6.96 -14.09 1.37
N GLY D 168 5.74 -13.78 0.93
CA GLY D 168 4.68 -13.28 1.81
C GLY D 168 4.40 -14.32 2.87
N GLY D 169 4.42 -15.60 2.48
CA GLY D 169 4.33 -16.73 3.37
C GLY D 169 5.42 -16.67 4.40
N VAL D 170 6.66 -16.43 3.92
CA VAL D 170 7.83 -16.45 4.79
C VAL D 170 7.78 -15.30 5.78
N ALA D 171 7.49 -14.10 5.26
CA ALA D 171 7.28 -12.93 6.12
C ALA D 171 6.20 -13.23 7.19
N ALA D 172 5.05 -13.79 6.81
CA ALA D 172 3.97 -13.98 7.79
C ALA D 172 4.30 -15.04 8.85
N LEU D 173 5.27 -15.90 8.53
CA LEU D 173 5.63 -16.99 9.44
C LEU D 173 6.39 -16.43 10.64
N THR D 174 7.00 -15.28 10.45
CA THR D 174 8.03 -14.92 11.41
C THR D 174 7.54 -14.66 12.84
N LEU D 175 6.51 -13.86 12.96
CA LEU D 175 5.87 -13.62 14.25
C LEU D 175 5.28 -14.89 14.96
N PRO D 176 4.50 -15.74 14.27
CA PRO D 176 4.08 -16.91 15.04
C PRO D 176 5.22 -17.83 15.48
N ALA D 177 6.27 -17.91 14.66
CA ALA D 177 7.46 -18.67 15.00
C ALA D 177 8.23 -18.05 16.18
N ALA D 178 8.52 -16.73 16.17
CA ALA D 178 9.17 -16.07 17.32
C ALA D 178 8.35 -16.22 18.60
N ARG D 179 7.01 -16.20 18.45
CA ARG D 179 6.09 -16.31 19.56
C ARG D 179 6.13 -17.68 20.16
N GLU D 180 6.09 -18.71 19.32
CA GLU D 180 6.26 -20.06 19.85
C GLU D 180 7.67 -20.28 20.41
N LEU D 181 8.66 -20.00 19.57
CA LEU D 181 9.99 -20.39 19.94
C LEU D 181 10.63 -19.52 21.07
N ALA D 182 10.00 -18.41 21.41
CA ALA D 182 10.45 -17.56 22.55
C ALA D 182 10.67 -18.40 23.82
N ARG D 183 9.78 -19.35 24.02
CA ARG D 183 9.81 -20.26 25.11
C ARG D 183 11.17 -20.88 25.34
N PHE D 184 11.91 -21.08 24.25
CA PHE D 184 13.19 -21.75 24.30
C PHE D 184 14.34 -20.79 24.10
N GLY D 185 14.01 -19.52 23.96
CA GLY D 185 15.05 -18.55 23.63
C GLY D 185 15.65 -18.63 22.22
N ILE D 186 14.80 -18.89 21.21
CA ILE D 186 15.19 -18.83 19.82
C ILE D 186 14.50 -17.62 19.18
N ARG D 187 15.30 -16.70 18.65
CA ARG D 187 14.75 -15.54 17.98
C ARG D 187 14.47 -15.90 16.50
N VAL D 188 13.48 -15.23 15.90
CA VAL D 188 13.17 -15.46 14.52
C VAL D 188 12.90 -14.10 13.97
N VAL D 189 13.69 -13.74 12.93
CA VAL D 189 13.71 -12.44 12.31
C VAL D 189 13.81 -12.74 10.83
N THR D 190 13.18 -11.92 9.98
CA THR D 190 13.15 -12.07 8.54
C THR D 190 13.62 -10.75 7.92
N ILE D 191 14.51 -10.87 6.93
CA ILE D 191 14.93 -9.73 6.14
C ILE D 191 14.20 -9.75 4.81
N ALA D 192 13.73 -8.61 4.38
CA ALA D 192 13.13 -8.56 3.06
C ALA D 192 14.03 -7.72 2.19
N PRO D 193 14.92 -8.36 1.43
CA PRO D 193 15.86 -7.62 0.57
C PRO D 193 15.19 -7.07 -0.66
N GLY D 194 15.71 -5.96 -1.18
CA GLY D 194 15.33 -5.41 -2.48
C GLY D 194 16.26 -5.96 -3.56
N ILE D 195 16.72 -5.11 -4.46
CA ILE D 195 17.47 -5.60 -5.60
C ILE D 195 18.92 -5.73 -5.21
N PHE D 196 19.45 -6.95 -5.29
CA PHE D 196 20.83 -7.21 -4.98
C PHE D 196 21.60 -7.81 -6.15
N ASP D 197 22.87 -7.65 -6.05
CA ASP D 197 23.73 -8.19 -7.10
C ASP D 197 24.05 -9.63 -6.78
N THR D 198 23.14 -10.49 -7.15
CA THR D 198 23.17 -11.94 -7.04
C THR D 198 22.67 -12.53 -8.34
N PRO D 199 23.02 -13.76 -8.63
CA PRO D 199 22.51 -14.40 -9.82
C PRO D 199 21.02 -14.36 -9.84
N ALA D 213 17.72 -0.49 -10.88
CA ALA D 213 18.93 0.00 -10.23
C ALA D 213 19.03 1.54 -10.23
N ALA D 214 18.70 2.19 -11.33
CA ALA D 214 18.64 3.68 -11.32
C ALA D 214 17.29 3.97 -10.67
N SER D 215 16.57 2.90 -10.48
CA SER D 215 15.30 2.98 -9.85
C SER D 215 15.40 3.12 -8.32
N VAL D 216 16.41 2.56 -7.67
CA VAL D 216 16.50 2.62 -6.22
C VAL D 216 16.90 4.03 -5.77
N PRO D 217 16.14 4.63 -4.84
CA PRO D 217 16.41 6.03 -4.51
C PRO D 217 17.86 6.31 -4.02
N PHE D 218 18.31 5.61 -3.00
CA PHE D 218 19.67 5.75 -2.50
C PHE D 218 20.03 4.59 -1.56
N PRO D 219 21.11 3.84 -1.86
CA PRO D 219 22.03 4.03 -3.00
C PRO D 219 21.45 3.63 -4.38
N PRO D 220 21.78 4.40 -5.46
CA PRO D 220 21.18 4.08 -6.77
C PRO D 220 21.93 2.96 -7.44
N ARG D 221 21.85 1.76 -6.86
CA ARG D 221 22.66 0.66 -7.27
C ARG D 221 22.12 -0.64 -6.75
N LEU D 222 22.62 -1.76 -7.26
CA LEU D 222 22.23 -3.04 -6.72
C LEU D 222 22.96 -3.19 -5.42
N GLY D 223 22.35 -3.87 -4.46
CA GLY D 223 22.99 -4.05 -3.18
C GLY D 223 24.09 -5.09 -3.37
N ARG D 224 25.17 -4.98 -2.61
CA ARG D 224 26.18 -6.01 -2.60
C ARG D 224 25.76 -7.06 -1.59
N ALA D 225 25.95 -8.34 -1.92
CA ALA D 225 25.57 -9.39 -1.02
C ALA D 225 26.16 -9.24 0.40
N GLU D 226 27.36 -8.66 0.52
CA GLU D 226 28.00 -8.30 1.81
C GLU D 226 27.12 -7.43 2.76
N GLU D 227 26.26 -6.58 2.17
CA GLU D 227 25.37 -5.71 2.98
C GLU D 227 24.20 -6.51 3.53
N TYR D 228 23.73 -7.49 2.79
CA TYR D 228 22.79 -8.45 3.35
C TYR D 228 23.43 -9.19 4.56
N ALA D 229 24.67 -9.69 4.36
CA ALA D 229 25.38 -10.42 5.39
C ALA D 229 25.57 -9.58 6.64
N ALA D 230 25.83 -8.29 6.43
CA ALA D 230 26.06 -7.36 7.51
C ALA D 230 24.76 -7.19 8.34
N LEU D 231 23.58 -7.17 7.70
CA LEU D 231 22.35 -7.15 8.49
C LEU D 231 22.14 -8.49 9.27
N VAL D 232 22.37 -9.62 8.60
CA VAL D 232 22.34 -10.87 9.30
C VAL D 232 23.16 -10.83 10.61
N LYS D 233 24.35 -10.25 10.52
CA LYS D 233 25.24 -10.12 11.63
C LYS D 233 24.65 -9.18 12.71
N HIS D 234 24.21 -7.96 12.32
CA HIS D 234 23.55 -7.02 13.22
C HIS D 234 22.47 -7.87 14.05
N ILE D 235 21.63 -8.63 13.32
CA ILE D 235 20.54 -9.45 13.92
C ILE D 235 21.03 -10.51 14.93
N CYS D 236 22.13 -11.19 14.58
CA CYS D 236 22.73 -12.18 15.51
C CYS D 236 23.21 -11.55 16.80
N GLU D 237 23.68 -10.31 16.70
CA GLU D 237 24.20 -9.57 17.86
C GLU D 237 23.14 -8.83 18.67
N ASN D 238 22.06 -8.39 18.03
CA ASN D 238 21.17 -7.52 18.71
C ASN D 238 20.00 -8.32 19.27
N THR D 239 20.00 -8.58 20.58
CA THR D 239 19.03 -9.49 21.22
C THR D 239 17.60 -8.96 21.15
N LEU D 241 16.21 -7.59 18.58
CA LEU D 241 15.52 -7.87 17.30
C LEU D 241 14.86 -9.24 17.30
N ASN D 242 13.52 -9.27 17.21
CA ASN D 242 12.77 -10.53 17.22
C ASN D 242 11.35 -10.35 16.62
N GLY D 243 10.86 -11.32 15.91
CA GLY D 243 9.49 -11.30 15.32
C GLY D 243 9.26 -10.27 14.21
N GLU D 244 10.33 -9.78 13.58
CA GLU D 244 10.16 -8.64 12.63
C GLU D 244 10.72 -8.89 11.24
N VAL D 245 10.19 -8.12 10.29
CA VAL D 245 10.59 -8.16 8.92
C VAL D 245 11.29 -6.83 8.61
N ILE D 246 12.58 -6.91 8.26
CA ILE D 246 13.29 -5.69 7.95
C ILE D 246 13.47 -5.58 6.48
N ARG D 247 12.98 -4.48 5.90
CA ARG D 247 13.24 -4.21 4.48
C ARG D 247 14.69 -3.74 4.33
N LEU D 248 15.38 -4.37 3.37
CA LEU D 248 16.78 -3.99 3.09
C LEU D 248 16.87 -3.62 1.63
N ASP D 249 16.46 -2.40 1.31
CA ASP D 249 16.11 -2.12 -0.06
C ASP D 249 16.45 -0.74 -0.63
N GLY D 250 17.17 0.09 0.11
CA GLY D 250 17.39 1.46 -0.32
C GLY D 250 16.15 2.27 -0.60
N ALA D 251 15.06 2.01 0.12
CA ALA D 251 13.85 2.79 -0.03
C ALA D 251 13.17 2.58 -1.38
N LEU D 252 13.57 1.55 -2.11
CA LEU D 252 12.88 1.19 -3.35
C LEU D 252 11.47 0.71 -3.08
N ARG D 253 10.50 1.25 -3.81
CA ARG D 253 9.17 0.66 -3.78
C ARG D 253 8.92 0.19 -5.21
N GLN E 4 -6.96 56.08 37.33
CA GLN E 4 -6.46 55.16 38.41
C GLN E 4 -7.06 53.79 38.12
N LEU E 5 -6.21 52.88 37.65
CA LEU E 5 -6.62 51.62 37.07
C LEU E 5 -6.89 50.54 38.12
N LYS E 6 -6.48 50.81 39.37
CA LYS E 6 -6.67 49.86 40.46
C LYS E 6 -8.12 49.42 40.50
N SER E 7 -8.32 48.10 40.63
CA SER E 7 -9.64 47.41 40.73
C SER E 7 -10.44 47.32 39.42
N ARG E 8 -9.80 47.65 38.29
CA ARG E 8 -10.44 47.68 36.96
C ARG E 8 -10.08 46.40 36.20
N VAL E 9 -10.99 45.89 35.38
CA VAL E 9 -10.82 44.59 34.71
C VAL E 9 -10.41 44.80 33.23
N PHE E 10 -9.30 44.18 32.83
CA PHE E 10 -8.75 44.32 31.47
C PHE E 10 -8.48 43.01 30.77
N ILE E 11 -8.78 42.98 29.49
CA ILE E 11 -8.41 41.84 28.64
C ILE E 11 -7.33 42.32 27.76
N VAL E 12 -6.25 41.52 27.65
CA VAL E 12 -5.10 41.85 26.84
C VAL E 12 -4.82 40.68 25.90
N THR E 13 -4.61 41.03 24.64
CA THR E 13 -4.39 40.10 23.58
C THR E 13 -2.89 40.06 23.33
N GLY E 14 -2.40 38.90 22.92
CA GLY E 14 -0.96 38.69 22.79
C GLY E 14 -0.28 38.75 24.13
N ALA E 15 -0.97 38.34 25.19
CA ALA E 15 -0.33 38.56 26.50
C ALA E 15 1.04 37.84 26.77
N SER E 16 1.37 36.79 26.05
CA SER E 16 2.54 35.94 26.39
C SER E 16 3.97 36.47 26.05
N SER E 17 4.11 37.43 25.14
CA SER E 17 5.40 38.12 24.95
C SER E 17 5.27 39.52 24.37
N GLY E 18 6.43 40.18 24.25
CA GLY E 18 6.55 41.45 23.64
C GLY E 18 5.63 42.50 24.19
N LEU E 19 4.94 43.18 23.29
CA LEU E 19 4.15 44.31 23.76
C LEU E 19 3.01 43.91 24.66
N GLY E 20 2.30 42.84 24.32
CA GLY E 20 1.20 42.35 25.18
C GLY E 20 1.64 41.93 26.59
N ALA E 21 2.88 41.49 26.74
CA ALA E 21 3.39 41.08 28.05
C ALA E 21 3.69 42.31 28.88
N ALA E 22 4.25 43.34 28.25
CA ALA E 22 4.62 44.55 28.98
C ALA E 22 3.38 45.31 29.43
N VAL E 23 2.34 45.30 28.59
CA VAL E 23 1.06 45.92 28.91
C VAL E 23 0.43 45.20 30.14
N THR E 24 0.50 43.87 30.14
CA THR E 24 -0.05 43.05 31.22
C THR E 24 0.72 43.30 32.50
N ARG E 25 2.05 43.33 32.43
CA ARG E 25 2.89 43.79 33.53
C ARG E 25 2.45 45.17 34.07
N LEU E 27 -0.17 46.97 33.85
CA LEU E 27 -1.51 46.96 34.43
C LEU E 27 -1.53 46.32 35.80
N ALA E 28 -0.82 45.19 35.93
CA ALA E 28 -0.75 44.45 37.18
C ALA E 28 -0.15 45.35 38.24
N GLN E 29 1.01 45.94 37.94
CA GLN E 29 1.65 46.94 38.77
C GLN E 29 0.75 48.16 39.13
N GLU E 30 -0.39 48.33 38.46
CA GLU E 30 -1.24 49.48 38.74
C GLU E 30 -2.54 49.12 39.44
N GLY E 31 -2.65 47.83 39.76
CA GLY E 31 -3.75 47.34 40.60
C GLY E 31 -4.91 46.77 39.82
N ALA E 32 -4.77 46.74 38.50
CA ALA E 32 -5.78 46.21 37.59
C ALA E 32 -5.80 44.71 37.62
N THR E 33 -6.95 44.17 37.30
CA THR E 33 -7.19 42.75 37.06
C THR E 33 -7.07 42.48 35.54
N VAL E 34 -6.24 41.51 35.16
CA VAL E 34 -5.93 41.23 33.74
C VAL E 34 -6.23 39.76 33.31
N LEU E 35 -7.20 39.56 32.42
CA LEU E 35 -7.23 38.35 31.60
C LEU E 35 -6.22 38.47 30.41
N GLY E 36 -5.15 37.65 30.44
CA GLY E 36 -4.18 37.61 29.32
C GLY E 36 -4.48 36.50 28.28
N LEU E 37 -4.80 36.89 27.06
CA LEU E 37 -5.07 35.95 26.00
C LEU E 37 -3.87 35.85 25.00
N ASP E 38 -3.50 34.63 24.64
CA ASP E 38 -2.58 34.34 23.53
C ASP E 38 -2.82 32.95 22.97
N LEU E 39 -2.19 32.62 21.85
CA LEU E 39 -2.34 31.29 21.27
C LEU E 39 -1.78 30.24 22.24
N LYS E 40 -0.67 30.57 22.89
CA LYS E 40 -0.08 29.75 23.95
C LYS E 40 0.23 30.59 25.20
N PRO E 41 0.51 29.93 26.36
CA PRO E 41 1.09 30.57 27.58
C PRO E 41 2.59 30.90 27.43
N PRO E 42 3.18 31.69 28.36
CA PRO E 42 4.64 32.00 28.25
C PRO E 42 5.59 31.04 29.02
N VAL E 55 -3.34 38.73 37.69
CA VAL E 55 -3.40 38.34 36.28
C VAL E 55 -3.46 36.84 36.04
N ARG E 56 -4.41 36.46 35.17
CA ARG E 56 -4.70 35.08 34.83
C ARG E 56 -4.61 34.91 33.31
N PHE E 57 -4.00 33.82 32.89
CA PHE E 57 -3.73 33.57 31.49
C PHE E 57 -4.64 32.44 30.96
N ARG E 58 -5.01 32.55 29.69
CA ARG E 58 -5.92 31.63 29.05
C ARG E 58 -5.52 31.52 27.57
N ASN E 59 -5.71 30.35 26.99
CA ASN E 59 -5.39 30.20 25.60
C ASN E 59 -6.60 30.59 24.76
N ALA E 60 -6.37 31.39 23.74
CA ALA E 60 -7.45 31.70 22.85
C ALA E 60 -6.95 32.06 21.47
N ASP E 61 -7.65 31.59 20.46
CA ASP E 61 -7.50 32.10 19.12
C ASP E 61 -8.50 33.26 18.95
N VAL E 62 -7.94 34.46 18.91
CA VAL E 62 -8.66 35.72 18.89
C VAL E 62 -9.41 35.95 17.58
N THR E 63 -8.98 35.22 16.57
CA THR E 63 -9.65 35.12 15.27
C THR E 63 -10.99 34.38 15.27
N ASN E 64 -11.21 33.56 16.28
CA ASN E 64 -12.32 32.63 16.21
C ASN E 64 -13.51 33.12 17.04
N GLU E 65 -14.69 33.15 16.44
CA GLU E 65 -15.89 33.63 17.16
C GLU E 65 -16.10 32.95 18.51
N ALA E 66 -16.28 31.65 18.47
CA ALA E 66 -16.54 30.84 19.68
C ALA E 66 -15.50 31.00 20.76
N ASP E 67 -14.24 31.06 20.33
CA ASP E 67 -13.13 31.06 21.27
C ASP E 67 -13.02 32.39 21.99
N ALA E 68 -13.17 33.47 21.21
CA ALA E 68 -13.34 34.79 21.78
C ALA E 68 -14.55 34.84 22.76
N THR E 69 -15.67 34.22 22.40
CA THR E 69 -16.87 34.29 23.23
C THR E 69 -16.74 33.59 24.57
N ALA E 70 -16.03 32.47 24.56
CA ALA E 70 -15.84 31.69 25.74
C ALA E 70 -14.88 32.49 26.59
N ALA E 71 -14.02 33.26 25.93
CA ALA E 71 -12.97 33.97 26.67
C ALA E 71 -13.58 35.11 27.48
N LEU E 72 -14.49 35.83 26.84
CA LEU E 72 -15.28 36.88 27.48
C LEU E 72 -16.11 36.25 28.61
N ALA E 73 -16.96 35.26 28.29
CA ALA E 73 -17.65 34.47 29.33
C ALA E 73 -16.77 34.18 30.53
N PHE E 74 -15.58 33.65 30.30
CA PHE E 74 -14.69 33.34 31.41
C PHE E 74 -14.32 34.60 32.19
N ALA E 75 -14.20 35.72 31.51
CA ALA E 75 -13.92 36.97 32.18
C ALA E 75 -15.07 37.37 33.04
N LYS E 76 -16.27 37.19 32.54
CA LYS E 76 -17.41 37.57 33.31
C LYS E 76 -17.59 36.77 34.56
N GLN E 77 -17.49 35.46 34.50
CA GLN E 77 -17.65 34.66 35.68
C GLN E 77 -16.56 34.91 36.62
N GLU E 78 -15.37 35.07 36.12
CA GLU E 78 -14.23 35.20 37.04
C GLU E 78 -14.00 36.58 37.65
N PHE E 79 -14.30 37.65 36.90
CA PHE E 79 -13.87 39.00 37.29
C PHE E 79 -14.96 40.05 37.54
N GLY E 80 -16.04 39.98 36.77
CA GLY E 80 -17.21 40.80 37.07
C GLY E 80 -17.71 41.64 35.91
N HIS E 81 -16.86 42.58 35.45
CA HIS E 81 -17.22 43.54 34.41
C HIS E 81 -15.98 43.92 33.63
N VAL E 82 -15.95 43.68 32.34
CA VAL E 82 -14.82 44.12 31.53
C VAL E 82 -14.80 45.64 31.29
N HIS E 83 -13.73 46.30 31.74
CA HIS E 83 -13.62 47.76 31.66
C HIS E 83 -12.76 48.21 30.47
N GLY E 84 -11.88 47.30 30.00
CA GLY E 84 -10.79 47.69 29.13
C GLY E 84 -10.23 46.57 28.27
N LEU E 85 -9.93 46.88 27.02
CA LEU E 85 -9.27 45.97 26.10
C LEU E 85 -7.98 46.56 25.50
N VAL E 86 -6.90 45.79 25.48
CA VAL E 86 -5.74 46.17 24.66
C VAL E 86 -5.47 45.06 23.66
N ASN E 87 -5.56 45.35 22.37
CA ASN E 87 -5.24 44.38 21.35
C ASN E 87 -3.75 44.44 20.94
N CYS E 88 -2.95 43.42 21.30
CA CYS E 88 -1.52 43.29 20.85
C CYS E 88 -1.18 41.96 20.14
N ALA E 89 -2.17 41.16 19.82
CA ALA E 89 -1.93 40.03 18.94
C ALA E 89 -1.62 40.63 17.56
N GLY E 90 -0.48 40.28 17.00
CA GLY E 90 -0.08 40.69 15.64
C GLY E 90 0.98 39.72 15.14
N THR E 91 1.10 39.57 13.80
CA THR E 91 2.30 39.02 13.14
C THR E 91 2.88 40.14 12.29
N ALA E 92 4.21 40.13 12.09
CA ALA E 92 4.83 41.10 11.20
C ALA E 92 5.67 40.39 10.15
N PRO E 93 5.05 39.70 9.19
CA PRO E 93 5.86 38.93 8.22
C PRO E 93 6.60 39.81 7.17
N GLY E 94 7.59 39.24 6.51
CA GLY E 94 8.29 39.94 5.45
C GLY E 94 8.15 39.06 4.24
N GLU E 95 7.75 39.63 3.11
CA GLU E 95 7.57 38.83 1.90
C GLU E 95 7.27 39.72 0.72
N LYS E 96 8.01 39.54 -0.37
CA LYS E 96 7.85 40.40 -1.53
C LYS E 96 6.59 40.05 -2.34
N ILE E 97 6.01 41.04 -2.99
CA ILE E 97 4.86 40.77 -3.87
C ILE E 97 5.36 39.93 -5.02
N LEU E 98 6.58 40.21 -5.46
CA LEU E 98 7.29 39.42 -6.45
C LEU E 98 8.59 38.86 -5.87
N GLY E 99 8.57 37.60 -5.47
CA GLY E 99 9.78 36.95 -4.94
C GLY E 99 10.42 36.15 -6.02
N ARG E 100 11.63 35.67 -5.74
CA ARG E 100 12.37 34.82 -6.71
C ARG E 100 11.67 33.49 -7.05
N SER E 101 10.70 33.10 -6.20
CA SER E 101 9.86 31.89 -6.36
C SER E 101 8.47 32.13 -6.98
N GLY E 102 7.95 33.33 -6.81
CA GLY E 102 6.72 33.68 -7.47
C GLY E 102 6.10 34.87 -6.80
N PRO E 103 4.86 35.19 -7.18
CA PRO E 103 4.07 36.09 -6.40
C PRO E 103 4.00 35.64 -4.97
N HIS E 104 4.01 36.63 -4.10
CA HIS E 104 3.60 36.49 -2.73
C HIS E 104 2.41 35.55 -2.67
N ALA E 105 2.49 34.55 -1.82
CA ALA E 105 1.40 33.59 -1.69
C ALA E 105 0.17 34.24 -1.11
N LEU E 106 -0.95 34.02 -1.79
CA LEU E 106 -2.21 34.55 -1.37
C LEU E 106 -2.57 34.22 0.08
N ASP E 107 -2.37 32.97 0.51
CA ASP E 107 -2.96 32.58 1.78
C ASP E 107 -2.11 33.07 2.95
N SER E 108 -0.86 33.31 2.69
CA SER E 108 -0.03 33.96 3.66
C SER E 108 -0.58 35.38 3.99
N PHE E 109 -0.94 36.11 2.94
CA PHE E 109 -1.49 37.44 3.05
C PHE E 109 -2.80 37.38 3.87
N ALA E 110 -3.63 36.41 3.53
CA ALA E 110 -4.89 36.15 4.25
C ALA E 110 -4.73 35.86 5.74
N ARG E 111 -3.66 35.21 6.14
CA ARG E 111 -3.43 34.91 7.55
C ARG E 111 -3.07 36.15 8.35
N THR E 112 -2.20 36.95 7.77
CA THR E 112 -1.70 38.14 8.38
C THR E 112 -2.88 39.10 8.60
N VAL E 113 -3.82 39.15 7.66
CA VAL E 113 -5.01 39.94 7.77
C VAL E 113 -5.96 39.39 8.84
N ALA E 114 -6.09 38.06 8.91
CA ALA E 114 -6.87 37.40 9.96
C ALA E 114 -6.33 37.73 11.35
N VAL E 115 -5.04 37.54 11.54
CA VAL E 115 -4.42 37.78 12.82
C VAL E 115 -4.46 39.28 13.18
N ASN E 116 -3.87 40.13 12.33
CA ASN E 116 -3.81 41.55 12.59
C ASN E 116 -5.16 42.31 12.61
N LEU E 117 -6.03 42.02 11.64
CA LEU E 117 -7.24 42.80 11.42
C LEU E 117 -8.56 42.12 11.90
N ILE E 118 -8.81 40.93 11.43
CA ILE E 118 -10.02 40.22 11.76
C ILE E 118 -10.08 39.91 13.21
N GLY E 119 -8.97 39.49 13.75
CA GLY E 119 -8.86 39.24 15.15
C GLY E 119 -9.06 40.44 16.00
N THR E 120 -8.53 41.57 15.61
CA THR E 120 -8.75 42.77 16.37
C THR E 120 -10.19 43.22 16.40
N PHE E 121 -10.87 43.13 15.30
CA PHE E 121 -12.25 43.41 15.22
C PHE E 121 -13.15 42.47 15.95
N ASN E 122 -12.86 41.20 15.89
CA ASN E 122 -13.63 40.23 16.66
C ASN E 122 -13.51 40.59 18.17
N ILE E 124 -12.90 43.60 19.34
CA ILE E 124 -13.60 44.85 19.58
C ILE E 124 -15.11 44.64 19.73
N ARG E 125 -15.71 43.96 18.77
CA ARG E 125 -17.13 43.78 18.80
C ARG E 125 -17.58 43.10 20.08
N LEU E 126 -16.87 42.06 20.49
CA LEU E 126 -17.31 41.29 21.64
C LEU E 126 -17.02 41.98 22.95
N ALA E 127 -15.82 42.54 23.12
CA ALA E 127 -15.54 43.30 24.34
C ALA E 127 -16.43 44.54 24.43
N ALA E 128 -16.84 45.10 23.28
CA ALA E 128 -17.70 46.28 23.23
C ALA E 128 -19.09 45.99 23.80
N GLU E 129 -19.70 44.92 23.32
CA GLU E 129 -20.95 44.42 23.82
C GLU E 129 -20.94 44.20 25.32
N VAL E 130 -19.82 43.73 25.84
CA VAL E 130 -19.73 43.47 27.27
C VAL E 130 -19.66 44.82 28.00
N SER E 132 -20.54 47.90 27.06
CA SER E 132 -21.73 48.71 26.93
C SER E 132 -22.80 48.38 28.01
N GLN E 133 -22.69 47.20 28.61
CA GLN E 133 -23.68 46.78 29.59
C GLN E 133 -23.36 47.21 31.01
N GLY E 134 -22.18 47.77 31.24
CA GLY E 134 -21.80 48.28 32.55
C GLY E 134 -22.29 49.69 32.93
N GLU E 135 -21.84 50.14 34.09
CA GLU E 135 -22.18 51.45 34.59
C GLU E 135 -21.02 52.38 34.29
N PRO E 136 -21.32 53.59 33.82
CA PRO E 136 -20.27 54.57 33.53
C PRO E 136 -19.74 55.28 34.78
N ASP E 137 -18.44 55.59 34.77
CA ASP E 137 -17.83 56.33 35.85
C ASP E 137 -18.20 57.80 35.81
N ALA E 138 -17.49 58.59 36.61
CA ALA E 138 -17.77 60.00 36.78
C ALA E 138 -17.84 60.74 35.47
N ASP E 139 -16.89 60.47 34.57
CA ASP E 139 -16.81 61.24 33.32
C ASP E 139 -17.58 60.59 32.17
N GLY E 140 -18.41 59.62 32.53
CA GLY E 140 -19.34 58.95 31.59
C GLY E 140 -18.76 57.77 30.83
N GLU E 141 -17.55 57.34 31.21
CA GLU E 141 -16.78 56.38 30.45
C GLU E 141 -17.15 54.97 30.83
N ARG E 142 -17.53 54.14 29.86
CA ARG E 142 -17.88 52.75 30.14
C ARG E 142 -16.74 51.76 29.85
N GLY E 143 -15.77 52.18 29.03
CA GLY E 143 -14.62 51.34 28.66
C GLY E 143 -13.64 51.99 27.70
N VAL E 144 -12.46 51.38 27.57
CA VAL E 144 -11.41 51.91 26.70
C VAL E 144 -10.80 50.78 25.91
N ILE E 145 -10.69 50.96 24.60
CA ILE E 145 -10.06 49.99 23.72
C ILE E 145 -8.84 50.60 23.03
N VAL E 146 -7.69 49.91 23.12
CA VAL E 146 -6.41 50.38 22.58
C VAL E 146 -5.87 49.34 21.59
N ASN E 147 -5.72 49.75 20.33
CA ASN E 147 -5.27 48.85 19.27
C ASN E 147 -3.84 49.17 18.88
N THR E 148 -3.13 48.16 18.39
CA THR E 148 -1.73 48.29 17.97
C THR E 148 -1.76 48.18 16.47
N ALA E 149 -1.49 49.28 15.79
CA ALA E 149 -1.34 49.24 14.33
C ALA E 149 0.17 49.19 14.16
N SER E 150 0.75 50.10 13.39
CA SER E 150 2.19 50.11 13.16
C SER E 150 2.48 51.23 12.19
N ILE E 151 3.69 51.77 12.25
CA ILE E 151 4.06 52.79 11.29
C ILE E 151 4.08 52.30 9.86
N ALA E 152 4.11 50.98 9.69
CA ALA E 152 4.06 50.40 8.33
C ALA E 152 2.74 50.76 7.62
N ALA E 153 1.69 51.00 8.41
CA ALA E 153 0.42 51.45 7.84
C ALA E 153 0.52 52.80 7.08
N PHE E 154 1.56 53.58 7.32
CA PHE E 154 1.89 54.80 6.58
C PHE E 154 3.16 54.77 5.75
N ASP E 155 4.21 54.17 6.29
CA ASP E 155 5.55 54.12 5.75
C ASP E 155 5.98 52.78 5.17
N GLY E 156 5.10 51.89 4.78
CA GLY E 156 5.62 50.60 4.49
C GLY E 156 6.68 50.41 3.43
N GLN E 157 7.60 49.61 3.89
CA GLN E 157 8.74 49.14 3.21
C GLN E 157 8.46 48.00 2.27
N ILE E 158 9.36 47.81 1.35
CA ILE E 158 9.36 46.71 0.46
C ILE E 158 9.32 45.41 1.29
N GLY E 159 8.46 44.51 0.91
CA GLY E 159 8.34 43.26 1.61
C GLY E 159 7.34 43.28 2.76
N GLN E 160 6.66 44.42 2.94
CA GLN E 160 5.82 44.65 4.10
C GLN E 160 4.36 44.84 3.71
N ALA E 161 4.03 44.43 2.50
CA ALA E 161 2.71 44.72 1.98
C ALA E 161 1.58 44.14 2.85
N ALA E 162 1.69 42.89 3.28
CA ALA E 162 0.64 42.23 4.08
C ALA E 162 0.48 42.94 5.42
N TYR E 163 1.60 43.23 6.07
CA TYR E 163 1.60 43.81 7.36
C TYR E 163 1.12 45.27 7.29
N ALA E 164 1.49 46.02 6.25
CA ALA E 164 1.03 47.43 6.13
C ALA E 164 -0.47 47.48 5.87
N ALA E 165 -1.01 46.58 5.06
CA ALA E 165 -2.42 46.55 4.73
C ALA E 165 -3.24 46.13 5.96
N SER E 166 -2.78 45.11 6.61
CA SER E 166 -3.36 44.59 7.81
C SER E 166 -3.50 45.67 8.89
N LYS E 167 -2.40 46.35 9.14
CA LYS E 167 -2.34 47.36 10.13
C LYS E 167 -3.00 48.66 9.62
N GLY E 168 -2.96 48.87 8.29
CA GLY E 168 -3.67 49.96 7.66
C GLY E 168 -5.13 49.89 8.02
N GLY E 169 -5.71 48.69 7.97
CA GLY E 169 -7.11 48.42 8.34
C GLY E 169 -7.42 48.68 9.83
N VAL E 170 -6.50 48.28 10.72
CA VAL E 170 -6.59 48.54 12.13
C VAL E 170 -6.70 50.06 12.28
N ALA E 171 -5.74 50.79 11.73
CA ALA E 171 -5.75 52.22 11.86
C ALA E 171 -7.08 52.82 11.42
N ALA E 172 -7.60 52.45 10.25
CA ALA E 172 -8.79 53.10 9.66
C ALA E 172 -10.05 52.79 10.45
N LEU E 173 -9.98 51.73 11.22
CA LEU E 173 -11.01 51.28 12.12
C LEU E 173 -11.33 52.22 13.23
N THR E 174 -10.31 52.85 13.77
CA THR E 174 -10.36 53.41 15.07
C THR E 174 -11.43 54.46 15.21
N LEU E 175 -11.54 55.32 14.21
CA LEU E 175 -12.52 56.36 14.20
C LEU E 175 -13.97 55.99 13.98
N PRO E 176 -14.28 55.20 12.97
CA PRO E 176 -15.70 54.84 12.92
C PRO E 176 -16.09 54.09 14.16
N ALA E 177 -15.15 53.37 14.76
CA ALA E 177 -15.40 52.60 15.94
C ALA E 177 -15.61 53.59 17.07
N ALA E 178 -14.67 54.51 17.27
CA ALA E 178 -14.82 55.56 18.29
C ALA E 178 -16.16 56.31 18.17
N ARG E 179 -16.67 56.44 16.94
CA ARG E 179 -17.88 57.21 16.64
C ARG E 179 -19.16 56.54 17.06
N GLU E 180 -19.35 55.30 16.63
CA GLU E 180 -20.42 54.48 17.08
C GLU E 180 -20.33 54.21 18.60
N LEU E 181 -19.15 53.83 19.04
CA LEU E 181 -18.98 53.45 20.43
C LEU E 181 -19.03 54.64 21.43
N ALA E 182 -18.87 55.87 20.96
CA ALA E 182 -19.13 57.06 21.81
C ALA E 182 -20.52 57.04 22.45
N ARG E 183 -21.54 56.66 21.68
CA ARG E 183 -22.86 56.34 22.18
C ARG E 183 -22.70 55.74 23.61
N PHE E 184 -21.74 54.84 23.77
CA PHE E 184 -21.66 54.06 25.03
C PHE E 184 -20.65 54.55 25.97
N GLY E 185 -19.98 55.64 25.66
CA GLY E 185 -18.87 56.03 26.55
C GLY E 185 -17.70 55.05 26.49
N ILE E 186 -17.52 54.44 25.33
CA ILE E 186 -16.37 53.60 25.12
C ILE E 186 -15.42 54.23 24.10
N ARG E 187 -14.26 54.61 24.59
CA ARG E 187 -13.22 55.16 23.75
C ARG E 187 -12.46 54.11 22.94
N VAL E 188 -11.95 54.54 21.77
CA VAL E 188 -11.11 53.68 20.91
C VAL E 188 -10.00 54.52 20.39
N VAL E 189 -8.80 54.16 20.82
CA VAL E 189 -7.57 54.79 20.40
C VAL E 189 -6.67 53.68 19.87
N THR E 190 -5.88 53.99 18.83
CA THR E 190 -4.93 53.06 18.30
C THR E 190 -3.54 53.65 18.46
N ILE E 191 -2.53 52.81 18.68
CA ILE E 191 -1.12 53.24 18.73
C ILE E 191 -0.40 52.64 17.52
N ALA E 192 0.53 53.39 16.93
CA ALA E 192 1.27 52.89 15.82
C ALA E 192 2.72 52.82 16.22
N PRO E 193 3.14 51.71 16.79
CA PRO E 193 4.55 51.64 17.20
C PRO E 193 5.56 51.71 16.01
N GLY E 194 6.78 52.19 16.27
CA GLY E 194 7.94 52.00 15.37
C GLY E 194 8.69 50.69 15.67
N ILE E 195 10.03 50.70 15.70
CA ILE E 195 10.78 49.47 16.06
C ILE E 195 10.87 49.27 17.57
N PHE E 196 10.25 48.18 18.03
CA PHE E 196 10.38 47.78 19.42
C PHE E 196 11.19 46.51 19.57
N ASP E 197 11.82 46.41 20.76
CA ASP E 197 12.51 45.19 21.06
C ASP E 197 11.59 44.13 21.57
N THR E 198 10.94 43.47 20.66
CA THR E 198 10.16 42.33 20.94
C THR E 198 10.51 41.27 19.94
N PRO E 199 9.84 40.14 20.08
CA PRO E 199 10.13 38.95 19.27
C PRO E 199 9.21 38.88 18.07
N ALA E 214 19.45 52.50 15.04
CA ALA E 214 20.48 53.07 14.17
C ALA E 214 19.87 54.15 13.31
N SER E 215 18.84 53.78 12.55
CA SER E 215 18.08 54.67 11.65
C SER E 215 17.07 55.64 12.34
N VAL E 216 16.50 55.20 13.47
CA VAL E 216 15.59 55.99 14.29
C VAL E 216 16.31 57.25 14.74
N PRO E 217 15.78 58.44 14.39
CA PRO E 217 16.42 59.71 14.71
C PRO E 217 16.77 59.94 16.20
N PHE E 218 15.77 59.90 17.07
CA PHE E 218 16.00 59.92 18.50
C PHE E 218 14.80 59.30 19.26
N PRO E 219 15.07 58.42 20.21
CA PRO E 219 16.39 57.93 20.64
C PRO E 219 16.90 56.87 19.65
N PRO E 220 18.22 56.84 19.41
CA PRO E 220 18.74 55.98 18.35
C PRO E 220 18.86 54.50 18.76
N ARG E 221 17.74 53.90 19.12
CA ARG E 221 17.69 52.54 19.68
C ARG E 221 16.30 51.98 19.46
N LEU E 222 16.19 50.68 19.65
CA LEU E 222 14.90 49.98 19.77
C LEU E 222 14.05 50.56 20.92
N GLY E 223 12.74 50.50 20.76
CA GLY E 223 11.86 50.88 21.84
C GLY E 223 11.92 49.76 22.84
N ARG E 224 11.68 50.09 24.09
CA ARG E 224 11.46 49.12 25.12
C ARG E 224 9.95 48.98 25.21
N ALA E 225 9.48 47.73 25.30
CA ALA E 225 8.05 47.46 25.41
C ALA E 225 7.35 48.25 26.52
N GLU E 226 8.06 48.54 27.61
CA GLU E 226 7.59 49.35 28.75
C GLU E 226 7.11 50.75 28.30
N GLU E 227 7.83 51.35 27.36
CA GLU E 227 7.45 52.62 26.81
C GLU E 227 6.10 52.58 26.02
N TYR E 228 5.83 51.44 25.37
CA TYR E 228 4.55 51.28 24.70
C TYR E 228 3.44 51.15 25.75
N ALA E 229 3.71 50.32 26.77
CA ALA E 229 2.80 50.10 27.87
C ALA E 229 2.51 51.43 28.62
N ALA E 230 3.51 52.29 28.73
CA ALA E 230 3.33 53.61 29.33
C ALA E 230 2.41 54.53 28.51
N LEU E 231 2.39 54.38 27.18
CA LEU E 231 1.42 55.14 26.38
C LEU E 231 0.02 54.58 26.60
N VAL E 232 -0.13 53.27 26.59
CA VAL E 232 -1.41 52.63 26.90
C VAL E 232 -1.99 53.15 28.24
N LYS E 233 -1.17 53.25 29.27
CA LYS E 233 -1.60 53.83 30.54
C LYS E 233 -2.12 55.29 30.41
N HIS E 234 -1.35 56.16 29.79
CA HIS E 234 -1.82 57.52 29.58
C HIS E 234 -3.11 57.61 28.80
N ILE E 235 -3.35 56.69 27.87
CA ILE E 235 -4.59 56.71 27.11
C ILE E 235 -5.80 56.35 27.98
N CYS E 236 -5.57 55.38 28.85
CA CYS E 236 -6.50 54.98 29.91
C CYS E 236 -6.82 56.14 30.85
N GLU E 237 -5.80 56.88 31.23
CA GLU E 237 -5.97 58.09 32.06
C GLU E 237 -6.46 59.38 31.34
N ASN E 238 -6.28 59.53 30.03
CA ASN E 238 -6.61 60.79 29.38
C ASN E 238 -7.86 60.71 28.54
N THR E 239 -8.99 61.13 29.12
CA THR E 239 -10.33 60.97 28.57
C THR E 239 -10.48 61.63 27.19
N LEU E 241 -8.34 61.66 24.75
CA LEU E 241 -7.73 60.87 23.67
C LEU E 241 -8.76 59.87 23.18
N ASN E 242 -9.16 60.01 21.93
CA ASN E 242 -10.19 59.16 21.37
C ASN E 242 -10.13 59.33 19.84
N GLY E 243 -10.39 58.23 19.14
CA GLY E 243 -10.58 58.24 17.69
C GLY E 243 -9.29 58.52 16.95
N GLU E 244 -8.16 58.46 17.64
CA GLU E 244 -6.87 58.91 17.08
C GLU E 244 -5.89 57.75 16.92
N VAL E 245 -5.04 57.90 15.90
CA VAL E 245 -3.85 57.06 15.72
C VAL E 245 -2.61 57.81 16.16
N ILE E 246 -1.90 57.27 17.14
CA ILE E 246 -0.68 57.90 17.63
C ILE E 246 0.60 57.20 17.19
N ARG E 247 1.50 57.89 16.50
CA ARG E 247 2.82 57.23 16.17
C ARG E 247 3.73 57.26 17.36
N LEU E 248 4.28 56.10 17.71
CA LEU E 248 5.28 55.98 18.79
C LEU E 248 6.57 55.41 18.22
N ASP E 249 7.49 56.24 17.76
CA ASP E 249 8.55 55.73 16.88
C ASP E 249 9.86 56.46 16.86
N GLY E 250 10.13 57.30 17.85
CA GLY E 250 11.35 58.10 17.86
C GLY E 250 11.58 58.84 16.56
N ALA E 251 10.48 59.17 15.87
CA ALA E 251 10.49 60.03 14.70
C ALA E 251 10.98 59.27 13.47
N LEU E 252 10.96 57.95 13.55
CA LEU E 252 11.24 57.09 12.40
C LEU E 252 10.27 57.21 11.22
N ARG E 253 10.82 57.34 10.03
CA ARG E 253 10.05 57.14 8.81
C ARG E 253 10.91 56.15 8.08
N GLN F 4 -19.52 -60.08 -16.55
CA GLN F 4 -19.71 -58.70 -17.12
C GLN F 4 -19.29 -57.54 -16.19
N LEU F 5 -18.02 -57.15 -16.24
CA LEU F 5 -17.56 -55.98 -15.50
C LEU F 5 -17.64 -54.73 -16.38
N LYS F 6 -17.82 -54.93 -17.69
CA LYS F 6 -17.92 -53.84 -18.67
C LYS F 6 -18.87 -52.73 -18.21
N SER F 7 -18.34 -51.50 -18.24
CA SER F 7 -19.07 -50.25 -17.92
C SER F 7 -19.36 -50.12 -16.43
N ARG F 8 -18.67 -50.91 -15.61
CA ARG F 8 -18.76 -50.73 -14.16
C ARG F 8 -17.56 -49.93 -13.73
N VAL F 9 -17.79 -49.09 -12.73
CA VAL F 9 -16.77 -48.19 -12.27
C VAL F 9 -16.03 -48.73 -11.06
N PHE F 10 -14.74 -48.95 -11.22
CA PHE F 10 -13.90 -49.36 -10.09
C PHE F 10 -12.88 -48.36 -9.59
N ILE F 11 -12.68 -48.39 -8.29
CA ILE F 11 -11.63 -47.65 -7.66
C ILE F 11 -10.61 -48.67 -7.14
N VAL F 12 -9.34 -48.50 -7.53
CA VAL F 12 -8.29 -49.42 -7.18
C VAL F 12 -7.19 -48.62 -6.52
N THR F 13 -6.80 -49.05 -5.36
CA THR F 13 -5.87 -48.37 -4.52
C THR F 13 -4.53 -49.11 -4.60
N GLY F 14 -3.43 -48.40 -4.40
CA GLY F 14 -2.10 -48.94 -4.69
C GLY F 14 -1.90 -49.32 -6.17
N ALA F 15 -2.51 -48.58 -7.10
CA ALA F 15 -2.62 -49.02 -8.51
C ALA F 15 -1.37 -48.93 -9.35
N SER F 16 -0.31 -48.30 -8.85
CA SER F 16 0.91 -48.08 -9.67
C SER F 16 1.77 -49.32 -9.77
N SER F 17 1.71 -50.19 -8.75
CA SER F 17 2.58 -51.35 -8.68
C SER F 17 1.86 -52.62 -8.19
N GLY F 18 2.46 -53.79 -8.48
CA GLY F 18 2.17 -55.02 -7.76
C GLY F 18 0.75 -55.47 -7.96
N LEU F 19 0.02 -55.68 -6.86
CA LEU F 19 -1.32 -56.27 -6.94
C LEU F 19 -2.31 -55.26 -7.47
N GLY F 20 -2.20 -54.03 -6.99
CA GLY F 20 -3.07 -52.97 -7.47
C GLY F 20 -3.02 -52.81 -8.99
N ALA F 21 -1.78 -52.82 -9.54
CA ALA F 21 -1.48 -52.63 -10.98
C ALA F 21 -2.11 -53.76 -11.79
N ALA F 22 -1.86 -54.98 -11.33
CA ALA F 22 -2.44 -56.17 -11.93
C ALA F 22 -3.95 -56.14 -11.92
N VAL F 23 -4.55 -55.74 -10.79
CA VAL F 23 -5.99 -55.69 -10.65
C VAL F 23 -6.57 -54.62 -11.59
N THR F 24 -5.90 -53.45 -11.68
CA THR F 24 -6.26 -52.39 -12.64
C THR F 24 -6.26 -52.96 -14.08
N ARG F 25 -5.15 -53.64 -14.44
CA ARG F 25 -4.98 -54.24 -15.74
C ARG F 25 -6.17 -55.16 -16.06
N LEU F 27 -9.27 -55.26 -14.75
CA LEU F 27 -10.56 -54.59 -14.84
C LEU F 27 -10.70 -53.86 -16.19
N ALA F 28 -9.59 -53.29 -16.66
CA ALA F 28 -9.53 -52.63 -17.97
C ALA F 28 -9.84 -53.68 -19.05
N GLN F 29 -9.00 -54.71 -19.17
CA GLN F 29 -9.24 -55.84 -20.10
C GLN F 29 -10.68 -56.41 -20.02
N GLU F 30 -11.35 -56.24 -18.89
CA GLU F 30 -12.76 -56.67 -18.79
C GLU F 30 -13.78 -55.60 -19.24
N GLY F 31 -13.31 -54.41 -19.57
CA GLY F 31 -14.20 -53.33 -19.97
C GLY F 31 -14.69 -52.44 -18.84
N ALA F 32 -14.04 -52.55 -17.67
CA ALA F 32 -14.40 -51.67 -16.52
C ALA F 32 -13.82 -50.29 -16.72
N THR F 33 -14.53 -49.29 -16.24
CA THR F 33 -13.93 -47.97 -15.99
C THR F 33 -13.19 -48.05 -14.67
N VAL F 34 -11.93 -47.66 -14.67
CA VAL F 34 -11.12 -47.79 -13.47
C VAL F 34 -10.53 -46.44 -13.08
N LEU F 35 -10.66 -46.08 -11.80
CA LEU F 35 -9.85 -45.00 -11.26
C LEU F 35 -8.73 -45.57 -10.39
N GLY F 36 -7.49 -45.36 -10.82
CA GLY F 36 -6.32 -45.84 -10.10
C GLY F 36 -5.76 -44.80 -9.18
N LEU F 37 -5.66 -45.11 -7.88
CA LEU F 37 -5.15 -44.20 -6.85
C LEU F 37 -3.84 -44.69 -6.25
N ASP F 38 -2.94 -43.75 -5.96
CA ASP F 38 -1.63 -44.04 -5.36
C ASP F 38 -0.87 -42.73 -5.14
N LEU F 39 0.27 -42.81 -4.44
CA LEU F 39 1.13 -41.66 -4.11
C LEU F 39 1.88 -40.98 -5.28
N LYS F 40 2.29 -41.78 -6.27
CA LYS F 40 2.96 -41.27 -7.49
C LYS F 40 3.11 -42.41 -8.49
N VAL F 55 -9.97 -45.83 -17.88
CA VAL F 55 -8.74 -45.79 -17.06
C VAL F 55 -8.10 -44.40 -16.81
N ARG F 56 -8.11 -43.97 -15.56
CA ARG F 56 -7.48 -42.70 -15.15
C ARG F 56 -6.70 -42.88 -13.84
N PHE F 57 -5.56 -42.19 -13.73
CA PHE F 57 -4.80 -42.11 -12.47
C PHE F 57 -4.98 -40.78 -11.73
N ARG F 58 -4.96 -40.86 -10.42
CA ARG F 58 -5.00 -39.70 -9.58
C ARG F 58 -4.10 -40.00 -8.40
N ASN F 59 -3.25 -39.04 -8.08
CA ASN F 59 -2.44 -39.09 -6.86
C ASN F 59 -3.30 -38.88 -5.63
N ALA F 60 -3.24 -39.80 -4.68
CA ALA F 60 -3.99 -39.66 -3.41
C ALA F 60 -3.30 -40.42 -2.29
N ASP F 61 -3.43 -39.92 -1.06
CA ASP F 61 -2.96 -40.59 0.13
C ASP F 61 -4.19 -41.20 0.78
N VAL F 62 -4.25 -42.54 0.72
CA VAL F 62 -5.40 -43.36 1.15
C VAL F 62 -5.75 -43.16 2.64
N THR F 63 -4.72 -42.80 3.39
CA THR F 63 -4.73 -42.44 4.81
C THR F 63 -5.39 -41.06 5.08
N ASN F 64 -5.39 -40.21 4.06
CA ASN F 64 -5.87 -38.86 4.22
C ASN F 64 -7.35 -38.72 3.90
N GLU F 65 -8.09 -38.23 4.87
CA GLU F 65 -9.49 -38.09 4.70
C GLU F 65 -9.83 -37.29 3.44
N ALA F 66 -9.13 -36.18 3.20
CA ALA F 66 -9.51 -35.28 2.12
C ALA F 66 -9.13 -35.83 0.77
N ASP F 67 -7.95 -36.42 0.65
CA ASP F 67 -7.59 -37.03 -0.64
C ASP F 67 -8.63 -38.07 -1.04
N ALA F 68 -9.18 -38.77 -0.05
CA ALA F 68 -9.98 -39.93 -0.36
C ALA F 68 -11.35 -39.41 -0.73
N THR F 69 -11.78 -38.34 -0.04
CA THR F 69 -13.07 -37.74 -0.32
C THR F 69 -13.12 -37.15 -1.71
N ALA F 70 -12.07 -36.42 -2.13
CA ALA F 70 -12.00 -35.84 -3.50
C ALA F 70 -12.05 -36.93 -4.56
N ALA F 71 -11.37 -38.04 -4.28
CA ALA F 71 -11.22 -39.09 -5.28
C ALA F 71 -12.57 -39.80 -5.46
N LEU F 72 -13.21 -40.15 -4.35
CA LEU F 72 -14.60 -40.61 -4.44
C LEU F 72 -15.51 -39.61 -5.14
N ALA F 73 -15.41 -38.34 -4.77
CA ALA F 73 -16.37 -37.36 -5.32
C ALA F 73 -16.11 -37.14 -6.82
N PHE F 74 -14.84 -37.19 -7.23
CA PHE F 74 -14.53 -37.16 -8.64
C PHE F 74 -15.21 -38.32 -9.38
N ALA F 75 -15.01 -39.54 -8.87
CA ALA F 75 -15.57 -40.73 -9.51
C ALA F 75 -17.07 -40.61 -9.68
N LYS F 76 -17.77 -40.22 -8.61
CA LYS F 76 -19.23 -40.15 -8.70
C LYS F 76 -19.69 -39.09 -9.73
N GLN F 77 -18.96 -37.98 -9.78
CA GLN F 77 -19.31 -36.85 -10.61
C GLN F 77 -18.93 -37.10 -12.09
N GLU F 78 -17.68 -37.47 -12.35
CA GLU F 78 -17.26 -37.67 -13.74
C GLU F 78 -17.70 -38.99 -14.32
N PHE F 79 -17.66 -40.07 -13.56
CA PHE F 79 -18.12 -41.32 -14.13
C PHE F 79 -19.60 -41.64 -13.87
N GLY F 80 -20.24 -40.93 -12.94
CA GLY F 80 -21.66 -41.23 -12.63
C GLY F 80 -21.95 -42.18 -11.48
N HIS F 81 -21.03 -43.13 -11.26
CA HIS F 81 -21.23 -44.27 -10.38
C HIS F 81 -19.92 -44.69 -9.75
N VAL F 82 -20.05 -45.49 -8.70
CA VAL F 82 -18.93 -46.29 -8.19
C VAL F 82 -19.52 -47.67 -7.94
N HIS F 83 -18.95 -48.73 -8.53
CA HIS F 83 -19.52 -50.08 -8.32
C HIS F 83 -18.59 -50.97 -7.50
N GLY F 84 -17.31 -50.60 -7.48
CA GLY F 84 -16.31 -51.46 -6.94
C GLY F 84 -15.24 -50.68 -6.25
N LEU F 85 -14.62 -51.29 -5.25
CA LEU F 85 -13.42 -50.76 -4.61
C LEU F 85 -12.53 -51.97 -4.34
N VAL F 86 -11.27 -51.86 -4.72
CA VAL F 86 -10.35 -52.89 -4.45
C VAL F 86 -9.25 -52.18 -3.66
N ASN F 87 -9.11 -52.54 -2.38
CA ASN F 87 -8.03 -52.01 -1.54
C ASN F 87 -6.73 -52.79 -1.74
N CYS F 88 -5.71 -52.21 -2.38
CA CYS F 88 -4.38 -52.86 -2.46
C CYS F 88 -3.22 -51.96 -2.00
N ALA F 89 -3.52 -50.80 -1.41
CA ALA F 89 -2.45 -49.99 -0.84
C ALA F 89 -1.93 -50.71 0.40
N GLY F 90 -0.62 -50.90 0.48
CA GLY F 90 -0.02 -51.77 1.49
C GLY F 90 1.46 -51.51 1.66
N THR F 91 1.96 -51.76 2.88
CA THR F 91 3.38 -51.80 3.18
C THR F 91 3.63 -53.00 4.07
N ALA F 92 4.78 -53.62 3.87
CA ALA F 92 5.14 -54.92 4.47
C ALA F 92 6.56 -54.94 5.02
N PRO F 93 6.86 -54.07 6.00
CA PRO F 93 8.18 -54.03 6.68
C PRO F 93 8.42 -55.22 7.60
N GLY F 94 9.69 -55.47 7.92
CA GLY F 94 10.08 -56.47 8.88
C GLY F 94 10.85 -55.73 9.95
N GLU F 95 10.49 -55.97 11.21
CA GLU F 95 11.20 -55.36 12.30
C GLU F 95 10.86 -56.14 13.54
N LYS F 96 11.88 -56.59 14.24
CA LYS F 96 11.71 -57.28 15.51
C LYS F 96 11.18 -56.39 16.60
N ILE F 97 10.33 -56.96 17.47
CA ILE F 97 9.92 -56.30 18.70
C ILE F 97 11.15 -55.87 19.51
N LEU F 98 12.13 -56.78 19.63
CA LEU F 98 13.37 -56.51 20.37
C LEU F 98 14.57 -56.53 19.48
N GLY F 99 14.92 -55.37 18.98
CA GLY F 99 16.01 -55.27 18.01
C GLY F 99 17.32 -55.27 18.75
N ARG F 100 18.41 -55.45 18.01
CA ARG F 100 19.74 -55.26 18.59
C ARG F 100 19.88 -53.78 19.03
N SER F 101 19.59 -52.88 18.11
CA SER F 101 19.52 -51.44 18.35
C SER F 101 18.77 -50.98 19.62
N GLY F 102 17.61 -51.61 19.88
CA GLY F 102 16.62 -51.21 20.93
C GLY F 102 15.21 -51.71 20.54
N PRO F 103 14.19 -51.47 21.39
CA PRO F 103 12.81 -51.85 21.01
C PRO F 103 12.40 -51.39 19.58
N HIS F 104 11.41 -52.08 19.00
CA HIS F 104 10.71 -51.67 17.75
C HIS F 104 10.35 -50.18 17.83
N ALA F 105 10.72 -49.37 16.83
CA ALA F 105 10.28 -47.96 16.84
C ALA F 105 8.74 -47.88 16.90
N LEU F 106 8.21 -47.01 17.74
CA LEU F 106 6.76 -46.89 17.79
C LEU F 106 6.23 -46.31 16.48
N ASP F 107 6.78 -45.20 16.03
CA ASP F 107 6.18 -44.53 14.88
C ASP F 107 6.11 -45.44 13.64
N SER F 108 7.12 -46.31 13.51
CA SER F 108 7.16 -47.30 12.45
C SER F 108 5.95 -48.26 12.50
N PHE F 109 5.59 -48.71 13.70
CA PHE F 109 4.43 -49.58 13.90
C PHE F 109 3.18 -48.79 13.58
N ALA F 110 3.08 -47.60 14.15
CA ALA F 110 1.99 -46.64 13.88
C ALA F 110 1.86 -46.33 12.39
N ARG F 111 2.98 -46.21 11.71
CA ARG F 111 2.92 -46.01 10.28
C ARG F 111 2.31 -47.16 9.52
N THR F 112 2.65 -48.41 9.86
CA THR F 112 2.19 -49.60 9.09
C THR F 112 0.68 -49.73 9.37
N VAL F 113 0.28 -49.55 10.63
CA VAL F 113 -1.14 -49.57 10.93
C VAL F 113 -1.91 -48.56 10.07
N ALA F 114 -1.34 -47.37 9.86
CA ALA F 114 -2.08 -46.31 9.20
C ALA F 114 -2.33 -46.61 7.70
N VAL F 115 -1.27 -47.01 6.97
CA VAL F 115 -1.32 -47.35 5.55
C VAL F 115 -2.24 -48.58 5.36
N ASN F 116 -1.86 -49.71 5.96
CA ASN F 116 -2.65 -50.95 5.88
C ASN F 116 -4.06 -50.86 6.43
N LEU F 117 -4.24 -50.44 7.70
CA LEU F 117 -5.61 -50.50 8.29
C LEU F 117 -6.46 -49.20 8.14
N ILE F 118 -5.93 -48.07 8.60
CA ILE F 118 -6.68 -46.80 8.67
C ILE F 118 -7.01 -46.40 7.27
N GLY F 119 -6.04 -46.50 6.36
CA GLY F 119 -6.28 -46.34 4.91
C GLY F 119 -7.46 -47.15 4.41
N THR F 120 -7.49 -48.45 4.69
CA THR F 120 -8.46 -49.23 4.00
C THR F 120 -9.82 -48.93 4.55
N PHE F 121 -9.91 -48.65 5.86
CA PHE F 121 -11.20 -48.23 6.45
C PHE F 121 -11.65 -46.87 5.86
N ASN F 122 -10.69 -45.97 5.66
CA ASN F 122 -10.99 -44.68 5.06
C ASN F 122 -11.66 -44.85 3.65
N ILE F 124 -13.07 -47.56 2.47
CA ILE F 124 -14.29 -48.29 2.61
C ILE F 124 -15.42 -47.40 3.03
N ARG F 125 -15.20 -46.54 3.98
CA ARG F 125 -16.23 -45.66 4.43
C ARG F 125 -16.74 -44.65 3.40
N LEU F 126 -15.86 -44.03 2.67
CA LEU F 126 -16.23 -43.18 1.59
C LEU F 126 -16.85 -43.87 0.40
N ALA F 127 -16.34 -45.01 0.04
CA ALA F 127 -16.84 -45.68 -1.15
C ALA F 127 -18.21 -46.33 -0.85
N ALA F 128 -18.37 -46.85 0.37
CA ALA F 128 -19.67 -47.32 0.78
C ALA F 128 -20.70 -46.23 0.60
N GLU F 129 -20.36 -44.99 0.98
CA GLU F 129 -21.31 -43.87 0.89
C GLU F 129 -21.83 -43.63 -0.53
N VAL F 130 -20.94 -43.63 -1.51
CA VAL F 130 -21.31 -43.38 -2.88
C VAL F 130 -22.11 -44.55 -3.50
N SER F 132 -23.83 -46.56 -2.10
CA SER F 132 -25.03 -46.41 -1.31
C SER F 132 -26.11 -45.65 -2.09
N GLN F 133 -25.68 -44.72 -2.94
CA GLN F 133 -26.57 -43.80 -3.67
C GLN F 133 -27.03 -44.39 -4.99
N GLY F 134 -26.31 -45.40 -5.45
CA GLY F 134 -26.50 -45.91 -6.80
C GLY F 134 -27.67 -46.86 -6.86
N GLU F 135 -27.97 -47.29 -8.09
CA GLU F 135 -29.07 -48.20 -8.31
C GLU F 135 -28.57 -49.61 -8.00
N PRO F 136 -29.42 -50.45 -7.37
CA PRO F 136 -29.04 -51.87 -7.22
C PRO F 136 -29.19 -52.58 -8.57
N ASP F 137 -28.21 -53.41 -8.93
CA ASP F 137 -28.23 -54.19 -10.18
C ASP F 137 -29.28 -55.33 -10.17
N ALA F 138 -29.29 -56.16 -11.23
CA ALA F 138 -30.12 -57.38 -11.31
C ALA F 138 -30.14 -58.29 -10.06
N ASP F 139 -28.96 -58.58 -9.50
CA ASP F 139 -28.94 -59.48 -8.34
C ASP F 139 -29.04 -58.74 -6.98
N GLY F 140 -29.36 -57.45 -7.04
CA GLY F 140 -29.68 -56.66 -5.84
C GLY F 140 -28.53 -55.80 -5.32
N GLU F 141 -27.41 -55.94 -5.97
CA GLU F 141 -26.14 -55.44 -5.52
C GLU F 141 -25.82 -53.98 -5.96
N ARG F 142 -25.48 -53.13 -4.99
CA ARG F 142 -24.96 -51.80 -5.25
C ARG F 142 -23.44 -51.69 -5.29
N GLY F 143 -22.73 -52.51 -4.53
CA GLY F 143 -21.30 -52.47 -4.64
C GLY F 143 -20.57 -53.71 -4.16
N VAL F 144 -19.29 -53.77 -4.49
CA VAL F 144 -18.43 -54.82 -3.99
C VAL F 144 -17.20 -54.19 -3.47
N ILE F 145 -16.75 -54.64 -2.29
CA ILE F 145 -15.45 -54.19 -1.74
C ILE F 145 -14.56 -55.40 -1.49
N VAL F 146 -13.34 -55.33 -2.01
CA VAL F 146 -12.35 -56.35 -1.79
C VAL F 146 -11.14 -55.73 -1.10
N ASN F 147 -10.72 -56.32 0.03
CA ASN F 147 -9.52 -55.89 0.75
C ASN F 147 -8.42 -56.90 0.63
N THR F 148 -7.19 -56.41 0.62
CA THR F 148 -6.01 -57.26 0.67
C THR F 148 -5.59 -57.28 2.13
N ALA F 149 -5.61 -58.45 2.75
CA ALA F 149 -5.02 -58.61 4.02
C ALA F 149 -3.74 -59.37 3.77
N SER F 150 -3.55 -60.47 4.52
CA SER F 150 -2.32 -61.26 4.39
C SER F 150 -2.33 -62.52 5.24
N ILE F 151 -1.48 -63.48 4.84
CA ILE F 151 -1.25 -64.75 5.56
C ILE F 151 -0.61 -64.48 6.94
N ALA F 152 0.10 -63.36 7.03
CA ALA F 152 0.63 -62.83 8.30
C ALA F 152 -0.52 -62.55 9.34
N ALA F 153 -1.73 -62.31 8.86
CA ALA F 153 -2.81 -62.12 9.78
C ALA F 153 -2.99 -63.37 10.65
N PHE F 154 -2.61 -64.55 10.17
CA PHE F 154 -2.91 -65.84 10.86
C PHE F 154 -1.68 -66.57 11.24
N ASP F 155 -0.62 -66.45 10.44
CA ASP F 155 0.61 -67.15 10.71
C ASP F 155 1.72 -66.15 10.83
N GLY F 156 1.51 -65.04 11.54
CA GLY F 156 2.52 -63.99 11.64
C GLY F 156 3.90 -64.47 12.08
N GLN F 157 4.91 -64.21 11.23
CA GLN F 157 6.27 -64.65 11.45
C GLN F 157 7.05 -63.64 12.31
N ILE F 158 8.21 -64.06 12.81
CA ILE F 158 9.06 -63.16 13.58
C ILE F 158 9.50 -61.97 12.74
N GLY F 159 9.34 -60.78 13.29
CA GLY F 159 9.73 -59.56 12.60
C GLY F 159 8.55 -58.95 11.91
N GLN F 160 7.41 -59.66 11.96
CA GLN F 160 6.23 -59.23 11.23
C GLN F 160 5.12 -58.71 12.10
N ALA F 161 5.37 -58.47 13.38
CA ALA F 161 4.34 -57.89 14.26
C ALA F 161 3.46 -56.75 13.70
N ALA F 162 4.05 -55.82 12.97
CA ALA F 162 3.27 -54.65 12.59
C ALA F 162 2.40 -55.01 11.40
N TYR F 163 3.07 -55.58 10.41
CA TYR F 163 2.43 -56.16 9.28
C TYR F 163 1.30 -57.11 9.69
N ALA F 164 1.59 -58.10 10.55
CA ALA F 164 0.59 -59.00 11.08
C ALA F 164 -0.59 -58.32 11.80
N ALA F 165 -0.29 -57.37 12.67
CA ALA F 165 -1.38 -56.72 13.42
C ALA F 165 -2.27 -55.86 12.51
N SER F 166 -1.67 -55.15 11.57
CA SER F 166 -2.46 -54.25 10.73
C SER F 166 -3.34 -55.03 9.76
N LYS F 167 -2.79 -56.12 9.23
CA LYS F 167 -3.55 -56.98 8.30
C LYS F 167 -4.63 -57.81 8.97
N GLY F 168 -4.43 -58.12 10.25
CA GLY F 168 -5.43 -58.82 11.04
C GLY F 168 -6.55 -57.88 11.37
N GLY F 169 -6.26 -56.58 11.34
CA GLY F 169 -7.30 -55.55 11.50
C GLY F 169 -8.22 -55.51 10.30
N VAL F 170 -7.63 -55.56 9.10
CA VAL F 170 -8.42 -55.62 7.87
C VAL F 170 -9.29 -56.87 7.85
N ALA F 171 -8.67 -58.03 8.14
CA ALA F 171 -9.41 -59.32 8.21
C ALA F 171 -10.61 -59.21 9.18
N ALA F 172 -10.42 -58.62 10.36
CA ALA F 172 -11.49 -58.62 11.42
C ALA F 172 -12.63 -57.65 11.06
N LEU F 173 -12.27 -56.68 10.21
CA LEU F 173 -13.18 -55.65 9.68
C LEU F 173 -14.21 -56.19 8.67
N THR F 174 -13.84 -57.27 7.98
CA THR F 174 -14.61 -57.64 6.80
C THR F 174 -16.06 -58.00 7.18
N LEU F 175 -16.22 -58.75 8.27
CA LEU F 175 -17.55 -59.29 8.68
C LEU F 175 -18.55 -58.25 9.23
N PRO F 176 -18.12 -57.42 10.21
CA PRO F 176 -18.95 -56.28 10.63
C PRO F 176 -19.24 -55.31 9.49
N ALA F 177 -18.29 -55.12 8.60
CA ALA F 177 -18.50 -54.24 7.46
C ALA F 177 -19.58 -54.85 6.56
N ALA F 178 -19.45 -56.16 6.29
CA ALA F 178 -20.39 -56.85 5.39
C ALA F 178 -21.76 -56.93 5.99
N ARG F 179 -21.82 -57.12 7.31
CA ARG F 179 -23.10 -57.19 8.01
C ARG F 179 -23.77 -55.82 8.01
N GLU F 180 -22.98 -54.77 8.19
CA GLU F 180 -23.55 -53.44 8.05
C GLU F 180 -24.01 -53.17 6.61
N LEU F 181 -23.06 -53.20 5.69
CA LEU F 181 -23.32 -52.79 4.32
C LEU F 181 -24.31 -53.68 3.52
N ALA F 182 -24.66 -54.79 4.13
CA ALA F 182 -25.68 -55.72 3.60
C ALA F 182 -26.97 -54.99 3.28
N ARG F 183 -27.28 -53.98 4.09
CA ARG F 183 -28.49 -53.21 4.02
C ARG F 183 -28.64 -52.49 2.65
N PHE F 184 -27.54 -52.32 1.93
CA PHE F 184 -27.53 -51.55 0.71
C PHE F 184 -27.12 -52.45 -0.44
N GLY F 185 -27.09 -53.77 -0.21
CA GLY F 185 -26.53 -54.68 -1.20
C GLY F 185 -25.06 -54.40 -1.50
N ILE F 186 -24.28 -54.05 -0.49
CA ILE F 186 -22.84 -53.85 -0.74
C ILE F 186 -22.04 -55.03 -0.14
N ARG F 187 -21.23 -55.71 -0.94
CA ARG F 187 -20.49 -56.87 -0.45
C ARG F 187 -19.08 -56.48 -0.02
N VAL F 188 -18.52 -57.21 0.97
CA VAL F 188 -17.18 -56.97 1.46
C VAL F 188 -16.51 -58.30 1.74
N VAL F 189 -15.37 -58.55 1.10
CA VAL F 189 -14.67 -59.81 1.12
C VAL F 189 -13.26 -59.33 1.19
N THR F 190 -12.39 -60.11 1.83
CA THR F 190 -10.93 -59.91 1.96
C THR F 190 -10.14 -61.12 1.37
N ILE F 191 -9.04 -60.83 0.73
CA ILE F 191 -8.15 -61.88 0.25
C ILE F 191 -6.92 -61.85 1.11
N ALA F 192 -6.50 -63.01 1.63
CA ALA F 192 -5.27 -63.05 2.42
C ALA F 192 -4.15 -63.73 1.54
N PRO F 193 -3.41 -62.92 0.78
CA PRO F 193 -2.38 -63.49 -0.10
C PRO F 193 -1.23 -64.11 0.66
N GLY F 194 -0.63 -65.11 0.05
CA GLY F 194 0.66 -65.62 0.53
C GLY F 194 1.76 -64.84 -0.15
N ILE F 195 2.78 -65.54 -0.58
CA ILE F 195 3.91 -64.82 -1.15
C ILE F 195 3.79 -64.64 -2.65
N PHE F 196 3.69 -63.37 -3.03
CA PHE F 196 3.55 -62.97 -4.43
C PHE F 196 4.80 -62.29 -4.95
N ASP F 197 5.01 -62.41 -6.24
CA ASP F 197 6.04 -61.74 -6.98
C ASP F 197 5.66 -60.31 -7.19
N THR F 198 6.01 -59.47 -6.25
CA THR F 198 5.50 -58.11 -6.12
C THR F 198 6.64 -57.23 -5.66
N PRO F 199 6.47 -55.94 -5.75
CA PRO F 199 7.41 -55.03 -5.15
C PRO F 199 7.10 -54.77 -3.70
N ALA F 214 9.53 -71.45 -2.71
CA ALA F 214 10.26 -72.74 -2.71
C ALA F 214 9.75 -73.57 -1.54
N SER F 215 9.46 -72.82 -0.47
CA SER F 215 8.66 -73.18 0.67
C SER F 215 7.16 -73.54 0.41
N VAL F 216 6.56 -72.96 -0.63
CA VAL F 216 5.16 -73.21 -0.96
C VAL F 216 4.90 -74.69 -1.38
N PRO F 217 3.97 -75.37 -0.67
CA PRO F 217 3.67 -76.76 -0.98
C PRO F 217 3.37 -76.92 -2.46
N PHE F 218 2.32 -76.25 -2.95
CA PHE F 218 1.99 -76.23 -4.35
C PHE F 218 1.04 -75.08 -4.73
N PRO F 219 1.41 -74.26 -5.71
CA PRO F 219 2.53 -74.46 -6.61
C PRO F 219 3.83 -73.99 -5.99
N PRO F 220 4.93 -74.71 -6.19
CA PRO F 220 6.12 -74.29 -5.46
C PRO F 220 6.82 -73.08 -6.06
N ARG F 221 6.14 -71.91 -6.06
CA ARG F 221 6.73 -70.67 -6.66
C ARG F 221 6.07 -69.48 -6.05
N LEU F 222 6.65 -68.30 -6.21
CA LEU F 222 5.95 -67.07 -5.90
C LEU F 222 4.65 -67.00 -6.69
N GLY F 223 3.61 -66.43 -6.09
CA GLY F 223 2.34 -66.18 -6.79
C GLY F 223 2.52 -65.12 -7.89
N ARG F 224 1.78 -65.25 -8.99
CA ARG F 224 1.79 -64.22 -10.01
C ARG F 224 0.67 -63.24 -9.68
N ALA F 225 0.98 -61.95 -9.76
CA ALA F 225 0.01 -60.88 -9.51
C ALA F 225 -1.35 -61.06 -10.21
N GLU F 226 -1.33 -61.57 -11.45
CA GLU F 226 -2.56 -61.84 -12.23
C GLU F 226 -3.48 -62.86 -11.57
N GLU F 227 -2.90 -63.72 -10.75
CA GLU F 227 -3.64 -64.78 -10.07
C GLU F 227 -4.48 -64.18 -8.88
N TYR F 228 -3.91 -63.17 -8.19
CA TYR F 228 -4.65 -62.38 -7.25
C TYR F 228 -5.80 -61.65 -7.96
N ALA F 229 -5.50 -61.07 -9.13
CA ALA F 229 -6.47 -60.33 -9.91
C ALA F 229 -7.59 -61.20 -10.44
N ALA F 230 -7.26 -62.46 -10.71
CA ALA F 230 -8.31 -63.45 -11.06
C ALA F 230 -9.27 -63.81 -9.90
N LEU F 231 -8.77 -63.85 -8.66
CA LEU F 231 -9.67 -64.13 -7.54
C LEU F 231 -10.51 -62.84 -7.29
N VAL F 232 -9.85 -61.69 -7.33
CA VAL F 232 -10.60 -60.45 -7.28
C VAL F 232 -11.75 -60.56 -8.28
N LYS F 233 -11.44 -60.95 -9.51
CA LYS F 233 -12.49 -61.03 -10.56
C LYS F 233 -13.60 -61.99 -10.16
N HIS F 234 -13.20 -63.13 -9.65
CA HIS F 234 -14.21 -64.08 -9.28
C HIS F 234 -15.09 -63.61 -8.08
N ILE F 235 -14.49 -62.94 -7.12
CA ILE F 235 -15.32 -62.33 -6.05
C ILE F 235 -16.35 -61.31 -6.65
N CYS F 236 -15.94 -60.49 -7.62
CA CYS F 236 -16.93 -59.56 -8.29
C CYS F 236 -18.08 -60.31 -8.91
N GLU F 237 -17.76 -61.39 -9.65
CA GLU F 237 -18.80 -62.22 -10.28
C GLU F 237 -19.63 -63.03 -9.29
N ASN F 238 -19.06 -63.54 -8.20
CA ASN F 238 -19.78 -64.52 -7.42
C ASN F 238 -20.56 -63.97 -6.19
N THR F 239 -21.86 -63.71 -6.35
CA THR F 239 -22.71 -63.04 -5.37
C THR F 239 -22.79 -63.66 -4.00
N LEU F 241 -20.27 -64.91 -2.48
CA LEU F 241 -19.12 -64.59 -1.71
C LEU F 241 -19.31 -63.26 -0.94
N ASN F 242 -19.38 -63.37 0.40
CA ASN F 242 -19.54 -62.20 1.23
C ASN F 242 -19.08 -62.40 2.67
N GLY F 243 -18.32 -61.41 3.15
CA GLY F 243 -17.87 -61.33 4.55
C GLY F 243 -16.84 -62.42 4.85
N GLU F 244 -16.10 -62.82 3.83
CA GLU F 244 -15.17 -63.93 3.95
C GLU F 244 -13.73 -63.43 3.76
N VAL F 245 -12.81 -64.17 4.37
CA VAL F 245 -11.39 -64.03 4.15
C VAL F 245 -10.91 -65.25 3.40
N ILE F 246 -10.30 -65.02 2.24
CA ILE F 246 -9.86 -66.12 1.41
C ILE F 246 -8.37 -66.15 1.35
N ARG F 247 -7.80 -67.23 1.89
CA ARG F 247 -6.36 -67.54 1.75
C ARG F 247 -6.04 -67.86 0.28
N LEU F 248 -5.06 -67.16 -0.27
CA LEU F 248 -4.62 -67.36 -1.65
C LEU F 248 -3.12 -67.58 -1.53
N ASP F 249 -2.69 -68.80 -1.29
CA ASP F 249 -1.35 -68.95 -0.83
C ASP F 249 -0.66 -70.28 -1.14
N GLY F 250 -1.27 -71.13 -1.94
CA GLY F 250 -0.64 -72.40 -2.32
C GLY F 250 -0.37 -73.30 -1.13
N ALA F 251 -1.23 -73.21 -0.09
CA ALA F 251 -1.07 -73.93 1.22
C ALA F 251 0.15 -73.65 2.06
N LEU F 252 0.83 -72.56 1.80
CA LEU F 252 1.89 -72.12 2.71
C LEU F 252 1.34 -71.82 4.07
N ARG F 253 2.02 -72.32 5.07
CA ARG F 253 1.75 -71.91 6.44
C ARG F 253 3.05 -71.39 6.99
N LEU G 5 -2.76 55.42 -25.22
CA LEU G 5 -3.35 54.17 -24.68
C LEU G 5 -3.99 53.22 -25.71
N LYS G 6 -4.04 53.62 -26.99
CA LYS G 6 -4.53 52.71 -28.08
C LYS G 6 -3.81 51.38 -27.96
N SER G 7 -4.56 50.27 -28.14
CA SER G 7 -4.00 48.90 -28.18
C SER G 7 -3.18 48.47 -26.94
N ARG G 8 -3.26 49.21 -25.84
CA ARG G 8 -2.56 48.82 -24.63
C ARG G 8 -3.53 47.88 -24.00
N VAL G 9 -3.02 46.88 -23.29
CA VAL G 9 -3.90 45.86 -22.73
C VAL G 9 -4.16 46.01 -21.21
N PHE G 10 -5.43 46.13 -20.83
CA PHE G 10 -5.85 46.41 -19.45
C PHE G 10 -6.75 45.35 -18.81
N ILE G 11 -6.54 45.07 -17.53
CA ILE G 11 -7.50 44.24 -16.77
C ILE G 11 -8.32 45.08 -15.82
N VAL G 12 -9.64 44.97 -15.92
CA VAL G 12 -10.53 45.75 -15.05
C VAL G 12 -11.45 44.91 -14.20
N THR G 13 -11.31 45.10 -12.91
CA THR G 13 -12.05 44.35 -11.97
C THR G 13 -13.33 45.08 -11.66
N GLY G 14 -14.37 44.33 -11.35
CA GLY G 14 -15.69 44.90 -11.10
C GLY G 14 -16.39 45.52 -12.30
N ALA G 15 -16.10 44.99 -13.49
CA ALA G 15 -16.45 45.59 -14.79
C ALA G 15 -17.93 45.59 -15.19
N SER G 16 -18.73 44.67 -14.66
CA SER G 16 -20.15 44.66 -15.00
C SER G 16 -20.88 45.94 -14.63
N SER G 17 -20.55 46.56 -13.51
CA SER G 17 -21.25 47.75 -13.08
C SER G 17 -20.41 48.89 -12.57
N GLY G 18 -21.05 49.98 -12.27
CA GLY G 18 -20.48 51.04 -11.49
C GLY G 18 -19.22 51.65 -12.02
N LEU G 19 -18.24 51.79 -11.15
CA LEU G 19 -16.94 52.33 -11.52
C LEU G 19 -16.19 51.48 -12.52
N GLY G 20 -16.26 50.18 -12.31
CA GLY G 20 -15.63 49.24 -13.20
C GLY G 20 -16.19 49.33 -14.60
N ALA G 21 -17.48 49.50 -14.72
CA ALA G 21 -18.09 49.63 -16.06
C ALA G 21 -17.65 50.91 -16.75
N ALA G 22 -17.64 52.02 -15.99
CA ALA G 22 -17.11 53.29 -16.52
C ALA G 22 -15.66 53.24 -17.02
N VAL G 23 -14.77 52.58 -16.27
CA VAL G 23 -13.33 52.45 -16.68
C VAL G 23 -13.23 51.65 -17.98
N THR G 24 -13.92 50.52 -18.00
CA THR G 24 -14.06 49.68 -19.20
C THR G 24 -14.58 50.51 -20.36
N ARG G 25 -15.71 51.22 -20.17
CA ARG G 25 -16.18 52.11 -21.24
C ARG G 25 -15.06 53.03 -21.69
N LEU G 27 -11.61 53.05 -21.33
CA LEU G 27 -10.48 52.43 -22.03
C LEU G 27 -10.88 51.94 -23.44
N ALA G 28 -12.08 51.37 -23.57
CA ALA G 28 -12.59 50.96 -24.88
C ALA G 28 -12.60 52.15 -25.83
N GLN G 29 -13.04 53.32 -25.36
CA GLN G 29 -13.09 54.48 -26.23
C GLN G 29 -11.73 55.09 -26.53
N GLU G 30 -10.68 54.67 -25.82
CA GLU G 30 -9.31 55.10 -26.09
C GLU G 30 -8.54 54.09 -26.99
N GLY G 31 -9.27 53.11 -27.51
CA GLY G 31 -8.67 52.08 -28.33
C GLY G 31 -7.81 51.06 -27.60
N ALA G 32 -8.02 50.94 -26.29
CA ALA G 32 -7.29 49.94 -25.51
C ALA G 32 -8.05 48.62 -25.51
N THR G 33 -7.33 47.51 -25.42
CA THR G 33 -7.95 46.19 -25.21
C THR G 33 -8.22 45.90 -23.73
N VAL G 34 -9.42 45.42 -23.46
CA VAL G 34 -9.84 45.31 -22.07
C VAL G 34 -10.42 43.96 -21.67
N LEU G 35 -9.81 43.32 -20.67
CA LEU G 35 -10.41 42.14 -20.08
C LEU G 35 -11.21 42.51 -18.82
N GLY G 36 -12.52 42.55 -18.98
CA GLY G 36 -13.41 42.86 -17.87
C GLY G 36 -13.75 41.66 -17.02
N LEU G 37 -13.18 41.58 -15.82
CA LEU G 37 -13.59 40.58 -14.81
C LEU G 37 -14.66 41.07 -13.88
N ASP G 38 -15.59 40.20 -13.52
CA ASP G 38 -16.61 40.43 -12.47
C ASP G 38 -17.20 39.05 -12.12
N LEU G 39 -18.09 38.98 -11.13
CA LEU G 39 -18.63 37.69 -10.75
C LEU G 39 -19.72 37.14 -11.69
N LYS G 40 -20.69 37.99 -12.03
CA LYS G 40 -21.77 37.61 -12.95
C LYS G 40 -21.59 38.24 -14.33
N VAL G 55 -12.91 44.44 -25.83
CA VAL G 55 -13.59 44.31 -24.53
C VAL G 55 -14.30 42.96 -24.35
N ARG G 56 -13.53 42.00 -23.85
CA ARG G 56 -14.01 40.66 -23.50
C ARG G 56 -14.27 40.52 -21.99
N PHE G 57 -15.55 40.51 -21.60
CA PHE G 57 -15.97 40.15 -20.23
C PHE G 57 -15.57 38.70 -19.89
N ARG G 58 -15.61 38.34 -18.62
CA ARG G 58 -15.15 37.02 -18.16
C ARG G 58 -15.57 36.86 -16.70
N ASN G 59 -15.99 35.66 -16.30
CA ASN G 59 -16.42 35.46 -14.90
C ASN G 59 -15.23 35.05 -14.08
N ALA G 60 -15.08 35.66 -12.91
CA ALA G 60 -13.95 35.37 -12.05
C ALA G 60 -14.25 35.90 -10.67
N ASP G 61 -14.13 35.03 -9.67
CA ASP G 61 -14.21 35.46 -8.26
C ASP G 61 -12.84 35.95 -7.84
N VAL G 62 -12.69 37.26 -7.83
CA VAL G 62 -11.43 37.94 -7.62
C VAL G 62 -10.66 37.47 -6.32
N THR G 63 -11.42 36.89 -5.40
CA THR G 63 -10.94 36.42 -4.11
C THR G 63 -10.10 35.11 -4.17
N ASN G 64 -10.22 34.44 -5.30
CA ASN G 64 -9.77 33.07 -5.48
C ASN G 64 -8.50 32.95 -6.38
N GLU G 65 -7.47 32.32 -5.84
CA GLU G 65 -6.17 32.17 -6.48
C GLU G 65 -6.28 31.51 -7.86
N ALA G 66 -7.01 30.40 -7.95
CA ALA G 66 -7.25 29.70 -9.22
C ALA G 66 -7.93 30.55 -10.31
N ASP G 67 -9.18 30.94 -10.10
CA ASP G 67 -9.91 31.79 -11.10
C ASP G 67 -9.09 32.99 -11.56
N ALA G 68 -8.36 33.62 -10.66
CA ALA G 68 -7.55 34.78 -11.04
C ALA G 68 -6.23 34.45 -11.74
N THR G 69 -5.61 33.32 -11.39
CA THR G 69 -4.48 32.80 -12.19
C THR G 69 -4.91 32.47 -13.61
N ALA G 70 -6.06 31.81 -13.74
CA ALA G 70 -6.51 31.43 -15.08
C ALA G 70 -6.83 32.71 -15.87
N ALA G 71 -7.56 33.63 -15.24
CA ALA G 71 -7.80 34.96 -15.83
C ALA G 71 -6.52 35.62 -16.34
N LEU G 72 -5.51 35.70 -15.48
CA LEU G 72 -4.22 36.23 -15.92
C LEU G 72 -3.62 35.40 -17.02
N ALA G 73 -3.75 34.08 -16.93
CA ALA G 73 -3.26 33.16 -17.98
C ALA G 73 -3.95 33.41 -19.32
N PHE G 74 -5.28 33.48 -19.29
CA PHE G 74 -6.05 33.85 -20.47
C PHE G 74 -5.50 35.09 -21.14
N ALA G 75 -5.12 36.08 -20.32
CA ALA G 75 -4.81 37.39 -20.83
C ALA G 75 -3.41 37.41 -21.40
N LYS G 76 -2.44 36.83 -20.69
CA LYS G 76 -1.09 36.71 -21.25
C LYS G 76 -1.12 35.94 -22.57
N GLN G 77 -2.04 34.96 -22.65
CA GLN G 77 -2.14 34.03 -23.81
C GLN G 77 -2.84 34.67 -25.01
N GLU G 78 -4.08 35.13 -24.82
CA GLU G 78 -4.84 35.79 -25.88
C GLU G 78 -4.18 37.08 -26.40
N PHE G 79 -3.68 37.95 -25.53
CA PHE G 79 -3.20 39.27 -26.00
C PHE G 79 -1.70 39.52 -25.82
N GLY G 80 -0.99 38.57 -25.23
CA GLY G 80 0.47 38.67 -25.14
C GLY G 80 1.09 39.53 -24.05
N HIS G 81 0.42 40.62 -23.66
CA HIS G 81 0.98 41.48 -22.61
C HIS G 81 -0.10 42.10 -21.72
N VAL G 82 0.13 42.09 -20.41
CA VAL G 82 -0.70 42.91 -19.52
C VAL G 82 0.05 44.21 -19.26
N HIS G 83 -0.63 45.32 -19.49
CA HIS G 83 -0.05 46.66 -19.36
C HIS G 83 -0.67 47.49 -18.20
N GLY G 84 -1.95 47.25 -17.90
CA GLY G 84 -2.62 47.94 -16.79
C GLY G 84 -3.57 47.07 -15.98
N LEU G 85 -3.83 47.49 -14.76
CA LEU G 85 -4.80 46.84 -13.90
C LEU G 85 -5.51 47.92 -13.13
N VAL G 86 -6.83 47.82 -13.06
CA VAL G 86 -7.63 48.76 -12.36
C VAL G 86 -8.55 47.93 -11.46
N ASN G 87 -8.38 48.01 -10.13
CA ASN G 87 -9.29 47.29 -9.22
C ASN G 87 -10.56 48.08 -8.84
N CYS G 88 -11.74 47.66 -9.31
CA CYS G 88 -13.00 48.21 -8.73
C CYS G 88 -14.04 47.20 -8.19
N ALA G 89 -13.67 45.92 -8.05
CA ALA G 89 -14.48 44.97 -7.29
C ALA G 89 -14.57 45.42 -5.85
N GLY G 90 -15.77 45.64 -5.34
CA GLY G 90 -15.91 45.97 -3.94
C GLY G 90 -17.32 45.86 -3.42
N THR G 91 -17.43 45.83 -2.10
CA THR G 91 -18.69 45.82 -1.36
C THR G 91 -18.70 47.05 -0.41
N ALA G 92 -19.78 47.80 -0.42
CA ALA G 92 -19.94 48.90 0.52
C ALA G 92 -21.07 48.63 1.56
N PRO G 93 -21.00 47.51 2.31
CA PRO G 93 -22.08 47.26 3.24
C PRO G 93 -22.05 48.23 4.42
N GLY G 94 -23.16 48.26 5.17
CA GLY G 94 -23.30 49.07 6.37
C GLY G 94 -23.82 48.19 7.50
N GLU G 95 -23.18 48.26 8.65
CA GLU G 95 -23.52 47.41 9.81
C GLU G 95 -22.73 47.96 10.97
N LYS G 96 -23.43 48.21 12.07
CA LYS G 96 -22.81 48.81 13.24
C LYS G 96 -22.06 47.74 14.02
N ILE G 97 -21.04 48.15 14.77
CA ILE G 97 -20.34 47.24 15.67
C ILE G 97 -21.30 46.55 16.66
N LEU G 98 -22.21 47.34 17.26
CA LEU G 98 -23.21 46.87 18.25
C LEU G 98 -24.62 47.14 17.77
N GLY G 99 -25.26 46.10 17.26
CA GLY G 99 -26.61 46.21 16.71
C GLY G 99 -27.70 45.97 17.74
N ARG G 100 -28.96 46.12 17.29
CA ARG G 100 -30.13 45.94 18.15
C ARG G 100 -30.24 44.46 18.52
N SER G 101 -29.93 43.60 17.55
CA SER G 101 -29.87 42.14 17.74
C SER G 101 -28.61 41.64 18.42
N GLY G 102 -27.56 42.46 18.44
CA GLY G 102 -26.24 41.99 18.91
C GLY G 102 -25.04 42.48 18.08
N PRO G 103 -23.85 41.91 18.33
CA PRO G 103 -22.69 42.40 17.60
C PRO G 103 -22.67 42.14 16.07
N HIS G 104 -21.95 43.01 15.35
CA HIS G 104 -21.64 42.87 13.93
C HIS G 104 -21.22 41.42 13.73
N ALA G 105 -21.79 40.75 12.74
CA ALA G 105 -21.44 39.37 12.47
C ALA G 105 -19.96 39.32 12.00
N LEU G 106 -19.22 38.37 12.59
CA LEU G 106 -17.79 38.24 12.32
C LEU G 106 -17.60 37.96 10.87
N ASP G 107 -18.40 37.02 10.35
CA ASP G 107 -18.29 36.54 8.97
C ASP G 107 -18.61 37.60 7.90
N SER G 108 -19.53 38.51 8.22
CA SER G 108 -19.79 39.61 7.30
C SER G 108 -18.56 40.50 7.17
N PHE G 109 -17.90 40.72 8.29
CA PHE G 109 -16.73 41.53 8.34
C PHE G 109 -15.66 40.94 7.47
N ALA G 110 -15.41 39.64 7.69
CA ALA G 110 -14.42 38.87 6.93
C ALA G 110 -14.70 38.92 5.46
N ARG G 111 -15.95 38.76 5.04
CA ARG G 111 -16.19 38.74 3.59
C ARG G 111 -15.97 40.15 2.94
N THR G 112 -16.36 41.21 3.65
CA THR G 112 -16.13 42.59 3.17
C THR G 112 -14.63 42.79 3.01
N VAL G 113 -13.88 42.27 3.98
CA VAL G 113 -12.44 42.34 3.91
C VAL G 113 -11.92 41.46 2.78
N ALA G 114 -12.53 40.28 2.61
CA ALA G 114 -12.10 39.36 1.54
C ALA G 114 -12.23 40.02 0.14
N VAL G 115 -13.38 40.61 -0.14
CA VAL G 115 -13.58 41.16 -1.47
C VAL G 115 -12.60 42.30 -1.72
N ASN G 116 -12.75 43.36 -0.92
CA ASN G 116 -12.04 44.63 -1.07
C ASN G 116 -10.55 44.56 -0.90
N LEU G 117 -10.04 43.74 0.03
CA LEU G 117 -8.59 43.80 0.28
C LEU G 117 -7.81 42.60 -0.30
N ILE G 118 -8.29 41.39 0.00
CA ILE G 118 -7.69 40.14 -0.51
C ILE G 118 -7.82 40.14 -2.01
N GLY G 119 -9.04 40.27 -2.51
CA GLY G 119 -9.30 40.38 -3.93
C GLY G 119 -8.37 41.33 -4.66
N THR G 120 -8.14 42.54 -4.14
CA THR G 120 -7.27 43.45 -4.88
C THR G 120 -5.83 43.07 -4.72
N PHE G 121 -5.47 42.52 -3.59
CA PHE G 121 -4.10 42.03 -3.49
C PHE G 121 -3.79 40.87 -4.44
N ASN G 122 -4.78 39.97 -4.55
CA ASN G 122 -4.66 38.79 -5.39
C ASN G 122 -4.42 39.27 -6.83
N ILE G 124 -3.12 42.16 -7.75
CA ILE G 124 -1.87 42.93 -7.92
C ILE G 124 -0.71 41.95 -8.00
N ARG G 125 -0.69 40.96 -7.11
CA ARG G 125 0.37 39.97 -7.14
C ARG G 125 0.46 39.33 -8.57
N LEU G 126 -0.68 38.89 -9.09
CA LEU G 126 -0.71 38.19 -10.37
C LEU G 126 -0.47 39.12 -11.57
N ALA G 127 -1.22 40.23 -11.66
CA ALA G 127 -0.97 41.18 -12.76
C ALA G 127 0.47 41.68 -12.76
N ALA G 128 1.03 41.89 -11.57
CA ALA G 128 2.37 42.41 -11.45
C ALA G 128 3.39 41.44 -12.03
N GLU G 129 3.23 40.15 -11.71
CA GLU G 129 4.07 39.10 -12.36
C GLU G 129 4.19 39.24 -13.90
N VAL G 130 3.04 39.38 -14.56
CA VAL G 130 2.94 39.47 -16.02
C VAL G 130 3.53 40.75 -16.58
N SER G 132 5.54 42.31 -15.20
CA SER G 132 6.97 42.14 -14.88
C SER G 132 7.78 41.70 -16.09
N GLN G 133 7.12 41.04 -17.04
CA GLN G 133 7.81 40.29 -18.10
C GLN G 133 7.77 40.99 -19.47
N GLY G 134 7.07 42.09 -19.50
CA GLY G 134 6.90 42.87 -20.68
C GLY G 134 8.06 43.76 -21.01
N GLU G 135 8.03 44.31 -22.21
CA GLU G 135 8.93 45.33 -22.65
C GLU G 135 8.64 46.65 -21.95
N PRO G 136 9.66 47.41 -21.71
CA PRO G 136 9.47 48.67 -21.05
C PRO G 136 9.47 49.78 -22.06
N ASP G 137 8.41 50.53 -21.97
CA ASP G 137 7.94 51.56 -22.84
C ASP G 137 8.84 52.69 -22.58
N ALA G 138 8.76 53.74 -23.36
CA ALA G 138 9.80 54.73 -23.53
C ALA G 138 10.17 55.43 -22.25
N ASP G 139 9.21 55.71 -21.41
CA ASP G 139 9.53 56.25 -20.11
C ASP G 139 10.24 55.22 -19.18
N GLY G 140 10.33 53.97 -19.61
CA GLY G 140 10.86 52.87 -18.82
C GLY G 140 9.78 52.11 -18.09
N GLU G 141 8.53 52.35 -18.46
CA GLU G 141 7.36 51.83 -17.75
C GLU G 141 6.78 50.51 -18.33
N ARG G 142 6.46 49.58 -17.42
CA ARG G 142 5.97 48.24 -17.72
C ARG G 142 4.51 47.97 -17.27
N GLY G 143 3.89 48.93 -16.61
CA GLY G 143 2.52 48.76 -16.17
C GLY G 143 2.04 49.81 -15.17
N VAL G 144 0.73 49.95 -15.08
CA VAL G 144 0.15 50.86 -14.13
C VAL G 144 -0.88 50.10 -13.38
N ILE G 145 -0.86 50.21 -12.06
CA ILE G 145 -1.95 49.71 -11.23
C ILE G 145 -2.67 50.81 -10.42
N VAL G 146 -3.98 50.89 -10.63
CA VAL G 146 -4.86 51.80 -9.93
C VAL G 146 -5.89 51.04 -9.06
N ASN G 147 -5.94 51.34 -7.76
CA ASN G 147 -6.87 50.70 -6.85
C ASN G 147 -7.97 51.63 -6.44
N THR G 148 -9.08 51.09 -5.98
CA THR G 148 -10.19 51.90 -5.51
C THR G 148 -10.20 51.71 -4.01
N ALA G 149 -9.86 52.76 -3.27
CA ALA G 149 -10.12 52.71 -1.83
C ALA G 149 -11.47 53.43 -1.60
N SER G 150 -11.50 54.33 -0.63
CA SER G 150 -12.69 55.11 -0.30
C SER G 150 -12.26 56.21 0.69
N ILE G 151 -12.95 57.34 0.70
CA ILE G 151 -12.76 58.31 1.78
C ILE G 151 -13.13 57.75 3.14
N ALA G 152 -13.94 56.68 3.16
CA ALA G 152 -14.19 55.92 4.41
C ALA G 152 -12.91 55.39 5.10
N ALA G 153 -11.88 55.18 4.32
CA ALA G 153 -10.61 54.81 4.88
C ALA G 153 -10.10 55.89 5.83
N PHE G 154 -10.55 57.13 5.64
CA PHE G 154 -10.06 58.26 6.46
C PHE G 154 -11.14 58.92 7.29
N ASP G 155 -12.40 58.88 6.88
CA ASP G 155 -13.49 59.45 7.67
C ASP G 155 -14.63 58.45 7.88
N GLY G 156 -14.34 57.19 8.19
CA GLY G 156 -15.37 56.17 8.24
C GLY G 156 -16.50 56.64 9.15
N GLN G 157 -17.72 56.72 8.59
CA GLN G 157 -18.93 57.17 9.31
C GLN G 157 -19.41 56.01 10.18
N ILE G 158 -20.26 56.27 11.17
CA ILE G 158 -20.88 55.19 11.98
C ILE G 158 -21.41 54.05 11.09
N GLY G 159 -21.13 52.80 11.47
CA GLY G 159 -21.69 51.65 10.74
C GLY G 159 -20.86 51.17 9.57
N GLN G 160 -19.70 51.78 9.38
CA GLN G 160 -18.87 51.64 8.18
C GLN G 160 -17.56 50.99 8.56
N ALA G 161 -17.48 50.39 9.75
CA ALA G 161 -16.20 49.92 10.23
C ALA G 161 -15.55 48.88 9.30
N ALA G 162 -16.37 48.06 8.65
CA ALA G 162 -15.82 47.05 7.77
C ALA G 162 -15.33 47.62 6.42
N TYR G 163 -16.13 48.49 5.86
CA TYR G 163 -15.72 49.16 4.64
C TYR G 163 -14.49 50.02 4.86
N ALA G 164 -14.40 50.74 5.97
CA ALA G 164 -13.22 51.60 6.29
C ALA G 164 -11.95 50.79 6.49
N ALA G 165 -12.03 49.86 7.45
CA ALA G 165 -10.99 48.83 7.57
C ALA G 165 -10.57 48.23 6.19
N SER G 166 -11.51 47.65 5.45
CA SER G 166 -11.24 47.21 4.05
C SER G 166 -10.38 48.17 3.23
N LYS G 167 -10.91 49.37 3.06
CA LYS G 167 -10.35 50.34 2.13
C LYS G 167 -9.12 51.02 2.68
N GLY G 168 -9.04 51.15 4.00
CA GLY G 168 -7.84 51.62 4.65
C GLY G 168 -6.68 50.67 4.41
N GLY G 169 -6.96 49.38 4.38
CA GLY G 169 -5.99 48.39 4.01
C GLY G 169 -5.51 48.60 2.59
N VAL G 170 -6.44 48.77 1.65
CA VAL G 170 -6.05 49.04 0.26
C VAL G 170 -5.21 50.32 0.20
N ALA G 171 -5.66 51.38 0.88
CA ALA G 171 -4.90 52.60 0.93
C ALA G 171 -3.48 52.38 1.39
N ALA G 172 -3.35 51.61 2.48
CA ALA G 172 -2.10 51.47 3.19
C ALA G 172 -1.15 50.63 2.34
N LEU G 173 -1.75 49.92 1.41
CA LEU G 173 -1.06 49.01 0.51
C LEU G 173 -0.32 49.73 -0.60
N THR G 174 -0.81 50.89 -1.01
CA THR G 174 -0.28 51.59 -2.19
C THR G 174 1.25 51.76 -2.21
N LEU G 175 1.83 52.31 -1.15
CA LEU G 175 3.23 52.71 -1.08
C LEU G 175 4.24 51.56 -0.99
N PRO G 176 4.03 50.59 -0.07
CA PRO G 176 4.98 49.48 -0.14
C PRO G 176 4.89 48.73 -1.51
N ALA G 177 3.72 48.65 -2.09
CA ALA G 177 3.63 48.15 -3.43
C ALA G 177 4.44 48.97 -4.40
N ALA G 178 4.35 50.30 -4.30
CA ALA G 178 4.90 51.13 -5.38
C ALA G 178 6.38 51.11 -5.25
N ARG G 179 6.85 51.04 -4.01
CA ARG G 179 8.27 50.99 -3.78
C ARG G 179 8.94 49.70 -4.26
N GLU G 180 8.28 48.54 -4.07
CA GLU G 180 8.83 47.29 -4.59
C GLU G 180 8.65 47.23 -6.12
N LEU G 181 7.47 47.57 -6.62
CA LEU G 181 7.22 47.40 -8.03
C LEU G 181 7.99 48.42 -8.89
N ALA G 182 8.69 49.37 -8.26
CA ALA G 182 9.42 50.41 -8.97
C ALA G 182 10.62 49.84 -9.71
N ARG G 183 11.12 48.71 -9.20
CA ARG G 183 12.20 47.90 -9.81
C ARG G 183 11.88 47.56 -11.26
N PHE G 184 10.61 47.25 -11.52
CA PHE G 184 10.15 46.83 -12.81
C PHE G 184 9.43 47.91 -13.50
N GLY G 185 9.49 49.14 -12.97
CA GLY G 185 8.70 50.24 -13.55
C GLY G 185 7.19 50.02 -13.53
N ILE G 186 6.67 49.47 -12.45
CA ILE G 186 5.21 49.36 -12.32
C ILE G 186 4.69 50.37 -11.27
N ARG G 187 3.86 51.31 -11.71
CA ARG G 187 3.35 52.33 -10.85
C ARG G 187 2.14 51.82 -10.07
N VAL G 188 2.02 52.22 -8.81
CA VAL G 188 0.84 51.85 -8.03
C VAL G 188 0.29 53.08 -7.42
N VAL G 189 -0.97 53.38 -7.76
CA VAL G 189 -1.67 54.55 -7.27
C VAL G 189 -3.03 54.13 -6.86
N THR G 190 -3.59 54.77 -5.82
CA THR G 190 -4.95 54.51 -5.35
C THR G 190 -5.83 55.77 -5.32
N ILE G 191 -7.06 55.64 -5.78
CA ILE G 191 -8.08 56.67 -5.70
C ILE G 191 -8.98 56.40 -4.48
N ALA G 192 -9.19 57.43 -3.68
CA ALA G 192 -10.19 57.39 -2.63
C ALA G 192 -11.41 58.14 -3.05
N PRO G 193 -12.36 57.44 -3.68
CA PRO G 193 -13.57 58.09 -4.12
C PRO G 193 -14.53 58.48 -2.98
N GLY G 194 -15.27 59.59 -3.14
CA GLY G 194 -16.39 59.98 -2.24
C GLY G 194 -17.73 59.32 -2.64
N ILE G 195 -18.82 60.08 -2.72
CA ILE G 195 -20.13 59.49 -3.05
C ILE G 195 -20.46 59.57 -4.54
N PHE G 196 -20.55 58.41 -5.16
CA PHE G 196 -20.70 58.26 -6.63
C PHE G 196 -22.01 57.61 -6.99
N ASP G 197 -22.50 57.92 -8.13
CA ASP G 197 -23.76 57.38 -8.59
C ASP G 197 -23.53 56.06 -9.23
N THR G 198 -23.39 55.06 -8.39
CA THR G 198 -23.17 53.72 -8.74
C THR G 198 -23.99 53.02 -7.70
N PRO G 199 -24.41 51.80 -7.96
CA PRO G 199 -25.20 51.07 -6.99
C PRO G 199 -24.20 50.35 -6.17
N ALA G 214 -26.01 66.51 -1.75
CA ALA G 214 -26.61 67.65 -0.99
C ALA G 214 -25.62 68.18 0.04
N SER G 215 -25.05 67.22 0.79
CA SER G 215 -23.99 67.43 1.77
C SER G 215 -22.55 67.59 1.17
N VAL G 216 -22.29 67.11 -0.03
CA VAL G 216 -21.01 67.42 -0.70
C VAL G 216 -20.89 68.92 -1.02
N PRO G 217 -19.77 69.56 -0.60
CA PRO G 217 -19.66 71.01 -0.73
C PRO G 217 -19.66 71.48 -2.19
N PHE G 218 -18.74 70.95 -3.00
CA PHE G 218 -18.77 71.24 -4.41
C PHE G 218 -18.04 70.23 -5.28
N PRO G 219 -18.74 69.66 -6.25
CA PRO G 219 -20.12 69.97 -6.62
C PRO G 219 -21.08 69.27 -5.69
N PRO G 220 -22.23 69.91 -5.38
CA PRO G 220 -23.15 69.33 -4.40
C PRO G 220 -24.08 68.29 -5.07
N ARG G 221 -23.57 67.09 -5.28
CA ARG G 221 -24.23 66.04 -6.05
C ARG G 221 -23.34 64.77 -6.04
N LEU G 222 -23.97 63.62 -6.26
CA LEU G 222 -23.27 62.39 -6.57
C LEU G 222 -22.26 62.59 -7.68
N GLY G 223 -21.09 62.02 -7.52
CA GLY G 223 -20.14 61.94 -8.64
C GLY G 223 -20.68 61.07 -9.78
N ARG G 224 -20.27 61.36 -11.01
CA ARG G 224 -20.57 60.46 -12.09
C ARG G 224 -19.40 59.51 -12.21
N ALA G 225 -19.71 58.23 -12.44
CA ALA G 225 -18.69 57.22 -12.52
C ALA G 225 -17.69 57.61 -13.59
N GLU G 226 -18.15 58.33 -14.63
CA GLU G 226 -17.32 58.79 -15.75
C GLU G 226 -16.19 59.71 -15.21
N GLU G 227 -16.44 60.40 -14.11
CA GLU G 227 -15.37 61.27 -13.60
C GLU G 227 -14.23 60.47 -12.91
N TYR G 228 -14.57 59.31 -12.36
CA TYR G 228 -13.58 58.41 -11.87
C TYR G 228 -12.68 57.94 -13.04
N ALA G 229 -13.27 57.43 -14.12
CA ALA G 229 -12.47 56.85 -15.19
C ALA G 229 -11.59 57.93 -15.76
N ALA G 230 -12.08 59.18 -15.72
CA ALA G 230 -11.26 60.39 -16.07
C ALA G 230 -10.00 60.53 -15.23
N LEU G 231 -10.10 60.35 -13.91
CA LEU G 231 -8.88 60.36 -13.07
C LEU G 231 -7.96 59.16 -13.34
N VAL G 232 -8.56 57.95 -13.52
CA VAL G 232 -7.78 56.73 -13.85
C VAL G 232 -7.02 56.98 -15.16
N LYS G 233 -7.65 57.61 -16.13
CA LYS G 233 -6.99 57.89 -17.41
C LYS G 233 -5.86 58.85 -17.15
N HIS G 234 -6.13 59.85 -16.31
CA HIS G 234 -5.03 60.78 -16.02
C HIS G 234 -3.88 60.08 -15.35
N ILE G 235 -4.17 59.13 -14.48
CA ILE G 235 -3.08 58.44 -13.79
C ILE G 235 -2.23 57.59 -14.76
N CYS G 236 -2.89 56.98 -15.75
CA CYS G 236 -2.17 56.27 -16.80
C CYS G 236 -1.32 57.22 -17.65
N GLU G 237 -1.77 58.47 -17.80
CA GLU G 237 -1.03 59.45 -18.63
C GLU G 237 0.15 60.08 -17.95
N ASN G 238 0.08 60.27 -16.64
CA ASN G 238 1.06 61.07 -15.91
C ASN G 238 1.97 60.15 -15.09
N THR G 239 3.25 60.10 -15.45
CA THR G 239 4.16 59.10 -15.01
C THR G 239 4.57 59.42 -13.58
N LEU G 241 2.78 60.51 -11.21
CA LEU G 241 1.85 59.93 -10.23
C LEU G 241 2.17 58.46 -9.80
N ASN G 242 2.63 58.32 -8.57
CA ASN G 242 3.04 57.03 -8.05
C ASN G 242 3.00 57.02 -6.50
N GLY G 243 2.40 55.99 -5.92
CA GLY G 243 2.53 55.70 -4.49
C GLY G 243 1.63 56.54 -3.58
N GLU G 244 0.58 57.09 -4.16
CA GLU G 244 -0.17 58.19 -3.56
C GLU G 244 -1.61 57.76 -3.52
N VAL G 245 -2.33 58.21 -2.50
CA VAL G 245 -3.77 57.99 -2.41
C VAL G 245 -4.52 59.29 -2.79
N ILE G 246 -5.45 59.28 -3.76
CA ILE G 246 -6.04 60.52 -4.27
C ILE G 246 -7.54 60.62 -3.94
N ARG G 247 -7.92 61.58 -3.10
CA ARG G 247 -9.34 61.78 -2.78
C ARG G 247 -10.07 62.41 -3.95
N LEU G 248 -11.21 61.81 -4.28
CA LEU G 248 -12.05 62.25 -5.39
C LEU G 248 -13.47 62.36 -4.82
N ASP G 249 -13.73 63.47 -4.15
CA ASP G 249 -14.89 63.51 -3.25
C ASP G 249 -15.66 64.82 -3.17
N GLY G 250 -15.32 65.77 -4.03
CA GLY G 250 -15.94 67.12 -3.98
C GLY G 250 -15.73 67.83 -2.64
N ALA G 251 -14.66 67.47 -1.93
CA ALA G 251 -14.31 68.05 -0.65
C ALA G 251 -15.21 67.62 0.49
N LEU G 252 -15.94 66.54 0.31
CA LEU G 252 -16.73 66.00 1.39
C LEU G 252 -15.86 65.42 2.49
N ARG G 253 -16.30 65.61 3.74
CA ARG G 253 -15.80 64.90 4.94
C ARG G 253 -17.03 64.32 5.75
N GLN H 4 22.13 -41.85 -27.27
CA GLN H 4 21.54 -40.87 -26.29
C GLN H 4 21.81 -39.40 -26.64
N LEU H 5 20.85 -38.54 -26.31
CA LEU H 5 20.95 -37.11 -26.64
C LEU H 5 21.75 -36.24 -25.63
N LYS H 6 21.97 -36.77 -24.42
CA LYS H 6 22.70 -36.11 -23.30
C LYS H 6 24.05 -35.43 -23.67
N SER H 7 24.17 -34.12 -23.36
CA SER H 7 25.41 -33.33 -23.55
C SER H 7 25.84 -33.09 -25.02
N ARG H 8 24.91 -33.32 -25.95
CA ARG H 8 25.11 -33.08 -27.38
C ARG H 8 24.38 -31.80 -27.82
N VAL H 9 25.08 -31.00 -28.64
CA VAL H 9 24.61 -29.67 -29.08
C VAL H 9 24.05 -29.61 -30.51
N PHE H 10 22.77 -29.25 -30.51
CA PHE H 10 21.95 -29.02 -31.65
C PHE H 10 21.64 -27.54 -31.85
N ILE H 11 21.73 -27.09 -33.11
CA ILE H 11 21.07 -25.85 -33.54
C ILE H 11 19.67 -26.19 -34.04
N VAL H 12 18.65 -25.48 -33.57
CA VAL H 12 17.28 -25.67 -34.08
C VAL H 12 16.80 -24.38 -34.77
N THR H 13 15.94 -24.54 -35.75
CA THR H 13 15.54 -23.44 -36.59
C THR H 13 14.02 -23.35 -36.50
N GLY H 14 13.50 -22.13 -36.62
CA GLY H 14 12.08 -21.87 -36.40
C GLY H 14 11.75 -22.24 -34.95
N ALA H 15 12.72 -21.99 -34.06
CA ALA H 15 12.68 -22.47 -32.68
C ALA H 15 11.53 -21.94 -31.86
N SER H 16 10.95 -20.81 -32.29
CA SER H 16 10.06 -20.09 -31.42
C SER H 16 8.69 -20.70 -31.28
N SER H 17 8.15 -21.34 -32.32
CA SER H 17 6.85 -22.00 -32.14
C SER H 17 6.70 -23.21 -33.05
N GLY H 18 5.47 -23.70 -33.17
CA GLY H 18 5.15 -24.87 -33.97
C GLY H 18 6.18 -25.98 -33.76
N LEU H 19 6.68 -26.53 -34.85
CA LEU H 19 7.47 -27.74 -34.71
C LEU H 19 8.84 -27.44 -34.14
N GLY H 20 9.36 -26.26 -34.46
CA GLY H 20 10.67 -25.87 -34.00
C GLY H 20 10.78 -25.87 -32.48
N ALA H 21 9.71 -25.41 -31.83
CA ALA H 21 9.67 -25.37 -30.35
C ALA H 21 9.50 -26.77 -29.83
N ALA H 22 8.56 -27.49 -30.41
CA ALA H 22 8.34 -28.89 -30.04
C ALA H 22 9.63 -29.71 -30.10
N VAL H 23 10.46 -29.43 -31.10
CA VAL H 23 11.79 -30.06 -31.21
C VAL H 23 12.74 -29.68 -30.08
N THR H 24 12.98 -28.38 -29.92
CA THR H 24 13.78 -27.82 -28.82
C THR H 24 13.32 -28.39 -27.47
N ARG H 25 12.02 -28.46 -27.26
CA ARG H 25 11.47 -28.88 -26.01
C ARG H 25 11.89 -30.27 -25.67
N LEU H 27 14.58 -31.97 -27.12
CA LEU H 27 16.00 -32.06 -26.98
C LEU H 27 16.40 -31.68 -25.53
N ALA H 28 15.72 -30.69 -24.99
CA ALA H 28 15.93 -30.28 -23.63
C ALA H 28 15.59 -31.45 -22.70
N GLN H 29 14.52 -32.15 -22.99
CA GLN H 29 13.95 -33.18 -22.14
C GLN H 29 15.04 -34.20 -21.99
N GLU H 30 15.78 -34.42 -23.06
CA GLU H 30 16.85 -35.38 -23.11
C GLU H 30 18.22 -34.96 -22.59
N GLY H 31 18.36 -33.74 -22.12
CA GLY H 31 19.62 -33.29 -21.53
C GLY H 31 20.56 -32.69 -22.54
N ALA H 32 20.06 -32.51 -23.76
CA ALA H 32 20.88 -31.97 -24.85
C ALA H 32 21.12 -30.47 -24.76
N THR H 33 22.18 -30.01 -25.39
CA THR H 33 22.52 -28.60 -25.39
C THR H 33 21.90 -27.93 -26.65
N VAL H 34 21.15 -26.83 -26.49
CA VAL H 34 20.38 -26.24 -27.63
C VAL H 34 20.45 -24.73 -27.94
N LEU H 35 20.91 -24.40 -29.13
CA LEU H 35 20.85 -23.04 -29.65
C LEU H 35 19.62 -22.91 -30.57
N GLY H 36 18.55 -22.29 -30.06
CA GLY H 36 17.30 -22.09 -30.79
C GLY H 36 17.30 -20.79 -31.59
N LEU H 37 17.39 -20.91 -32.92
CA LEU H 37 17.45 -19.78 -33.83
C LEU H 37 16.05 -19.43 -34.32
N ASP H 38 15.78 -18.13 -34.50
CA ASP H 38 14.50 -17.61 -35.03
C ASP H 38 14.53 -16.09 -35.31
N LEU H 39 13.47 -15.56 -35.94
CA LEU H 39 13.32 -14.09 -36.11
C LEU H 39 12.73 -13.48 -34.83
N VAL H 55 19.88 -24.67 -23.06
CA VAL H 55 18.95 -24.12 -24.06
C VAL H 55 18.91 -22.59 -24.09
N ARG H 56 19.44 -22.00 -25.17
CA ARG H 56 19.38 -20.55 -25.36
C ARG H 56 18.82 -20.18 -26.72
N PHE H 57 18.00 -19.15 -26.72
CA PHE H 57 17.33 -18.62 -27.91
C PHE H 57 18.13 -17.43 -28.47
N ARG H 58 17.92 -17.16 -29.76
CA ARG H 58 18.71 -16.16 -30.44
C ARG H 58 17.99 -15.69 -31.71
N ASN H 59 18.26 -14.45 -32.10
CA ASN H 59 17.69 -13.81 -33.27
C ASN H 59 18.60 -13.92 -34.48
N ALA H 60 18.04 -14.55 -35.52
CA ALA H 60 18.73 -14.68 -36.79
C ALA H 60 17.73 -14.92 -37.94
N ASP H 61 17.96 -14.21 -39.04
CA ASP H 61 17.38 -14.56 -40.32
C ASP H 61 18.24 -15.68 -40.91
N VAL H 62 17.64 -16.86 -40.94
CA VAL H 62 18.28 -18.07 -41.43
C VAL H 62 18.80 -17.91 -42.89
N THR H 63 18.15 -17.00 -43.60
CA THR H 63 18.37 -16.67 -45.00
C THR H 63 19.62 -15.82 -45.26
N ASN H 64 20.13 -15.22 -44.19
CA ASN H 64 21.19 -14.22 -44.28
C ASN H 64 22.52 -14.85 -43.93
N GLU H 65 23.53 -14.65 -44.79
CA GLU H 65 24.87 -15.21 -44.62
C GLU H 65 25.53 -14.78 -43.30
N ALA H 66 25.34 -13.51 -42.91
CA ALA H 66 25.96 -12.96 -41.69
C ALA H 66 25.31 -13.49 -40.44
N ASP H 67 23.99 -13.35 -40.35
CA ASP H 67 23.23 -13.88 -39.22
C ASP H 67 23.50 -15.37 -38.96
N ALA H 68 24.01 -16.09 -39.96
CA ALA H 68 24.06 -17.54 -39.91
C ALA H 68 25.36 -17.89 -39.25
N THR H 69 26.43 -17.34 -39.81
CA THR H 69 27.76 -17.38 -39.21
C THR H 69 27.77 -16.85 -37.77
N ALA H 70 27.19 -15.66 -37.57
CA ALA H 70 26.90 -15.12 -36.24
C ALA H 70 26.59 -16.26 -35.28
N ALA H 71 25.59 -17.04 -35.67
CA ALA H 71 25.04 -18.09 -34.85
C ALA H 71 25.93 -19.34 -34.78
N LEU H 72 26.77 -19.53 -35.79
CA LEU H 72 27.78 -20.61 -35.78
C LEU H 72 29.05 -20.21 -35.04
N ALA H 73 29.34 -18.91 -35.01
CA ALA H 73 30.45 -18.39 -34.21
C ALA H 73 30.01 -18.44 -32.76
N PHE H 74 28.78 -18.02 -32.49
CA PHE H 74 28.26 -18.10 -31.17
C PHE H 74 28.02 -19.53 -30.74
N ALA H 75 27.95 -20.45 -31.69
CA ALA H 75 27.75 -21.85 -31.33
C ALA H 75 29.06 -22.47 -30.85
N LYS H 76 30.13 -22.27 -31.63
CA LYS H 76 31.47 -22.77 -31.31
C LYS H 76 32.01 -22.19 -30.00
N GLN H 77 31.75 -20.89 -29.76
CA GLN H 77 32.19 -20.23 -28.54
C GLN H 77 31.35 -20.65 -27.31
N GLU H 78 30.10 -20.21 -27.22
CA GLU H 78 29.26 -20.51 -26.05
C GLU H 78 29.17 -22.02 -25.72
N PHE H 79 29.29 -22.88 -26.74
CA PHE H 79 29.07 -24.34 -26.60
C PHE H 79 30.22 -25.27 -26.95
N GLY H 80 31.20 -24.78 -27.70
CA GLY H 80 32.32 -25.63 -28.08
C GLY H 80 32.18 -26.30 -29.43
N HIS H 81 31.24 -27.24 -29.54
CA HIS H 81 31.05 -28.07 -30.75
C HIS H 81 29.56 -28.31 -31.12
N VAL H 82 29.31 -28.65 -32.39
CA VAL H 82 27.97 -28.85 -32.93
C VAL H 82 27.77 -30.24 -33.51
N HIS H 83 26.72 -30.93 -33.06
CA HIS H 83 26.51 -32.32 -33.43
C HIS H 83 25.21 -32.59 -34.21
N GLY H 84 24.31 -31.62 -34.21
CA GLY H 84 22.99 -31.78 -34.79
C GLY H 84 22.42 -30.50 -35.35
N LEU H 85 21.61 -30.65 -36.40
CA LEU H 85 20.90 -29.51 -36.98
C LEU H 85 19.48 -29.93 -37.33
N VAL H 86 18.50 -29.17 -36.85
CA VAL H 86 17.13 -29.38 -37.25
C VAL H 86 16.53 -28.12 -37.84
N ASN H 87 16.23 -28.24 -39.13
CA ASN H 87 15.73 -27.15 -39.96
C ASN H 87 14.21 -27.12 -39.92
N CYS H 88 13.63 -26.26 -39.07
CA CYS H 88 12.19 -26.03 -38.97
C CYS H 88 11.65 -24.63 -39.34
N ALA H 89 12.52 -23.71 -39.73
CA ALA H 89 12.11 -22.42 -40.26
C ALA H 89 11.48 -22.60 -41.65
N GLY H 90 10.17 -22.37 -41.75
CA GLY H 90 9.50 -22.38 -43.05
C GLY H 90 8.23 -21.58 -43.06
N THR H 91 7.61 -21.40 -44.22
CA THR H 91 6.31 -20.70 -44.28
C THR H 91 5.46 -21.47 -45.24
N ALA H 92 4.16 -21.48 -44.97
CA ALA H 92 3.20 -22.20 -45.78
C ALA H 92 2.11 -21.27 -46.33
N PRO H 93 2.45 -20.28 -47.08
CA PRO H 93 1.43 -19.40 -47.62
C PRO H 93 0.62 -20.08 -48.69
N GLY H 94 -0.61 -19.63 -48.90
CA GLY H 94 -1.45 -20.16 -49.93
C GLY H 94 -1.75 -19.06 -50.89
N GLU H 95 -1.51 -19.31 -52.17
CA GLU H 95 -1.84 -18.40 -53.26
C GLU H 95 -2.05 -19.20 -54.55
N LYS H 96 -3.01 -18.85 -55.37
CA LYS H 96 -3.21 -19.50 -56.63
C LYS H 96 -2.28 -18.94 -57.66
N ILE H 97 -1.86 -19.76 -58.60
CA ILE H 97 -1.11 -19.33 -59.79
C ILE H 97 -1.82 -18.20 -60.54
N LEU H 98 -3.15 -18.26 -60.60
CA LEU H 98 -3.98 -17.18 -61.15
C LEU H 98 -5.07 -16.81 -60.17
N GLY H 99 -4.87 -15.71 -59.42
CA GLY H 99 -5.91 -15.15 -58.54
C GLY H 99 -6.85 -14.22 -59.32
N ARG H 100 -7.78 -13.59 -58.60
CA ARG H 100 -8.71 -12.65 -59.22
C ARG H 100 -8.03 -11.36 -59.63
N SER H 101 -7.07 -10.89 -58.85
CA SER H 101 -6.42 -9.64 -59.25
C SER H 101 -5.45 -9.89 -60.39
N GLY H 102 -4.96 -11.13 -60.45
CA GLY H 102 -4.13 -11.59 -61.53
C GLY H 102 -3.19 -12.70 -61.07
N PRO H 103 -2.06 -12.85 -61.78
CA PRO H 103 -1.06 -13.90 -61.55
C PRO H 103 -0.38 -13.79 -60.19
N HIS H 104 -0.17 -14.94 -59.54
CA HIS H 104 0.60 -15.09 -58.28
C HIS H 104 1.78 -14.13 -58.31
N ALA H 105 2.01 -13.38 -57.24
CA ALA H 105 3.11 -12.41 -57.22
C ALA H 105 4.45 -13.12 -57.26
N LEU H 106 5.38 -12.65 -58.07
CA LEU H 106 6.65 -13.33 -58.23
C LEU H 106 7.53 -13.19 -57.01
N ASP H 107 7.56 -12.01 -56.40
CA ASP H 107 8.35 -11.78 -55.17
C ASP H 107 7.89 -12.66 -54.00
N SER H 108 6.57 -12.84 -53.85
CA SER H 108 5.98 -13.78 -52.88
C SER H 108 6.54 -15.18 -53.00
N PHE H 109 6.29 -15.82 -54.16
CA PHE H 109 6.96 -17.06 -54.54
C PHE H 109 8.48 -17.05 -54.21
N ALA H 110 9.18 -15.99 -54.63
CA ALA H 110 10.62 -15.89 -54.36
C ALA H 110 10.94 -15.83 -52.85
N ARG H 111 10.02 -15.26 -52.06
CA ARG H 111 10.28 -15.17 -50.62
C ARG H 111 10.09 -16.54 -50.00
N THR H 112 9.10 -17.27 -50.44
CA THR H 112 8.82 -18.58 -49.90
C THR H 112 10.01 -19.49 -50.17
N VAL H 113 10.46 -19.50 -51.42
CA VAL H 113 11.67 -20.20 -51.81
C VAL H 113 12.86 -19.87 -50.87
N ALA H 114 13.04 -18.58 -50.54
CA ALA H 114 14.19 -18.15 -49.68
C ALA H 114 14.10 -18.69 -48.24
N VAL H 115 12.95 -18.61 -47.64
CA VAL H 115 12.79 -19.07 -46.28
C VAL H 115 12.96 -20.61 -46.27
N ASN H 116 12.09 -21.30 -47.03
CA ASN H 116 12.07 -22.75 -47.06
C ASN H 116 13.32 -23.46 -47.55
N LEU H 117 13.90 -22.96 -48.63
CA LEU H 117 14.97 -23.66 -49.34
C LEU H 117 16.36 -23.04 -49.28
N ILE H 118 16.48 -21.74 -49.58
CA ILE H 118 17.80 -21.12 -49.50
C ILE H 118 18.21 -21.10 -48.02
N GLY H 119 17.26 -20.78 -47.12
CA GLY H 119 17.52 -20.79 -45.68
C GLY H 119 18.01 -22.14 -45.17
N THR H 120 17.27 -23.20 -45.50
CA THR H 120 17.70 -24.56 -45.17
C THR H 120 19.07 -24.88 -45.72
N PHE H 121 19.35 -24.50 -46.96
CA PHE H 121 20.70 -24.78 -47.50
C PHE H 121 21.83 -23.98 -46.80
N ASN H 122 21.58 -22.72 -46.47
CA ASN H 122 22.52 -21.87 -45.74
C ASN H 122 22.93 -22.57 -44.43
N ILE H 124 22.50 -25.70 -43.55
CA ILE H 124 23.23 -26.90 -43.77
C ILE H 124 24.72 -26.72 -44.13
N ARG H 125 25.07 -25.83 -45.03
CA ARG H 125 26.46 -25.65 -45.36
C ARG H 125 27.35 -25.13 -44.22
N LEU H 126 26.88 -24.18 -43.46
CA LEU H 126 27.67 -23.70 -42.35
C LEU H 126 27.83 -24.65 -41.18
N ALA H 127 26.73 -25.22 -40.70
CA ALA H 127 26.70 -26.26 -39.68
C ALA H 127 27.55 -27.44 -40.08
N ALA H 128 27.51 -27.74 -41.38
CA ALA H 128 28.25 -28.84 -41.97
C ALA H 128 29.68 -28.70 -41.62
N GLU H 129 30.26 -27.59 -42.07
CA GLU H 129 31.69 -27.29 -41.89
C GLU H 129 32.11 -27.51 -40.44
N VAL H 130 31.25 -27.13 -39.50
CA VAL H 130 31.55 -27.31 -38.10
C VAL H 130 31.46 -28.79 -37.61
N SER H 132 31.86 -31.20 -39.23
CA SER H 132 32.98 -31.92 -39.87
C SER H 132 34.31 -31.86 -39.09
N GLN H 133 34.42 -30.92 -38.16
CA GLN H 133 35.65 -30.80 -37.36
C GLN H 133 35.59 -31.58 -36.02
N GLY H 134 34.39 -32.03 -35.61
CA GLY H 134 34.19 -32.82 -34.40
C GLY H 134 34.74 -34.25 -34.39
N GLU H 135 34.52 -34.96 -33.28
CA GLU H 135 34.96 -36.36 -33.12
C GLU H 135 33.89 -37.34 -33.51
N PRO H 136 34.22 -38.29 -34.40
CA PRO H 136 33.27 -39.35 -34.67
C PRO H 136 32.95 -40.09 -33.38
N ASP H 137 31.69 -40.51 -33.27
CA ASP H 137 31.22 -41.39 -32.21
C ASP H 137 31.59 -42.84 -32.60
N ALA H 138 31.14 -43.80 -31.80
CA ALA H 138 31.52 -45.21 -32.06
C ALA H 138 30.99 -45.68 -33.41
N ASP H 139 29.81 -45.20 -33.78
CA ASP H 139 29.28 -45.47 -35.12
C ASP H 139 29.96 -44.79 -36.31
N GLY H 140 30.83 -43.81 -36.04
CA GLY H 140 31.61 -43.14 -37.12
C GLY H 140 31.00 -41.81 -37.48
N GLU H 141 29.99 -41.43 -36.67
CA GLU H 141 29.16 -40.26 -36.92
C GLU H 141 29.60 -38.98 -36.19
N ARG H 142 29.49 -37.85 -36.88
CA ARG H 142 29.89 -36.54 -36.32
C ARG H 142 28.72 -35.61 -36.32
N GLY H 143 27.69 -35.97 -37.07
CA GLY H 143 26.60 -35.07 -37.32
C GLY H 143 25.34 -35.68 -37.83
N VAL H 144 24.24 -35.21 -37.31
CA VAL H 144 22.95 -35.52 -37.87
C VAL H 144 22.26 -34.21 -38.33
N ILE H 145 21.75 -34.23 -39.58
CA ILE H 145 20.90 -33.15 -40.14
C ILE H 145 19.50 -33.62 -40.60
N VAL H 146 18.49 -33.12 -39.88
CA VAL H 146 17.07 -33.29 -40.17
C VAL H 146 16.47 -32.00 -40.84
N ASN H 147 15.87 -32.13 -42.02
CA ASN H 147 15.15 -30.99 -42.61
C ASN H 147 13.65 -31.23 -42.62
N THR H 148 12.89 -30.16 -42.73
CA THR H 148 11.46 -30.28 -42.89
C THR H 148 11.03 -29.93 -44.30
N ALA H 149 10.41 -30.87 -44.97
CA ALA H 149 9.77 -30.68 -46.23
C ALA H 149 8.32 -30.65 -45.91
N SER H 150 7.52 -31.25 -46.75
CA SER H 150 6.11 -31.36 -46.56
C SER H 150 5.56 -32.37 -47.53
N ILE H 151 4.40 -32.92 -47.26
CA ILE H 151 3.74 -33.80 -48.17
C ILE H 151 3.27 -33.07 -49.41
N ALA H 152 3.17 -31.76 -49.33
CA ALA H 152 2.93 -30.93 -50.49
C ALA H 152 4.10 -31.02 -51.50
N ALA H 153 5.27 -31.47 -51.08
CA ALA H 153 6.32 -31.73 -52.08
C ALA H 153 5.93 -32.86 -53.09
N PHE H 154 4.91 -33.64 -52.78
CA PHE H 154 4.49 -34.78 -53.61
C PHE H 154 3.01 -34.77 -53.94
N ASP H 155 2.16 -34.12 -53.12
CA ASP H 155 0.73 -34.05 -53.35
C ASP H 155 0.24 -32.57 -53.31
N GLY H 156 1.02 -31.64 -53.88
CA GLY H 156 0.66 -30.21 -53.93
C GLY H 156 -0.81 -29.99 -54.29
N GLN H 157 -1.55 -29.29 -53.46
CA GLN H 157 -2.93 -29.02 -53.81
C GLN H 157 -3.02 -27.66 -54.52
N ILE H 158 -4.18 -27.39 -55.10
CA ILE H 158 -4.46 -26.07 -55.65
C ILE H 158 -4.17 -25.09 -54.54
N GLY H 159 -3.38 -24.06 -54.84
CA GLY H 159 -3.00 -23.08 -53.84
C GLY H 159 -1.54 -23.15 -53.40
N GLN H 160 -0.89 -24.29 -53.59
CA GLN H 160 0.36 -24.53 -52.87
C GLN H 160 1.62 -24.53 -53.73
N ALA H 161 1.62 -23.88 -54.88
CA ALA H 161 2.76 -24.04 -55.81
C ALA H 161 4.09 -23.56 -55.20
N ALA H 162 4.08 -22.46 -54.48
CA ALA H 162 5.26 -21.94 -53.82
C ALA H 162 5.76 -22.89 -52.72
N TYR H 163 4.82 -23.38 -51.93
CA TYR H 163 5.14 -24.27 -50.85
C TYR H 163 5.61 -25.61 -51.42
N ALA H 164 4.79 -26.25 -52.25
CA ALA H 164 5.21 -27.49 -52.93
C ALA H 164 6.58 -27.33 -53.56
N ALA H 165 6.79 -26.32 -54.39
CA ALA H 165 8.11 -26.15 -55.07
C ALA H 165 9.27 -26.00 -54.08
N SER H 166 9.07 -25.14 -53.07
CA SER H 166 10.02 -24.93 -51.95
C SER H 166 10.43 -26.24 -51.25
N LYS H 167 9.42 -26.91 -50.78
CA LYS H 167 9.61 -28.15 -50.05
C LYS H 167 10.08 -29.33 -50.92
N GLY H 168 9.85 -29.27 -52.25
CA GLY H 168 10.29 -30.32 -53.12
C GLY H 168 11.76 -30.10 -53.34
N GLY H 169 12.21 -28.85 -53.42
CA GLY H 169 13.65 -28.57 -53.37
C GLY H 169 14.33 -29.18 -52.14
N VAL H 170 13.76 -28.92 -50.95
CA VAL H 170 14.34 -29.48 -49.71
C VAL H 170 14.34 -31.05 -49.72
N ALA H 171 13.22 -31.66 -50.11
CA ALA H 171 13.17 -33.10 -50.35
C ALA H 171 14.32 -33.48 -51.30
N ALA H 172 14.41 -32.89 -52.48
CA ALA H 172 15.39 -33.31 -53.48
C ALA H 172 16.84 -33.18 -53.00
N LEU H 173 17.08 -32.16 -52.19
CA LEU H 173 18.43 -31.88 -51.65
C LEU H 173 18.98 -33.01 -50.77
N THR H 174 18.07 -33.75 -50.13
CA THR H 174 18.44 -34.67 -49.08
C THR H 174 19.52 -35.67 -49.48
N LEU H 175 19.33 -36.33 -50.61
CA LEU H 175 20.22 -37.39 -50.99
C LEU H 175 21.60 -36.93 -51.49
N PRO H 176 21.67 -35.87 -52.32
CA PRO H 176 23.05 -35.41 -52.64
C PRO H 176 23.78 -34.80 -51.42
N ALA H 177 23.06 -34.19 -50.48
CA ALA H 177 23.68 -33.79 -49.22
C ALA H 177 24.19 -35.01 -48.42
N ALA H 178 23.35 -36.03 -48.27
CA ALA H 178 23.77 -37.27 -47.58
C ALA H 178 24.91 -37.99 -48.29
N ARG H 179 24.81 -38.08 -49.61
CA ARG H 179 25.88 -38.72 -50.35
C ARG H 179 27.23 -38.05 -50.15
N GLU H 180 27.25 -36.71 -50.14
CA GLU H 180 28.49 -35.96 -49.99
C GLU H 180 28.97 -35.96 -48.53
N LEU H 181 28.10 -35.57 -47.64
CA LEU H 181 28.50 -35.41 -46.26
C LEU H 181 28.78 -36.73 -45.51
N ALA H 182 28.54 -37.88 -46.14
CA ALA H 182 28.89 -39.21 -45.57
C ALA H 182 30.37 -39.34 -45.37
N ARG H 183 31.17 -38.72 -46.24
CA ARG H 183 32.64 -38.63 -46.09
C ARG H 183 33.09 -38.29 -44.66
N PHE H 184 32.24 -37.52 -43.95
CA PHE H 184 32.58 -36.92 -42.70
C PHE H 184 31.66 -37.44 -41.60
N GLY H 185 30.95 -38.54 -41.86
CA GLY H 185 30.03 -39.10 -40.89
C GLY H 185 28.80 -38.26 -40.59
N ILE H 186 28.36 -37.44 -41.55
CA ILE H 186 27.21 -36.55 -41.28
C ILE H 186 26.00 -37.05 -42.06
N ARG H 187 24.93 -37.34 -41.32
CA ARG H 187 23.72 -37.91 -41.88
C ARG H 187 22.77 -36.77 -42.23
N VAL H 188 21.95 -36.98 -43.25
CA VAL H 188 20.97 -35.99 -43.65
C VAL H 188 19.69 -36.73 -43.93
N VAL H 189 18.68 -36.45 -43.11
CA VAL H 189 17.36 -36.99 -43.30
C VAL H 189 16.31 -35.86 -43.37
N THR H 190 15.26 -36.06 -44.18
CA THR H 190 14.17 -35.11 -44.27
C THR H 190 12.86 -35.74 -43.86
N ILE H 191 12.03 -35.00 -43.15
CA ILE H 191 10.68 -35.47 -42.85
C ILE H 191 9.71 -34.66 -43.68
N ALA H 192 8.66 -35.28 -44.19
CA ALA H 192 7.61 -34.57 -44.90
C ALA H 192 6.34 -34.58 -44.05
N PRO H 193 6.13 -33.56 -43.24
CA PRO H 193 4.93 -33.69 -42.46
C PRO H 193 3.65 -33.48 -43.27
N GLY H 194 2.57 -34.10 -42.80
CA GLY H 194 1.24 -33.83 -43.31
C GLY H 194 0.72 -32.65 -42.48
N ILE H 195 -0.51 -32.78 -41.95
CA ILE H 195 -1.12 -31.70 -41.20
C ILE H 195 -0.90 -31.70 -39.69
N PHE H 196 -0.18 -30.68 -39.23
CA PHE H 196 0.08 -30.46 -37.83
C PHE H 196 -0.65 -29.25 -37.22
N ASP H 197 -0.97 -29.34 -35.94
CA ASP H 197 -1.53 -28.27 -35.16
C ASP H 197 -0.45 -27.28 -34.84
N THR H 198 -0.10 -26.48 -35.82
CA THR H 198 0.93 -25.46 -35.72
C THR H 198 0.59 -24.18 -36.48
N PRO H 199 1.28 -23.11 -36.14
CA PRO H 199 1.07 -21.81 -36.77
C PRO H 199 0.89 -21.93 -38.25
N ALA H 214 -9.83 -34.26 -40.06
CA ALA H 214 -10.97 -35.19 -40.22
C ALA H 214 -10.88 -35.88 -41.55
N SER H 215 -9.92 -35.39 -42.32
CA SER H 215 -9.61 -35.97 -43.63
C SER H 215 -8.47 -37.00 -43.57
N VAL H 216 -7.67 -37.00 -42.51
CA VAL H 216 -6.54 -37.92 -42.41
C VAL H 216 -7.11 -39.30 -42.13
N PRO H 217 -6.73 -40.32 -42.91
CA PRO H 217 -7.34 -41.63 -42.67
C PRO H 217 -7.20 -42.08 -41.24
N PHE H 218 -5.99 -42.02 -40.67
CA PHE H 218 -5.80 -42.36 -39.26
C PHE H 218 -4.43 -41.94 -38.71
N PRO H 219 -4.44 -41.24 -37.57
CA PRO H 219 -5.60 -40.89 -36.72
C PRO H 219 -6.30 -39.66 -37.30
N PRO H 220 -7.65 -39.62 -37.27
CA PRO H 220 -8.34 -38.61 -38.07
C PRO H 220 -8.35 -37.26 -37.37
N ARG H 221 -7.16 -36.70 -37.16
CA ARG H 221 -6.92 -35.47 -36.38
C ARG H 221 -5.56 -34.89 -36.81
N LEU H 222 -5.32 -33.61 -36.51
CA LEU H 222 -4.03 -32.97 -36.74
C LEU H 222 -2.96 -33.59 -35.87
N GLY H 223 -1.76 -33.70 -36.42
CA GLY H 223 -0.64 -34.25 -35.73
C GLY H 223 -0.12 -33.21 -34.77
N ARG H 224 0.34 -33.69 -33.61
CA ARG H 224 0.90 -32.84 -32.57
C ARG H 224 2.39 -32.63 -32.86
N ALA H 225 2.85 -31.40 -32.64
CA ALA H 225 4.24 -31.06 -32.82
C ALA H 225 5.17 -32.09 -32.14
N GLU H 226 4.66 -32.68 -31.06
CA GLU H 226 5.33 -33.72 -30.22
C GLU H 226 5.67 -34.99 -31.06
N GLU H 227 4.69 -35.44 -31.83
CA GLU H 227 4.87 -36.63 -32.66
C GLU H 227 5.96 -36.33 -33.70
N TYR H 228 5.97 -35.08 -34.20
CA TYR H 228 7.06 -34.68 -35.07
C TYR H 228 8.40 -34.79 -34.37
N ALA H 229 8.47 -34.25 -33.16
CA ALA H 229 9.69 -34.30 -32.39
C ALA H 229 10.10 -35.76 -32.07
N ALA H 230 9.14 -36.62 -31.74
CA ALA H 230 9.52 -38.00 -31.50
C ALA H 230 10.25 -38.57 -32.76
N LEU H 231 9.79 -38.22 -33.97
CA LEU H 231 10.44 -38.75 -35.17
C LEU H 231 11.84 -38.19 -35.31
N VAL H 232 12.01 -36.90 -35.06
CA VAL H 232 13.34 -36.32 -35.10
C VAL H 232 14.33 -37.10 -34.21
N LYS H 233 13.88 -37.47 -33.03
CA LYS H 233 14.74 -38.13 -32.08
C LYS H 233 15.10 -39.52 -32.64
N HIS H 234 14.09 -40.22 -33.10
CA HIS H 234 14.36 -41.50 -33.73
C HIS H 234 15.42 -41.44 -34.84
N ILE H 235 15.34 -40.42 -35.70
CA ILE H 235 16.35 -40.22 -36.72
C ILE H 235 17.73 -40.04 -36.10
N CYS H 236 17.79 -39.30 -34.99
CA CYS H 236 19.09 -39.06 -34.30
C CYS H 236 19.59 -40.36 -33.72
N GLU H 237 18.67 -41.20 -33.24
CA GLU H 237 19.09 -42.51 -32.66
C GLU H 237 19.48 -43.60 -33.66
N ASN H 238 18.86 -43.59 -34.86
CA ASN H 238 18.99 -44.69 -35.79
C ASN H 238 19.99 -44.38 -36.93
N THR H 239 21.21 -44.88 -36.77
CA THR H 239 22.32 -44.61 -37.67
C THR H 239 22.00 -44.99 -39.13
N LEU H 241 19.21 -44.64 -40.90
CA LEU H 241 18.32 -43.68 -41.57
C LEU H 241 19.19 -42.62 -42.14
N ASN H 242 19.06 -42.42 -43.46
CA ASN H 242 19.98 -41.52 -44.16
C ASN H 242 19.57 -41.35 -45.62
N GLY H 243 19.54 -40.11 -46.08
CA GLY H 243 19.31 -39.81 -47.48
C GLY H 243 17.90 -40.11 -47.90
N GLU H 244 17.01 -40.23 -46.90
CA GLU H 244 15.63 -40.64 -47.14
C GLU H 244 14.72 -39.50 -46.77
N VAL H 245 13.57 -39.43 -47.45
CA VAL H 245 12.47 -38.49 -47.08
C VAL H 245 11.37 -39.32 -46.46
N ILE H 246 10.97 -39.01 -45.21
CA ILE H 246 9.95 -39.79 -44.52
C ILE H 246 8.65 -39.01 -44.36
N ARG H 247 7.55 -39.60 -44.83
CA ARG H 247 6.26 -38.99 -44.64
C ARG H 247 5.68 -39.33 -43.25
N LEU H 248 5.23 -38.30 -42.55
CA LEU H 248 4.61 -38.45 -41.25
C LEU H 248 3.25 -37.80 -41.35
N ASP H 249 2.26 -38.52 -41.89
CA ASP H 249 1.03 -37.84 -42.37
C ASP H 249 -0.27 -38.55 -42.08
N GLY H 250 -0.23 -39.59 -41.28
CA GLY H 250 -1.45 -40.36 -41.02
C GLY H 250 -2.07 -40.92 -42.25
N ALA H 251 -1.25 -41.24 -43.26
CA ALA H 251 -1.77 -41.76 -44.54
C ALA H 251 -2.56 -40.77 -45.38
N LEU H 252 -2.47 -39.49 -45.04
CA LEU H 252 -3.11 -38.43 -45.84
C LEU H 252 -2.57 -38.36 -47.30
N ARG H 253 -3.48 -38.23 -48.25
CA ARG H 253 -3.09 -37.75 -49.60
C ARG H 253 -4.05 -36.63 -49.99
#